data_8YEI
#
_entry.id   8YEI
#
_cell.length_a   1.00
_cell.length_b   1.00
_cell.length_c   1.00
_cell.angle_alpha   90.00
_cell.angle_beta   90.00
_cell.angle_gamma   90.00
#
_symmetry.space_group_name_H-M   'P 1'
#
loop_
_entity.id
_entity.type
_entity.pdbx_description
1 polymer 'heavy chain of antibody F5-203'
2 polymer 'light chain of antibody F5-203'
3 polymer 'Major capsid protein L1'
#
loop_
_entity_poly.entity_id
_entity_poly.type
_entity_poly.pdbx_seq_one_letter_code
_entity_poly.pdbx_strand_id
1 'polypeptide(L)'
;QVQLQESGPGLVKPSETLSLTCTVSGGSITRYHWSWIRQPPGKGLEWIGNIYNRGSTKYNPSLKSRVTISIDISNNQFSL
RLSSVTAADTAVYHCARWDNGHSYAIGGFDYWGQGILVTVSS
;
H
2 'polypeptide(L)'
;QSVLTQPPSASGTPGQRVTISCSGSSFNIESNYVYWYQHLPGTAPKLLIYRNNQRPSGVPDRFSGTKSGTSASLAISGLR
SEDETDYFCATWDDSLSVWVFGGGTKLTVL
;
L
3 'polypeptide(L)'
;AVVNTDDYVTRTSIFYHAGSSRLLTVGNPYFRVPAGGGNKQDIPKVSAYQYRVFRVQLPDPNKFGLPDTSIYNPETQRLV
WACAGVEIGRGQPLGVGLSGHPFYNKLDDTESSHAATSNVSEDVRDNVSVDYKQTQLCILGCAPAIGEHWAKGTASKSRP
LSQGDCPPLELKNTVLEDGDMVDTGYGAMDFSTLQDTKCEVPLDICQSICKYPDYLQMSADPYGDSMFFCLRREQLFARH
FWNRAGTMGDTVPQSLYIKGTGMRASPGSCVYSPSPSGSIVTSDSQLFNKPYWLHKAQGHNNGVCWHNQLFVTVVDTTRS
TNLTICASTQSPVPGQYDATKFKQYSRHVEEYDLQFIFQLCTITLTADVMSYIHSMNSSILEDWNFGVPPPPTTSLVDTY
RFVQSVAITCQKDAAPAENKDPYDKLKFWNVDLKEKFSLDLDQYPLGRKFLVQA
;
A,B,D,E,C
#
# COMPACT_ATOMS: atom_id res chain seq x y z
N GLN A 1 44.06 -1.09 14.14
CA GLN A 1 43.39 -0.81 15.41
C GLN A 1 42.97 0.66 15.47
N VAL A 2 41.79 0.91 16.04
CA VAL A 2 41.24 2.25 16.10
C VAL A 2 41.99 3.05 17.16
N GLN A 3 42.46 4.24 16.77
CA GLN A 3 43.20 5.12 17.67
C GLN A 3 42.53 6.49 17.68
N LEU A 4 42.49 7.11 18.85
CA LEU A 4 41.84 8.40 19.04
C LEU A 4 42.86 9.40 19.55
N GLN A 5 42.87 10.60 18.96
CA GLN A 5 43.81 11.64 19.35
C GLN A 5 43.06 12.94 19.61
N GLU A 6 43.41 13.61 20.70
CA GLU A 6 42.78 14.87 21.08
C GLU A 6 43.72 16.04 20.79
N SER A 7 43.16 17.10 20.19
CA SER A 7 43.91 18.31 19.87
C SER A 7 43.11 19.53 20.31
N GLY A 8 43.81 20.49 20.93
CA GLY A 8 43.19 21.71 21.36
C GLY A 8 44.10 22.55 22.23
N PRO A 9 43.65 23.75 22.59
CA PRO A 9 44.46 24.61 23.48
C PRO A 9 44.53 24.03 24.89
N GLY A 10 45.75 23.89 25.39
CA GLY A 10 45.94 23.38 26.74
C GLY A 10 45.46 24.34 27.80
N LEU A 11 45.66 25.64 27.59
CA LEU A 11 45.28 26.67 28.55
C LEU A 11 44.11 27.45 27.99
N VAL A 12 43.02 27.51 28.74
CA VAL A 12 41.83 28.26 28.38
C VAL A 12 41.52 29.22 29.52
N LYS A 13 41.44 30.51 29.20
CA LYS A 13 41.10 31.51 30.21
C LYS A 13 39.62 31.36 30.60
N PRO A 14 39.28 31.70 31.85
CA PRO A 14 37.88 31.54 32.29
C PRO A 14 36.93 32.45 31.54
N SER A 15 35.69 31.96 31.39
CA SER A 15 34.55 32.56 30.69
C SER A 15 34.75 32.64 29.18
N GLU A 16 35.77 31.99 28.63
CA GLU A 16 35.88 31.79 27.19
C GLU A 16 35.32 30.42 26.82
N THR A 17 35.53 30.02 25.57
CA THR A 17 35.01 28.76 25.05
C THR A 17 36.13 27.73 24.97
N LEU A 18 35.87 26.55 25.54
CA LEU A 18 36.80 25.44 25.48
C LEU A 18 36.56 24.66 24.21
N SER A 19 37.55 24.63 23.32
CA SER A 19 37.43 23.95 22.04
C SER A 19 38.40 22.78 21.99
N LEU A 20 37.89 21.59 21.69
CA LEU A 20 38.72 20.41 21.52
C LEU A 20 38.22 19.64 20.30
N THR A 21 39.12 18.86 19.70
CA THR A 21 38.75 17.98 18.61
C THR A 21 39.38 16.62 18.82
N CYS A 22 38.71 15.59 18.31
CA CYS A 22 39.20 14.23 18.36
C CYS A 22 39.25 13.68 16.95
N THR A 23 40.42 13.16 16.57
CA THR A 23 40.68 12.56 15.27
C THR A 23 40.77 11.05 15.44
N VAL A 24 40.10 10.33 14.55
CA VAL A 24 40.05 8.87 14.56
C VAL A 24 40.94 8.36 13.44
N SER A 25 41.89 7.51 13.79
CA SER A 25 42.82 6.91 12.83
C SER A 25 42.67 5.39 12.87
N GLY A 26 42.57 4.79 11.69
CA GLY A 26 42.38 3.35 11.60
C GLY A 26 40.96 2.88 11.72
N GLY A 27 39.99 3.80 11.73
CA GLY A 27 38.59 3.43 11.83
C GLY A 27 37.71 4.46 11.15
N SER A 28 36.42 4.15 11.09
CA SER A 28 35.44 5.03 10.47
C SER A 28 34.57 5.67 11.56
N ILE A 29 34.06 6.86 11.26
CA ILE A 29 33.29 7.62 12.22
C ILE A 29 31.79 7.48 11.99
N THR A 30 31.36 7.02 10.82
CA THR A 30 29.94 6.93 10.48
C THR A 30 29.32 5.62 10.91
N ARG A 31 29.87 4.96 11.93
CA ARG A 31 29.36 3.66 12.37
C ARG A 31 28.84 3.67 13.80
N TYR A 32 29.61 4.20 14.74
CA TYR A 32 29.30 4.08 16.16
C TYR A 32 29.08 5.45 16.78
N HIS A 33 28.86 5.44 18.10
CA HIS A 33 28.68 6.67 18.86
C HIS A 33 30.03 7.16 19.35
N TRP A 34 30.16 8.47 19.53
CA TRP A 34 31.43 9.06 19.92
C TRP A 34 31.21 10.00 21.10
N SER A 35 31.80 9.67 22.24
CA SER A 35 31.55 10.37 23.49
C SER A 35 32.77 11.17 23.94
N TRP A 36 32.50 12.20 24.74
CA TRP A 36 33.52 12.99 25.40
C TRP A 36 33.37 12.79 26.90
N ILE A 37 34.49 12.47 27.57
CA ILE A 37 34.46 12.10 28.99
C ILE A 37 35.60 12.83 29.68
N ARG A 38 35.29 13.57 30.74
CA ARG A 38 36.29 14.39 31.42
C ARG A 38 36.56 13.86 32.81
N GLN A 39 37.82 13.99 33.24
CA GLN A 39 38.26 13.63 34.59
C GLN A 39 38.92 14.84 35.23
N PRO A 40 38.22 15.54 36.13
CA PRO A 40 38.89 16.55 36.94
C PRO A 40 39.87 15.90 37.89
N PRO A 41 40.96 16.59 38.25
CA PRO A 41 41.93 16.00 39.19
C PRO A 41 41.33 15.81 40.57
N GLY A 42 41.74 14.72 41.22
CA GLY A 42 41.26 14.40 42.55
C GLY A 42 39.93 13.68 42.61
N LYS A 43 39.29 13.44 41.47
CA LYS A 43 37.99 12.77 41.43
C LYS A 43 37.93 11.87 40.20
N GLY A 44 36.77 11.25 39.99
CA GLY A 44 36.58 10.29 38.94
C GLY A 44 36.13 10.92 37.63
N LEU A 45 35.79 10.05 36.68
CA LEU A 45 35.35 10.50 35.36
C LEU A 45 33.98 11.12 35.42
N GLU A 46 33.70 11.99 34.44
CA GLU A 46 32.39 12.61 34.29
C GLU A 46 32.02 12.63 32.82
N TRP A 47 30.86 12.07 32.51
CA TRP A 47 30.39 12.04 31.12
C TRP A 47 29.93 13.43 30.69
N ILE A 48 30.21 13.77 29.44
CA ILE A 48 29.80 15.05 28.85
C ILE A 48 28.67 14.84 27.84
N GLY A 49 28.90 14.02 26.84
CA GLY A 49 27.88 13.74 25.84
C GLY A 49 28.48 13.03 24.66
N ASN A 50 27.58 12.52 23.81
CA ASN A 50 27.99 11.77 22.64
C ASN A 50 27.28 12.25 21.38
N ILE A 51 27.93 12.01 20.25
CA ILE A 51 27.42 12.30 18.91
C ILE A 51 27.20 10.97 18.20
N TYR A 52 26.08 10.86 17.50
CA TYR A 52 25.75 9.63 16.80
C TYR A 52 26.50 9.57 15.47
N ASN A 53 26.22 8.52 14.69
CA ASN A 53 26.75 8.44 13.34
C ASN A 53 25.99 9.35 12.37
N ARG A 54 24.67 9.47 12.55
CA ARG A 54 23.87 10.33 11.70
C ARG A 54 24.01 11.81 12.02
N GLY A 55 24.47 12.15 13.22
CA GLY A 55 24.61 13.53 13.64
C GLY A 55 23.74 13.93 14.81
N SER A 56 22.93 13.04 15.37
CA SER A 56 22.14 13.36 16.55
C SER A 56 23.01 13.33 17.79
N THR A 57 22.64 14.16 18.76
CA THR A 57 23.45 14.37 19.96
C THR A 57 22.67 13.96 21.21
N LYS A 58 23.43 13.51 22.22
CA LYS A 58 22.91 13.39 23.57
C LYS A 58 23.93 14.01 24.52
N TYR A 59 23.45 14.62 25.60
CA TYR A 59 24.33 15.36 26.49
C TYR A 59 24.01 15.03 27.94
N ASN A 60 25.01 15.23 28.80
CA ASN A 60 24.77 15.26 30.23
C ASN A 60 23.89 16.46 30.55
N PRO A 61 22.76 16.27 31.24
CA PRO A 61 21.87 17.41 31.54
C PRO A 61 22.54 18.52 32.35
N SER A 62 23.40 18.17 33.30
CA SER A 62 24.07 19.18 34.13
C SER A 62 25.02 20.04 33.33
N LEU A 63 25.44 19.59 32.15
CA LEU A 63 26.24 20.38 31.23
C LEU A 63 25.50 20.69 29.95
N LYS A 64 24.19 20.38 29.87
CA LYS A 64 23.46 20.44 28.61
C LYS A 64 23.36 21.85 28.07
N SER A 65 23.36 22.85 28.93
CA SER A 65 23.31 24.24 28.49
C SER A 65 24.64 24.77 28.00
N ARG A 66 25.75 24.07 28.26
CA ARG A 66 27.07 24.59 27.96
C ARG A 66 27.88 23.76 26.98
N VAL A 67 27.32 22.67 26.43
CA VAL A 67 28.08 21.72 25.64
C VAL A 67 27.49 21.64 24.25
N THR A 68 28.33 21.81 23.23
CA THR A 68 27.97 21.60 21.84
C THR A 68 28.96 20.64 21.22
N ILE A 69 28.49 19.52 20.69
CA ILE A 69 29.33 18.51 20.08
C ILE A 69 29.00 18.44 18.60
N SER A 70 30.02 18.61 17.77
CA SER A 70 29.87 18.58 16.32
C SER A 70 30.66 17.41 15.75
N ILE A 71 30.31 17.02 14.52
CA ILE A 71 30.96 15.90 13.84
C ILE A 71 31.32 16.33 12.42
N ASP A 72 32.52 15.99 11.99
CA ASP A 72 33.01 16.26 10.64
C ASP A 72 33.34 14.94 9.98
N ILE A 73 32.48 14.52 9.05
CA ILE A 73 32.67 13.23 8.37
C ILE A 73 33.86 13.30 7.42
N SER A 74 34.00 14.40 6.67
CA SER A 74 35.10 14.52 5.72
C SER A 74 36.45 14.57 6.41
N ASN A 75 36.54 15.28 7.53
CA ASN A 75 37.78 15.35 8.28
C ASN A 75 37.98 14.15 9.21
N ASN A 76 36.97 13.28 9.33
CA ASN A 76 36.99 12.11 10.21
C ASN A 76 37.27 12.51 11.66
N GLN A 77 36.57 13.55 12.11
CA GLN A 77 36.82 14.11 13.43
C GLN A 77 35.51 14.45 14.11
N PHE A 78 35.58 14.69 15.42
CA PHE A 78 34.42 15.22 16.14
C PHE A 78 34.90 16.12 17.27
N SER A 79 34.21 17.25 17.42
CA SER A 79 34.68 18.36 18.23
C SER A 79 33.75 18.64 19.40
N LEU A 80 34.36 19.09 20.50
CA LEU A 80 33.68 19.48 21.73
C LEU A 80 33.85 20.98 21.94
N ARG A 81 32.75 21.66 22.26
CA ARG A 81 32.76 23.07 22.61
C ARG A 81 32.07 23.24 23.94
N LEU A 82 32.75 23.91 24.87
CA LEU A 82 32.28 24.06 26.26
C LEU A 82 32.36 25.54 26.61
N SER A 83 31.23 26.23 26.50
CA SER A 83 31.20 27.67 26.74
C SER A 83 31.11 27.98 28.23
N SER A 84 31.66 29.14 28.60
CA SER A 84 31.65 29.68 29.97
C SER A 84 32.29 28.71 30.97
N VAL A 85 33.57 28.43 30.74
CA VAL A 85 34.31 27.53 31.60
C VAL A 85 34.64 28.21 32.92
N THR A 86 34.68 27.42 33.98
CA THR A 86 35.06 27.88 35.32
C THR A 86 36.30 27.11 35.77
N ALA A 87 36.68 27.31 37.03
CA ALA A 87 37.84 26.62 37.58
C ALA A 87 37.61 25.13 37.75
N ALA A 88 36.35 24.70 37.85
CA ALA A 88 36.04 23.28 38.00
C ALA A 88 36.10 22.51 36.68
N ASP A 89 36.26 23.21 35.55
CA ASP A 89 36.33 22.56 34.24
C ASP A 89 37.76 22.17 33.86
N THR A 90 38.73 22.41 34.72
CA THR A 90 40.08 21.91 34.51
C THR A 90 40.06 20.39 34.62
N ALA A 91 40.38 19.69 33.53
CA ALA A 91 40.20 18.24 33.52
C ALA A 91 41.02 17.63 32.40
N VAL A 92 41.23 16.32 32.50
CA VAL A 92 41.78 15.54 31.40
C VAL A 92 40.61 15.01 30.58
N TYR A 93 40.57 15.37 29.30
CA TYR A 93 39.46 15.05 28.43
C TYR A 93 39.84 13.90 27.52
N HIS A 94 39.00 12.85 27.50
CA HIS A 94 39.19 11.69 26.65
C HIS A 94 38.02 11.60 25.69
N CYS A 95 38.32 11.43 24.41
CA CYS A 95 37.30 11.04 23.44
C CYS A 95 37.27 9.53 23.33
N ALA A 96 36.07 8.97 23.24
CA ALA A 96 35.91 7.52 23.30
C ALA A 96 34.89 7.08 22.27
N ARG A 97 35.02 5.81 21.85
CA ARG A 97 34.12 5.22 20.86
C ARG A 97 33.08 4.37 21.57
N TRP A 98 31.92 4.98 21.86
CA TRP A 98 30.80 4.25 22.43
C TRP A 98 30.22 3.35 21.35
N ASP A 99 30.45 2.04 21.47
CA ASP A 99 29.93 1.05 20.54
C ASP A 99 28.44 0.88 20.83
N ASN A 100 27.60 1.54 20.04
CA ASN A 100 26.17 1.50 20.27
C ASN A 100 25.43 1.68 18.95
N GLY A 101 24.17 1.25 18.94
CA GLY A 101 23.28 1.51 17.83
C GLY A 101 23.06 0.36 16.88
N HIS A 102 23.68 -0.80 17.10
CA HIS A 102 23.46 -1.96 16.24
C HIS A 102 23.31 -3.20 17.10
N SER A 103 23.10 -4.34 16.43
CA SER A 103 22.77 -5.57 17.14
C SER A 103 23.95 -6.11 17.95
N TYR A 104 25.15 -6.07 17.38
CA TYR A 104 26.35 -6.61 18.02
C TYR A 104 27.20 -5.52 18.65
N ALA A 105 26.59 -4.42 19.04
CA ALA A 105 27.29 -3.41 19.81
C ALA A 105 27.55 -3.93 21.22
N ILE A 106 28.79 -3.80 21.68
CA ILE A 106 29.12 -4.27 23.01
C ILE A 106 28.52 -3.37 24.08
N GLY A 107 28.20 -2.12 23.76
CA GLY A 107 27.88 -1.14 24.76
C GLY A 107 29.13 -0.60 25.42
N GLY A 108 29.14 0.67 25.77
CA GLY A 108 30.33 1.22 26.37
C GLY A 108 31.40 1.55 25.34
N PHE A 109 32.54 1.96 25.86
CA PHE A 109 33.59 2.59 25.06
C PHE A 109 34.73 1.59 24.85
N ASP A 110 34.71 0.90 23.71
CA ASP A 110 35.74 -0.10 23.44
C ASP A 110 37.11 0.52 23.21
N TYR A 111 37.16 1.70 22.60
CA TYR A 111 38.40 2.41 22.38
C TYR A 111 38.35 3.79 23.03
N TRP A 112 39.46 4.18 23.65
CA TRP A 112 39.56 5.42 24.40
C TRP A 112 40.70 6.26 23.85
N GLY A 113 40.52 7.58 23.90
CA GLY A 113 41.62 8.47 23.62
C GLY A 113 42.56 8.61 24.81
N GLN A 114 43.76 9.10 24.54
CA GLN A 114 44.72 9.33 25.61
C GLN A 114 44.28 10.46 26.52
N GLY A 115 43.61 11.46 25.98
CA GLY A 115 43.14 12.58 26.78
C GLY A 115 44.14 13.71 26.81
N ILE A 116 43.61 14.93 26.88
CA ILE A 116 44.41 16.14 26.96
C ILE A 116 44.02 16.90 28.22
N LEU A 117 45.02 17.38 28.96
CA LEU A 117 44.78 18.11 30.20
C LEU A 117 44.54 19.58 29.86
N VAL A 118 43.33 20.05 30.12
CA VAL A 118 42.96 21.45 29.91
C VAL A 118 42.85 22.10 31.28
N THR A 119 43.66 23.13 31.51
CA THR A 119 43.67 23.86 32.77
C THR A 119 43.05 25.23 32.55
N VAL A 120 42.09 25.58 33.40
CA VAL A 120 41.41 26.87 33.33
C VAL A 120 42.02 27.77 34.38
N SER A 121 42.67 28.84 33.94
CA SER A 121 43.33 29.78 34.83
C SER A 121 43.49 31.12 34.13
N SER A 122 43.73 32.15 34.92
CA SER A 122 43.91 33.49 34.40
C SER A 122 45.38 33.82 34.18
N GLN B 1 22.76 7.36 42.03
CA GLN B 1 24.16 7.22 42.41
C GLN B 1 25.07 7.72 41.28
N SER B 2 25.46 8.99 41.37
CA SER B 2 26.27 9.59 40.31
C SER B 2 27.67 8.99 40.27
N VAL B 3 28.29 8.79 41.43
CA VAL B 3 29.62 8.20 41.54
C VAL B 3 29.46 6.79 42.09
N LEU B 4 29.85 5.80 41.30
CA LEU B 4 29.78 4.42 41.74
C LEU B 4 30.77 4.18 42.88
N THR B 5 30.32 3.47 43.90
CA THR B 5 31.10 3.29 45.12
C THR B 5 32.19 2.24 44.86
N GLN B 6 33.43 2.69 44.81
CA GLN B 6 34.61 1.84 44.67
C GLN B 6 35.58 2.11 45.80
N PRO B 7 36.37 1.12 46.20
CA PRO B 7 37.45 1.36 47.16
C PRO B 7 38.48 2.32 46.59
N PRO B 8 39.06 3.19 47.42
CA PRO B 8 40.11 4.09 46.93
C PRO B 8 41.34 3.37 46.40
N SER B 9 41.70 2.25 47.00
CA SER B 9 42.85 1.48 46.56
C SER B 9 42.67 0.01 46.95
N ALA B 10 43.41 -0.85 46.27
CA ALA B 10 43.40 -2.27 46.56
C ALA B 10 44.82 -2.81 46.49
N SER B 11 45.07 -3.88 47.25
CA SER B 11 46.39 -4.49 47.29
C SER B 11 46.24 -6.00 47.34
N GLY B 12 47.28 -6.69 46.90
CA GLY B 12 47.26 -8.15 46.91
C GLY B 12 48.64 -8.73 46.66
N THR B 13 48.82 -9.95 47.13
CA THR B 13 50.05 -10.69 46.86
C THR B 13 50.12 -11.04 45.37
N PRO B 14 51.30 -10.95 44.75
CA PRO B 14 51.44 -11.44 43.37
C PRO B 14 51.14 -12.93 43.28
N GLY B 15 50.43 -13.30 42.21
CA GLY B 15 49.98 -14.67 42.03
C GLY B 15 48.66 -15.00 42.71
N GLN B 16 48.11 -14.08 43.50
CA GLN B 16 46.86 -14.29 44.21
C GLN B 16 45.70 -13.68 43.42
N ARG B 17 44.54 -13.64 44.04
CA ARG B 17 43.34 -13.09 43.43
C ARG B 17 42.96 -11.78 44.12
N VAL B 18 42.78 -10.72 43.34
CA VAL B 18 42.41 -9.41 43.84
C VAL B 18 41.04 -9.06 43.30
N THR B 19 40.11 -8.72 44.19
CA THR B 19 38.74 -8.40 43.82
C THR B 19 38.49 -6.91 44.05
N ILE B 20 38.01 -6.23 43.01
CA ILE B 20 37.65 -4.82 43.07
C ILE B 20 36.13 -4.72 42.94
N SER B 21 35.50 -4.11 43.93
CA SER B 21 34.05 -4.02 44.00
C SER B 21 33.56 -2.68 43.47
N CYS B 22 32.31 -2.66 43.01
CA CYS B 22 31.70 -1.47 42.43
C CYS B 22 30.22 -1.49 42.78
N SER B 23 29.80 -0.60 43.66
CA SER B 23 28.43 -0.58 44.15
C SER B 23 27.66 0.58 43.52
N GLY B 24 26.49 0.28 42.98
CA GLY B 24 25.65 1.29 42.38
C GLY B 24 24.24 1.29 42.92
N SER B 25 23.25 1.25 42.02
CA SER B 25 21.85 1.24 42.43
C SER B 25 21.07 0.37 41.44
N SER B 26 19.75 0.35 41.60
CA SER B 26 18.89 -0.42 40.72
C SER B 26 18.68 0.23 39.35
N PHE B 27 19.10 1.49 39.19
CA PHE B 27 18.92 2.21 37.93
C PHE B 27 20.15 2.19 37.04
N ASN B 28 21.34 1.92 37.60
CA ASN B 28 22.58 2.02 36.86
C ASN B 28 23.30 0.68 36.70
N ILE B 29 23.55 -0.05 37.79
CA ILE B 29 24.27 -1.31 37.69
C ILE B 29 23.33 -2.49 37.52
N GLU B 30 22.23 -2.52 38.27
CA GLU B 30 21.35 -3.69 38.24
C GLU B 30 20.57 -3.78 36.94
N SER B 31 20.25 -2.64 36.31
CA SER B 31 19.42 -2.65 35.11
C SER B 31 20.21 -2.49 33.81
N ASN B 32 21.52 -2.20 33.89
CA ASN B 32 22.33 -1.99 32.70
C ASN B 32 23.63 -2.77 32.82
N TYR B 33 24.28 -2.96 31.68
CA TYR B 33 25.57 -3.64 31.66
C TYR B 33 26.64 -2.77 32.29
N VAL B 34 27.56 -3.40 33.03
CA VAL B 34 28.69 -2.70 33.63
C VAL B 34 29.96 -3.12 32.88
N TYR B 35 30.83 -2.14 32.63
CA TYR B 35 32.03 -2.33 31.83
C TYR B 35 33.24 -1.94 32.67
N TRP B 36 34.20 -2.85 32.77
CA TRP B 36 35.38 -2.65 33.59
C TRP B 36 36.57 -2.26 32.71
N TYR B 37 37.18 -1.13 33.05
CA TYR B 37 38.22 -0.50 32.26
C TYR B 37 39.51 -0.42 33.07
N GLN B 38 40.64 -0.59 32.37
CA GLN B 38 41.97 -0.45 32.94
C GLN B 38 42.57 0.87 32.45
N HIS B 39 43.02 1.70 33.39
CA HIS B 39 43.56 3.01 33.05
C HIS B 39 44.81 3.27 33.88
N LEU B 40 45.88 3.68 33.19
CA LEU B 40 47.14 4.14 33.74
C LEU B 40 47.30 5.63 33.46
N PRO B 41 47.88 6.39 34.38
CA PRO B 41 48.12 7.82 34.11
C PRO B 41 49.08 8.03 32.96
N GLY B 42 48.68 8.91 32.03
CA GLY B 42 49.45 9.20 30.85
C GLY B 42 49.12 8.34 29.64
N THR B 43 48.33 7.29 29.80
CA THR B 43 47.93 6.43 28.69
C THR B 43 46.41 6.38 28.59
N ALA B 44 45.94 5.92 27.43
CA ALA B 44 44.51 5.79 27.20
C ALA B 44 43.95 4.63 28.02
N PRO B 45 42.73 4.75 28.53
CA PRO B 45 42.10 3.61 29.21
C PRO B 45 41.85 2.46 28.26
N LYS B 46 41.99 1.24 28.79
CA LYS B 46 41.82 0.01 28.02
C LYS B 46 40.67 -0.79 28.59
N LEU B 47 39.75 -1.22 27.72
CA LEU B 47 38.60 -2.00 28.14
C LEU B 47 39.02 -3.42 28.49
N LEU B 48 38.60 -3.90 29.66
CA LEU B 48 38.87 -5.26 30.09
C LEU B 48 37.64 -6.15 30.07
N ILE B 49 36.53 -5.71 30.67
CA ILE B 49 35.33 -6.52 30.78
C ILE B 49 34.17 -5.75 30.16
N TYR B 50 33.43 -6.39 29.26
CA TYR B 50 32.21 -5.82 28.73
C TYR B 50 31.07 -6.80 28.89
N ARG B 51 29.86 -6.24 29.04
CA ARG B 51 28.62 -7.00 29.29
C ARG B 51 28.74 -7.87 30.54
N ASN B 52 29.41 -7.32 31.56
CA ASN B 52 29.57 -7.78 32.94
C ASN B 52 30.44 -9.02 33.10
N ASN B 53 30.71 -9.76 32.03
CA ASN B 53 31.67 -10.86 32.13
C ASN B 53 32.54 -11.08 30.90
N GLN B 54 32.14 -10.64 29.71
CA GLN B 54 32.85 -11.01 28.49
C GLN B 54 34.10 -10.16 28.30
N ARG B 55 35.10 -10.74 27.63
CA ARG B 55 36.39 -10.12 27.40
C ARG B 55 36.63 -9.91 25.92
N PRO B 56 37.21 -8.78 25.52
CA PRO B 56 37.57 -8.59 24.11
C PRO B 56 38.83 -9.37 23.74
N SER B 57 39.15 -9.34 22.45
CA SER B 57 40.35 -9.99 21.95
C SER B 57 41.58 -9.22 22.41
N GLY B 58 42.57 -9.95 22.92
CA GLY B 58 43.79 -9.37 23.44
C GLY B 58 43.81 -9.19 24.94
N VAL B 59 42.65 -9.17 25.58
CA VAL B 59 42.58 -9.11 27.04
C VAL B 59 42.86 -10.50 27.61
N PRO B 60 43.78 -10.63 28.57
CA PRO B 60 44.09 -11.95 29.13
C PRO B 60 42.88 -12.54 29.86
N ASP B 61 42.80 -13.87 29.84
CA ASP B 61 41.67 -14.58 30.42
C ASP B 61 41.69 -14.60 31.93
N ARG B 62 42.77 -14.13 32.57
CA ARG B 62 42.83 -14.11 34.02
C ARG B 62 41.86 -13.08 34.61
N PHE B 63 41.51 -12.05 33.86
CA PHE B 63 40.51 -11.08 34.31
C PHE B 63 39.12 -11.68 34.19
N SER B 64 38.33 -11.52 35.25
CA SER B 64 36.96 -12.02 35.27
C SER B 64 36.04 -10.96 35.83
N GLY B 65 34.77 -11.02 35.44
CA GLY B 65 33.79 -10.07 35.92
C GLY B 65 32.52 -10.77 36.36
N THR B 66 31.98 -10.33 37.49
CA THR B 66 30.72 -10.84 38.01
C THR B 66 29.83 -9.67 38.41
N LYS B 67 28.52 -9.91 38.44
CA LYS B 67 27.57 -8.90 38.87
C LYS B 67 26.48 -9.57 39.69
N SER B 68 26.37 -9.18 40.95
CA SER B 68 25.34 -9.70 41.85
C SER B 68 24.54 -8.53 42.39
N GLY B 69 23.24 -8.54 42.11
CA GLY B 69 22.36 -7.48 42.58
C GLY B 69 22.74 -6.13 41.98
N THR B 70 22.92 -5.15 42.86
CA THR B 70 23.36 -3.82 42.47
C THR B 70 24.87 -3.66 42.56
N SER B 71 25.61 -4.75 42.77
CA SER B 71 27.06 -4.69 42.91
C SER B 71 27.73 -5.47 41.78
N ALA B 72 28.93 -5.04 41.41
CA ALA B 72 29.75 -5.71 40.42
C ALA B 72 31.14 -5.91 40.99
N SER B 73 31.85 -6.90 40.44
CA SER B 73 33.18 -7.23 40.92
C SER B 73 34.08 -7.62 39.75
N LEU B 74 35.30 -7.11 39.78
CA LEU B 74 36.34 -7.46 38.83
C LEU B 74 37.42 -8.24 39.57
N ALA B 75 37.69 -9.46 39.12
CA ALA B 75 38.62 -10.36 39.77
C ALA B 75 39.86 -10.54 38.89
N ILE B 76 41.03 -10.32 39.47
CA ILE B 76 42.30 -10.51 38.79
C ILE B 76 43.01 -11.69 39.46
N SER B 77 43.18 -12.77 38.71
CA SER B 77 43.85 -13.96 39.21
C SER B 77 45.28 -14.00 38.67
N GLY B 78 46.22 -14.34 39.54
CA GLY B 78 47.62 -14.31 39.15
C GLY B 78 48.12 -12.90 38.97
N LEU B 79 48.22 -12.16 40.07
CA LEU B 79 48.60 -10.75 40.01
C LEU B 79 50.04 -10.59 39.53
N ARG B 80 50.25 -9.65 38.61
CA ARG B 80 51.55 -9.41 38.00
C ARG B 80 51.97 -7.96 38.23
N SER B 81 53.26 -7.69 38.00
CA SER B 81 53.80 -6.36 38.22
C SER B 81 53.28 -5.33 37.23
N GLU B 82 52.80 -5.77 36.07
CA GLU B 82 52.23 -4.84 35.09
C GLU B 82 50.80 -4.46 35.41
N ASP B 83 50.19 -5.05 36.43
CA ASP B 83 48.82 -4.75 36.82
C ASP B 83 48.72 -3.59 37.81
N GLU B 84 49.84 -2.97 38.18
CA GLU B 84 49.84 -1.85 39.12
C GLU B 84 49.31 -0.61 38.39
N THR B 85 47.99 -0.52 38.34
CA THR B 85 47.31 0.50 37.55
C THR B 85 45.90 0.69 38.10
N ASP B 86 45.25 1.76 37.64
CA ASP B 86 43.88 2.06 38.04
C ASP B 86 42.89 1.17 37.29
N TYR B 87 41.80 0.83 37.97
CA TYR B 87 40.69 0.13 37.34
C TYR B 87 39.40 0.83 37.76
N PHE B 88 38.43 0.88 36.84
CA PHE B 88 37.15 1.46 37.21
C PHE B 88 36.02 0.78 36.47
N CYS B 89 34.80 1.08 36.90
CA CYS B 89 33.57 0.52 36.37
C CYS B 89 32.73 1.64 35.77
N ALA B 90 32.04 1.32 34.67
CA ALA B 90 31.19 2.29 33.99
C ALA B 90 29.85 1.64 33.65
N THR B 91 28.77 2.37 33.86
CA THR B 91 27.45 1.90 33.46
C THR B 91 26.58 3.10 33.14
N TRP B 92 25.34 2.82 32.74
CA TRP B 92 24.40 3.85 32.31
C TRP B 92 23.33 4.02 33.36
N ASP B 93 23.19 5.24 33.88
CA ASP B 93 22.15 5.57 34.84
C ASP B 93 20.92 6.06 34.09
N ASP B 94 19.83 5.30 34.19
CA ASP B 94 18.58 5.69 33.55
C ASP B 94 17.86 6.80 34.29
N SER B 95 17.94 6.81 35.63
CA SER B 95 17.34 7.90 36.40
C SER B 95 18.02 9.22 36.11
N LEU B 96 19.35 9.23 36.03
CA LEU B 96 20.09 10.41 35.62
C LEU B 96 20.30 10.47 34.11
N SER B 97 20.07 9.36 33.41
CA SER B 97 20.21 9.25 31.95
C SER B 97 21.60 9.66 31.47
N VAL B 98 22.63 9.23 32.21
CA VAL B 98 24.01 9.59 31.90
C VAL B 98 24.87 8.33 31.95
N TRP B 99 26.16 8.53 31.69
CA TRP B 99 27.17 7.49 31.89
C TRP B 99 27.84 7.76 33.23
N VAL B 100 27.58 6.90 34.21
CA VAL B 100 28.22 7.02 35.51
C VAL B 100 29.44 6.13 35.55
N PHE B 101 30.49 6.61 36.23
CA PHE B 101 31.78 5.94 36.30
C PHE B 101 32.18 5.80 37.75
N GLY B 102 32.96 4.76 38.03
CA GLY B 102 33.52 4.61 39.36
C GLY B 102 34.60 5.64 39.63
N GLY B 103 34.93 5.78 40.92
CA GLY B 103 35.95 6.72 41.30
C GLY B 103 37.37 6.29 41.01
N GLY B 104 37.56 5.05 40.59
CA GLY B 104 38.88 4.52 40.33
C GLY B 104 39.42 3.75 41.50
N THR B 105 40.24 2.73 41.21
CA THR B 105 40.83 1.89 42.23
C THR B 105 42.30 1.67 41.86
N LYS B 106 43.19 2.43 42.49
CA LYS B 106 44.62 2.27 42.28
C LYS B 106 45.07 0.96 42.93
N LEU B 107 45.47 0.00 42.11
CA LEU B 107 45.88 -1.31 42.59
C LEU B 107 47.38 -1.34 42.76
N THR B 108 47.83 -1.73 43.95
CA THR B 108 49.25 -1.84 44.27
C THR B 108 49.64 -3.31 44.36
N VAL B 109 50.70 -3.67 43.65
CA VAL B 109 51.19 -5.04 43.62
C VAL B 109 52.21 -5.17 44.75
N LEU B 110 51.79 -5.77 45.85
CA LEU B 110 52.66 -5.91 47.02
C LEU B 110 53.25 -7.31 47.10
N ALA C 1 -25.48 -43.17 6.61
CA ALA C 1 -25.21 -42.02 5.76
C ALA C 1 -26.00 -40.81 6.20
N VAL C 2 -25.34 -39.65 6.22
CA VAL C 2 -25.98 -38.39 6.59
C VAL C 2 -26.64 -37.81 5.36
N VAL C 3 -27.93 -37.52 5.44
CA VAL C 3 -28.69 -36.98 4.34
C VAL C 3 -28.77 -35.47 4.48
N ASN C 4 -29.06 -34.80 3.37
CA ASN C 4 -29.37 -33.38 3.40
C ASN C 4 -30.67 -33.18 4.16
N THR C 5 -30.76 -32.05 4.88
CA THR C 5 -31.90 -31.85 5.75
C THR C 5 -33.18 -31.52 4.99
N ASP C 6 -33.07 -31.16 3.71
CA ASP C 6 -34.24 -30.85 2.90
C ASP C 6 -35.12 -32.06 2.61
N ASP C 7 -34.61 -33.28 2.85
CA ASP C 7 -35.40 -34.47 2.63
C ASP C 7 -36.50 -34.63 3.69
N TYR C 8 -36.18 -34.36 4.95
CA TYR C 8 -37.10 -34.58 6.05
C TYR C 8 -37.56 -33.30 6.73
N VAL C 9 -37.06 -32.14 6.31
CA VAL C 9 -37.53 -30.86 6.82
C VAL C 9 -38.25 -30.14 5.69
N THR C 10 -39.54 -29.86 5.89
CA THR C 10 -40.38 -29.25 4.88
C THR C 10 -40.49 -27.76 5.14
N ARG C 11 -40.00 -26.96 4.19
CA ARG C 11 -40.07 -25.51 4.30
C ARG C 11 -41.47 -25.04 3.94
N THR C 12 -42.07 -24.22 4.81
CA THR C 12 -43.35 -23.59 4.53
C THR C 12 -43.13 -22.09 4.32
N SER C 13 -44.21 -21.41 3.95
CA SER C 13 -44.16 -20.00 3.59
C SER C 13 -44.28 -19.07 4.79
N ILE C 14 -44.37 -19.60 6.01
CA ILE C 14 -44.52 -18.78 7.20
C ILE C 14 -43.15 -18.29 7.63
N PHE C 15 -42.92 -16.99 7.53
CA PHE C 15 -41.64 -16.37 7.88
C PHE C 15 -41.82 -15.45 9.08
N TYR C 16 -40.77 -15.33 9.87
CA TYR C 16 -40.75 -14.48 11.05
C TYR C 16 -39.51 -13.61 11.05
N HIS C 17 -39.61 -12.45 11.67
CA HIS C 17 -38.45 -11.60 11.91
C HIS C 17 -38.16 -11.58 13.40
N ALA C 18 -36.91 -11.86 13.77
CA ALA C 18 -36.48 -11.87 15.16
C ALA C 18 -35.28 -10.94 15.30
N GLY C 19 -35.41 -9.93 16.13
CA GLY C 19 -34.34 -8.96 16.25
C GLY C 19 -34.07 -8.48 17.66
N SER C 20 -32.82 -8.60 18.09
CA SER C 20 -32.41 -7.99 19.35
C SER C 20 -32.45 -6.48 19.22
N SER C 21 -32.84 -5.82 20.31
CA SER C 21 -33.02 -4.36 20.30
C SER C 21 -31.72 -3.62 20.05
N ARG C 22 -30.78 -3.73 20.99
CA ARG C 22 -29.48 -3.07 20.87
C ARG C 22 -28.53 -3.72 21.86
N LEU C 23 -27.41 -4.24 21.37
CA LEU C 23 -26.42 -4.91 22.21
C LEU C 23 -25.23 -3.99 22.37
N LEU C 24 -24.88 -3.68 23.61
CA LEU C 24 -23.79 -2.76 23.90
C LEU C 24 -22.93 -3.30 25.03
N THR C 25 -21.62 -3.33 24.80
CA THR C 25 -20.65 -3.63 25.86
C THR C 25 -19.55 -2.58 25.88
N VAL C 26 -19.21 -2.11 27.07
CA VAL C 26 -18.13 -1.16 27.29
C VAL C 26 -17.15 -1.80 28.27
N GLY C 27 -15.86 -1.78 27.94
CA GLY C 27 -14.90 -2.34 28.87
C GLY C 27 -13.48 -2.06 28.43
N ASN C 28 -12.56 -2.37 29.33
CA ASN C 28 -11.14 -2.16 29.04
C ASN C 28 -10.68 -3.15 27.97
N PRO C 29 -10.06 -2.68 26.89
CA PRO C 29 -9.71 -3.59 25.78
C PRO C 29 -8.51 -4.48 26.05
N TYR C 30 -7.89 -4.41 27.22
CA TYR C 30 -6.67 -5.18 27.49
C TYR C 30 -6.81 -6.16 28.63
N PHE C 31 -7.53 -5.79 29.69
CA PHE C 31 -7.66 -6.67 30.85
C PHE C 31 -8.97 -6.36 31.56
N ARG C 32 -9.45 -7.34 32.33
CA ARG C 32 -10.62 -7.13 33.16
C ARG C 32 -10.24 -6.34 34.40
N VAL C 33 -10.99 -5.28 34.68
CA VAL C 33 -10.71 -4.40 35.81
C VAL C 33 -11.63 -4.82 36.97
N PRO C 34 -11.09 -5.38 38.05
CA PRO C 34 -11.95 -5.78 39.17
C PRO C 34 -12.50 -4.59 39.93
N ALA C 35 -13.61 -4.82 40.62
CA ALA C 35 -14.21 -3.79 41.45
C ALA C 35 -13.36 -3.54 42.69
N GLY C 36 -13.40 -2.31 43.19
CA GLY C 36 -12.66 -1.95 44.37
C GLY C 36 -11.74 -0.75 44.17
N GLY C 37 -11.38 -0.49 42.91
CA GLY C 37 -10.51 0.62 42.59
C GLY C 37 -11.20 1.96 42.45
N GLY C 38 -12.51 2.02 42.70
CA GLY C 38 -13.23 3.27 42.59
C GLY C 38 -14.44 3.15 41.68
N ASN C 39 -14.78 1.92 41.30
CA ASN C 39 -15.92 1.66 40.44
C ASN C 39 -16.74 0.51 40.98
N LYS C 40 -18.04 0.54 40.71
CA LYS C 40 -18.94 -0.54 41.10
C LYS C 40 -18.90 -1.63 40.03
N GLN C 41 -18.82 -2.89 40.49
CA GLN C 41 -18.74 -4.10 39.67
C GLN C 41 -17.48 -4.15 38.81
N ASP C 42 -17.23 -5.31 38.19
CA ASP C 42 -16.03 -5.52 37.42
C ASP C 42 -16.22 -4.98 36.00
N ILE C 43 -15.26 -4.19 35.54
CA ILE C 43 -15.26 -3.72 34.17
C ILE C 43 -14.74 -4.86 33.28
N PRO C 44 -15.51 -5.32 32.31
CA PRO C 44 -15.11 -6.50 31.54
C PRO C 44 -14.00 -6.18 30.56
N LYS C 45 -13.42 -7.24 29.99
CA LYS C 45 -12.44 -7.11 28.92
C LYS C 45 -13.22 -7.12 27.61
N VAL C 46 -13.52 -5.94 27.08
CA VAL C 46 -14.25 -5.78 25.84
C VAL C 46 -13.27 -5.33 24.78
N SER C 47 -13.00 -6.19 23.80
CA SER C 47 -12.05 -5.90 22.75
C SER C 47 -12.66 -6.25 21.40
N ALA C 48 -12.23 -5.53 20.36
CA ALA C 48 -12.66 -5.86 19.01
C ALA C 48 -11.99 -7.11 18.49
N TYR C 49 -10.83 -7.46 19.03
CA TYR C 49 -10.07 -8.62 18.57
C TYR C 49 -10.45 -9.86 19.38
N GLN C 50 -11.75 -10.07 19.52
CA GLN C 50 -12.31 -10.97 20.51
C GLN C 50 -13.56 -11.59 19.93
N TYR C 51 -13.80 -12.86 20.24
CA TYR C 51 -14.92 -13.58 19.65
C TYR C 51 -16.22 -13.12 20.31
N ARG C 52 -17.20 -12.77 19.49
CA ARG C 52 -18.53 -12.40 19.97
C ARG C 52 -19.47 -13.54 19.55
N VAL C 53 -19.67 -14.48 20.45
CA VAL C 53 -20.48 -15.66 20.18
C VAL C 53 -21.83 -15.44 20.84
N PHE C 54 -22.83 -15.09 20.03
CA PHE C 54 -24.19 -14.91 20.50
C PHE C 54 -24.90 -16.25 20.48
N ARG C 55 -25.44 -16.64 21.64
CA ARG C 55 -26.37 -17.75 21.74
C ARG C 55 -27.77 -17.16 21.62
N VAL C 56 -28.37 -17.32 20.45
CA VAL C 56 -29.70 -16.82 20.15
C VAL C 56 -30.71 -17.87 20.58
N GLN C 57 -31.53 -17.54 21.57
CA GLN C 57 -32.54 -18.45 22.06
C GLN C 57 -33.88 -18.16 21.38
N LEU C 58 -34.40 -19.14 20.67
CA LEU C 58 -35.66 -19.05 19.97
C LEU C 58 -36.76 -19.76 20.74
N PRO C 59 -38.00 -19.32 20.63
CA PRO C 59 -39.10 -20.05 21.28
C PRO C 59 -39.34 -21.39 20.60
N ASP C 60 -39.87 -22.33 21.38
CA ASP C 60 -40.26 -23.63 20.84
C ASP C 60 -41.49 -23.46 19.98
N PRO C 61 -41.47 -23.81 18.68
CA PRO C 61 -42.64 -23.58 17.83
C PRO C 61 -43.80 -24.51 18.13
N ASN C 62 -43.59 -25.54 18.92
CA ASN C 62 -44.62 -26.51 19.25
C ASN C 62 -45.49 -26.07 20.42
N LYS C 63 -45.22 -24.91 21.01
CA LYS C 63 -45.98 -24.49 22.18
C LYS C 63 -46.55 -23.09 22.05
N PHE C 64 -45.92 -22.20 21.28
CA PHE C 64 -46.41 -20.84 21.21
C PHE C 64 -47.34 -20.68 20.00
N GLY C 65 -47.96 -19.50 19.90
CA GLY C 65 -49.03 -19.33 18.94
C GLY C 65 -48.55 -19.30 17.50
N LEU C 66 -49.43 -19.71 16.59
CA LEU C 66 -49.16 -19.77 15.17
C LEU C 66 -50.29 -19.08 14.42
N PRO C 67 -50.01 -18.55 13.22
CA PRO C 67 -51.09 -17.99 12.40
C PRO C 67 -52.17 -19.00 12.02
N ASP C 68 -51.80 -20.25 11.81
CA ASP C 68 -52.74 -21.31 11.49
C ASP C 68 -52.51 -22.48 12.43
N THR C 69 -53.55 -22.88 13.15
CA THR C 69 -53.45 -24.06 14.01
C THR C 69 -53.35 -25.34 13.20
N SER C 70 -54.03 -25.38 12.04
CA SER C 70 -54.07 -26.56 11.20
C SER C 70 -52.94 -26.61 10.18
N ILE C 71 -51.85 -25.88 10.40
CA ILE C 71 -50.72 -25.95 9.49
C ILE C 71 -49.96 -27.27 9.67
N TYR C 72 -50.14 -27.94 10.81
CA TYR C 72 -49.47 -29.20 11.08
C TYR C 72 -50.31 -30.03 12.03
N ASN C 73 -50.00 -31.32 12.07
CA ASN C 73 -50.65 -32.24 12.99
C ASN C 73 -49.70 -32.53 14.14
N PRO C 74 -50.04 -32.14 15.38
CA PRO C 74 -49.11 -32.35 16.50
C PRO C 74 -48.84 -33.81 16.82
N GLU C 75 -49.73 -34.73 16.42
CA GLU C 75 -49.52 -36.14 16.73
C GLU C 75 -48.39 -36.74 15.88
N THR C 76 -48.28 -36.30 14.62
CA THR C 76 -47.32 -36.89 13.69
C THR C 76 -46.29 -35.90 13.16
N GLN C 77 -46.22 -34.69 13.72
CA GLN C 77 -45.27 -33.71 13.22
C GLN C 77 -44.74 -32.87 14.36
N ARG C 78 -43.51 -32.37 14.18
CA ARG C 78 -42.89 -31.42 15.08
C ARG C 78 -42.22 -30.32 14.28
N LEU C 79 -42.11 -29.14 14.87
CA LEU C 79 -41.66 -27.96 14.17
C LEU C 79 -40.22 -27.61 14.54
N VAL C 80 -39.60 -26.79 13.69
CA VAL C 80 -38.24 -26.34 13.92
C VAL C 80 -38.05 -25.04 13.15
N TRP C 81 -37.12 -24.20 13.61
CA TRP C 81 -36.82 -22.96 12.92
C TRP C 81 -35.67 -23.17 11.94
N ALA C 82 -35.69 -22.40 10.85
CA ALA C 82 -34.59 -22.36 9.90
C ALA C 82 -34.24 -20.92 9.61
N CYS C 83 -32.96 -20.58 9.74
CA CYS C 83 -32.51 -19.22 9.50
C CYS C 83 -32.51 -18.94 8.00
N ALA C 84 -33.48 -18.13 7.54
CA ALA C 84 -33.56 -17.78 6.14
C ALA C 84 -32.72 -16.56 5.78
N GLY C 85 -32.41 -15.70 6.76
CA GLY C 85 -31.61 -14.52 6.50
C GLY C 85 -31.03 -13.96 7.77
N VAL C 86 -29.94 -13.20 7.61
CA VAL C 86 -29.20 -12.67 8.75
C VAL C 86 -28.74 -11.24 8.45
N GLU C 87 -28.67 -10.44 9.52
CA GLU C 87 -28.21 -9.06 9.49
C GLU C 87 -27.43 -8.81 10.77
N ILE C 88 -26.10 -8.73 10.66
CA ILE C 88 -25.24 -8.38 11.78
C ILE C 88 -24.92 -6.90 11.61
N GLY C 89 -25.77 -6.04 12.16
CA GLY C 89 -25.53 -4.62 12.08
C GLY C 89 -24.54 -4.17 13.12
N ARG C 90 -23.57 -3.36 12.69
CA ARG C 90 -22.55 -2.80 13.55
C ARG C 90 -22.73 -1.30 13.61
N GLY C 91 -22.84 -0.75 14.81
CA GLY C 91 -23.17 0.65 14.98
C GLY C 91 -21.97 1.57 15.05
N GLN C 92 -20.89 1.11 15.67
CA GLN C 92 -19.75 1.97 15.93
C GLN C 92 -19.05 2.35 14.64
N PRO C 93 -18.37 3.50 14.61
CA PRO C 93 -17.64 3.90 13.40
C PRO C 93 -16.45 2.99 13.12
N LEU C 94 -16.09 2.90 11.85
CA LEU C 94 -14.88 2.21 11.45
C LEU C 94 -13.66 2.91 12.03
N GLY C 95 -12.75 2.13 12.59
CA GLY C 95 -11.60 2.74 13.25
C GLY C 95 -10.52 1.73 13.51
N VAL C 96 -9.34 2.25 13.82
CA VAL C 96 -8.18 1.44 14.17
C VAL C 96 -7.93 1.56 15.66
N GLY C 97 -7.40 0.49 16.24
CA GLY C 97 -7.08 0.48 17.65
C GLY C 97 -5.78 -0.25 17.89
N LEU C 98 -5.15 0.09 19.02
CA LEU C 98 -3.83 -0.42 19.34
C LEU C 98 -3.87 -1.27 20.60
N SER C 99 -3.15 -2.37 20.57
CA SER C 99 -2.85 -3.15 21.77
C SER C 99 -1.35 -3.22 21.92
N GLY C 100 -0.88 -3.09 23.15
CA GLY C 100 0.56 -3.06 23.33
C GLY C 100 0.96 -3.49 24.72
N HIS C 101 2.26 -3.71 24.87
CA HIS C 101 2.78 -4.16 26.13
C HIS C 101 3.76 -3.12 26.68
N PRO C 102 3.67 -2.80 27.97
CA PRO C 102 4.64 -1.88 28.58
C PRO C 102 6.06 -2.42 28.58
N PHE C 103 6.22 -3.74 28.61
CA PHE C 103 7.52 -4.40 28.48
C PHE C 103 7.37 -5.39 27.34
N TYR C 104 7.57 -4.94 26.11
CA TYR C 104 7.44 -5.79 24.94
C TYR C 104 8.78 -6.47 24.69
N ASN C 105 8.78 -7.81 24.67
CA ASN C 105 10.00 -8.58 24.54
C ASN C 105 10.47 -8.53 23.10
N LYS C 106 11.14 -7.44 22.76
CA LYS C 106 11.87 -7.33 21.49
C LYS C 106 13.29 -6.88 21.79
N LEU C 107 14.24 -7.49 21.11
CA LEU C 107 15.65 -7.22 21.37
C LEU C 107 16.19 -6.12 20.45
N ASP C 108 16.10 -6.33 19.15
CA ASP C 108 16.62 -5.41 18.16
C ASP C 108 15.58 -5.14 17.09
N ASP C 109 15.74 -4.01 16.39
CA ASP C 109 14.94 -3.72 15.21
C ASP C 109 15.68 -4.32 14.03
N THR C 110 15.29 -5.54 13.67
CA THR C 110 15.98 -6.28 12.61
C THR C 110 15.60 -5.81 11.21
N GLU C 111 14.65 -4.88 11.09
CA GLU C 111 14.33 -4.29 9.79
C GLU C 111 15.51 -3.47 9.28
N SER C 112 15.91 -2.45 10.02
CA SER C 112 17.06 -1.63 9.68
C SER C 112 17.58 -0.96 10.95
N SER C 113 18.65 -0.20 10.81
CA SER C 113 19.14 0.60 11.93
C SER C 113 18.19 1.74 12.22
N HIS C 114 17.85 1.93 13.49
CA HIS C 114 16.82 2.88 13.88
C HIS C 114 17.36 4.11 14.61
N ALA C 115 18.64 4.09 15.02
CA ALA C 115 19.33 5.16 15.72
C ALA C 115 18.73 5.49 17.10
N ALA C 116 17.76 4.69 17.54
CA ALA C 116 17.19 4.80 18.88
C ALA C 116 17.51 3.59 19.74
N THR C 117 18.29 2.65 19.21
CA THR C 117 18.63 1.44 19.95
C THR C 117 19.83 1.69 20.86
N SER C 118 19.74 1.20 22.09
CA SER C 118 20.82 1.30 23.07
C SER C 118 21.15 -0.10 23.56
N ASN C 119 22.41 -0.49 23.44
CA ASN C 119 22.85 -1.83 23.82
C ASN C 119 23.49 -1.86 25.20
N VAL C 120 23.28 -0.82 26.00
CA VAL C 120 23.88 -0.75 27.33
C VAL C 120 22.96 -1.35 28.40
N SER C 121 21.67 -1.48 28.13
CA SER C 121 20.72 -1.99 29.11
C SER C 121 20.54 -3.49 28.95
N GLU C 122 20.48 -4.19 30.09
CA GLU C 122 20.26 -5.63 30.06
C GLU C 122 18.81 -5.96 29.68
N ASP C 123 17.86 -5.23 30.24
CA ASP C 123 16.44 -5.42 29.95
C ASP C 123 16.10 -4.39 28.87
N VAL C 124 15.89 -4.87 27.65
CA VAL C 124 15.58 -4.00 26.52
C VAL C 124 14.08 -3.97 26.21
N ARG C 125 13.25 -4.49 27.11
CA ARG C 125 11.81 -4.44 26.92
C ARG C 125 11.32 -3.01 27.08
N ASP C 126 10.57 -2.53 26.10
CA ASP C 126 10.07 -1.17 26.09
C ASP C 126 8.59 -1.17 25.77
N ASN C 127 7.96 -0.03 26.06
CA ASN C 127 6.53 0.15 25.82
C ASN C 127 6.29 0.19 24.31
N VAL C 128 5.73 -0.88 23.77
CA VAL C 128 5.51 -1.01 22.33
C VAL C 128 4.07 -1.41 22.08
N SER C 129 3.38 -0.66 21.22
CA SER C 129 2.03 -0.95 20.80
C SER C 129 1.99 -1.28 19.32
N VAL C 130 1.15 -2.25 18.96
CA VAL C 130 0.91 -2.61 17.58
C VAL C 130 -0.59 -2.61 17.33
N ASP C 131 -0.98 -2.42 16.08
CA ASP C 131 -2.31 -2.80 15.65
C ASP C 131 -2.29 -4.29 15.32
N TYR C 132 -3.44 -4.85 15.03
CA TYR C 132 -3.52 -6.27 14.76
C TYR C 132 -3.93 -6.49 13.30
N LYS C 133 -4.12 -7.76 12.95
CA LYS C 133 -4.64 -8.08 11.63
C LYS C 133 -6.12 -7.72 11.57
N GLN C 134 -6.53 -7.18 10.42
CA GLN C 134 -7.92 -6.85 10.20
C GLN C 134 -8.68 -8.13 9.90
N THR C 135 -9.57 -8.51 10.81
CA THR C 135 -10.29 -9.77 10.72
C THR C 135 -11.78 -9.50 10.84
N GLN C 136 -12.54 -10.00 9.87
CA GLN C 136 -13.99 -10.07 9.94
C GLN C 136 -14.39 -11.50 9.67
N LEU C 137 -15.18 -12.09 10.55
CA LEU C 137 -15.69 -13.42 10.28
C LEU C 137 -17.06 -13.57 10.91
N CYS C 138 -17.96 -14.19 10.18
CA CYS C 138 -19.34 -14.41 10.62
C CYS C 138 -19.70 -15.86 10.39
N ILE C 139 -20.00 -16.58 11.47
CA ILE C 139 -20.34 -17.99 11.40
C ILE C 139 -21.69 -18.20 12.08
N LEU C 140 -22.66 -18.71 11.35
CA LEU C 140 -23.93 -19.15 11.92
C LEU C 140 -24.03 -20.66 11.85
N GLY C 141 -24.36 -21.25 13.00
CA GLY C 141 -24.67 -22.66 13.11
C GLY C 141 -25.75 -22.86 14.15
N CYS C 142 -26.18 -24.11 14.31
CA CYS C 142 -27.00 -24.47 15.46
C CYS C 142 -26.17 -25.03 16.60
N ALA C 143 -24.86 -25.13 16.40
CA ALA C 143 -23.84 -25.43 17.39
C ALA C 143 -22.75 -24.38 17.29
N PRO C 144 -22.07 -24.07 18.39
CA PRO C 144 -21.01 -23.07 18.33
C PRO C 144 -19.83 -23.52 17.49
N ALA C 145 -19.14 -22.54 16.91
CA ALA C 145 -18.05 -22.81 15.99
C ALA C 145 -16.86 -23.41 16.73
N ILE C 146 -16.11 -24.25 16.02
CA ILE C 146 -14.95 -24.93 16.56
C ILE C 146 -13.71 -24.14 16.17
N GLY C 147 -12.92 -23.77 17.15
CA GLY C 147 -11.71 -22.99 16.93
C GLY C 147 -10.47 -23.75 17.35
N GLU C 148 -9.42 -23.64 16.55
CA GLU C 148 -8.15 -24.30 16.81
C GLU C 148 -7.18 -23.34 17.50
N HIS C 149 -6.30 -23.92 18.30
CA HIS C 149 -5.16 -23.18 18.84
C HIS C 149 -4.04 -24.17 19.12
N TRP C 150 -2.85 -23.63 19.40
CA TRP C 150 -1.67 -24.44 19.67
C TRP C 150 -1.33 -24.35 21.15
N ALA C 151 -1.20 -25.50 21.80
CA ALA C 151 -0.96 -25.55 23.24
C ALA C 151 0.15 -26.55 23.53
N LYS C 152 0.56 -26.56 24.79
CA LYS C 152 1.56 -27.52 25.25
C LYS C 152 0.97 -28.93 25.25
N GLY C 153 1.78 -29.89 24.81
CA GLY C 153 1.36 -31.28 24.81
C GLY C 153 1.37 -31.86 26.21
N THR C 154 0.88 -33.10 26.30
CA THR C 154 0.87 -33.80 27.57
C THR C 154 2.29 -34.18 27.99
N ALA C 155 2.48 -34.32 29.30
CA ALA C 155 3.79 -34.65 29.86
C ALA C 155 3.99 -36.16 29.82
N SER C 156 5.04 -36.60 29.12
CA SER C 156 5.34 -38.02 29.04
C SER C 156 5.96 -38.50 30.34
N LYS C 157 5.42 -39.59 30.88
CA LYS C 157 5.93 -40.11 32.15
C LYS C 157 7.29 -40.78 31.98
N SER C 158 7.51 -41.44 30.84
CA SER C 158 8.78 -42.14 30.61
C SER C 158 9.93 -41.15 30.40
N ARG C 159 9.71 -40.15 29.56
CA ARG C 159 10.74 -39.16 29.25
C ARG C 159 10.21 -37.77 29.63
N PRO C 160 10.52 -37.27 30.82
CA PRO C 160 10.02 -35.95 31.23
C PRO C 160 10.67 -34.84 30.42
N LEU C 161 9.90 -33.76 30.24
CA LEU C 161 10.40 -32.58 29.54
C LEU C 161 11.21 -31.73 30.51
N SER C 162 12.49 -31.53 30.19
CA SER C 162 13.36 -30.73 31.05
C SER C 162 12.96 -29.26 30.97
N GLN C 163 13.15 -28.56 32.08
CA GLN C 163 12.74 -27.16 32.17
C GLN C 163 13.64 -26.29 31.30
N GLY C 164 13.01 -25.40 30.52
CA GLY C 164 13.70 -24.59 29.56
C GLY C 164 13.61 -25.08 28.13
N ASP C 165 13.26 -26.34 27.94
CA ASP C 165 13.13 -26.91 26.61
C ASP C 165 11.82 -26.48 25.96
N CYS C 166 11.78 -26.60 24.65
CA CYS C 166 10.56 -26.27 23.91
C CYS C 166 9.50 -27.35 24.14
N PRO C 167 8.33 -27.02 24.66
CA PRO C 167 7.30 -28.03 24.86
C PRO C 167 6.73 -28.49 23.53
N PRO C 168 6.23 -29.73 23.45
CA PRO C 168 5.59 -30.17 22.21
C PRO C 168 4.29 -29.43 21.97
N LEU C 169 4.04 -29.08 20.71
CA LEU C 169 2.88 -28.31 20.32
C LEU C 169 1.78 -29.24 19.84
N GLU C 170 0.58 -29.08 20.39
CA GLU C 170 -0.59 -29.82 19.95
C GLU C 170 -1.67 -28.85 19.50
N LEU C 171 -2.44 -29.26 18.50
CA LEU C 171 -3.52 -28.45 17.95
C LEU C 171 -4.81 -28.85 18.66
N LYS C 172 -5.25 -28.01 19.60
CA LYS C 172 -6.48 -28.25 20.32
C LYS C 172 -7.64 -27.58 19.61
N ASN C 173 -8.71 -28.33 19.39
CA ASN C 173 -9.96 -27.82 18.84
C ASN C 173 -10.94 -27.67 19.99
N THR C 174 -11.25 -26.42 20.34
CA THR C 174 -12.18 -26.11 21.41
C THR C 174 -13.39 -25.39 20.83
N VAL C 175 -14.36 -25.13 21.69
CA VAL C 175 -15.55 -24.37 21.29
C VAL C 175 -15.24 -22.88 21.40
N LEU C 176 -15.51 -22.14 20.33
CA LEU C 176 -15.26 -20.70 20.33
C LEU C 176 -16.22 -20.02 21.29
N GLU C 177 -15.68 -19.46 22.37
CA GLU C 177 -16.50 -18.92 23.44
C GLU C 177 -16.72 -17.43 23.19
N ASP C 178 -17.72 -16.87 23.87
CA ASP C 178 -17.83 -15.42 23.90
C ASP C 178 -16.78 -14.86 24.85
N GLY C 179 -15.83 -14.11 24.30
CA GLY C 179 -14.69 -13.67 25.06
C GLY C 179 -13.37 -14.34 24.70
N ASP C 180 -13.41 -15.39 23.88
CA ASP C 180 -12.19 -15.90 23.29
C ASP C 180 -11.59 -14.86 22.34
N MET C 181 -10.28 -14.90 22.21
CA MET C 181 -9.59 -13.86 21.45
C MET C 181 -9.24 -14.41 20.07
N VAL C 182 -9.38 -13.56 19.05
CA VAL C 182 -9.22 -13.97 17.66
C VAL C 182 -7.74 -13.93 17.32
N ASP C 183 -7.35 -14.52 16.20
CA ASP C 183 -5.98 -14.39 15.72
C ASP C 183 -5.61 -12.93 15.47
N THR C 184 -4.36 -12.60 15.80
CA THR C 184 -3.94 -11.21 15.83
C THR C 184 -2.70 -10.95 14.98
N GLY C 185 -2.32 -11.90 14.13
CA GLY C 185 -1.05 -11.84 13.43
C GLY C 185 0.10 -12.46 14.16
N TYR C 186 -0.11 -12.85 15.42
CA TYR C 186 0.90 -13.57 16.20
C TYR C 186 0.65 -15.07 16.23
N GLY C 187 -0.38 -15.54 15.55
CA GLY C 187 -0.69 -16.95 15.50
C GLY C 187 -1.74 -17.34 16.53
N ALA C 188 -2.44 -18.42 16.25
CA ALA C 188 -3.45 -18.96 17.15
C ALA C 188 -2.78 -19.96 18.07
N MET C 189 -2.42 -19.51 19.27
CA MET C 189 -1.71 -20.36 20.22
C MET C 189 -2.06 -19.94 21.64
N ASP C 190 -1.75 -20.81 22.58
CA ASP C 190 -1.96 -20.57 24.01
C ASP C 190 -0.77 -19.77 24.53
N PHE C 191 -0.89 -18.45 24.57
CA PHE C 191 0.19 -17.60 25.04
C PHE C 191 0.40 -17.71 26.54
N SER C 192 -0.59 -18.23 27.28
CA SER C 192 -0.43 -18.39 28.72
C SER C 192 0.59 -19.47 29.05
N THR C 193 0.56 -20.59 28.34
CA THR C 193 1.41 -21.73 28.64
C THR C 193 2.63 -21.83 27.74
N LEU C 194 2.50 -21.48 26.46
CA LEU C 194 3.64 -21.58 25.55
C LEU C 194 4.65 -20.47 25.80
N GLN C 195 4.19 -19.27 26.15
CA GLN C 195 5.06 -18.13 26.37
C GLN C 195 5.13 -17.85 27.87
N ASP C 196 6.31 -18.01 28.46
CA ASP C 196 6.48 -17.89 29.90
C ASP C 196 6.93 -16.50 30.35
N THR C 197 7.45 -15.67 29.45
CA THR C 197 7.96 -14.38 29.87
C THR C 197 6.86 -13.33 29.99
N LYS C 198 5.67 -13.62 29.44
CA LYS C 198 4.50 -12.72 29.47
C LYS C 198 4.81 -11.35 28.88
N CYS C 199 5.71 -11.30 27.90
CA CYS C 199 6.19 -10.03 27.38
C CYS C 199 6.35 -10.00 25.87
N GLU C 200 6.10 -11.11 25.17
CA GLU C 200 6.38 -11.21 23.75
C GLU C 200 5.24 -10.72 22.88
N VAL C 201 4.04 -10.67 23.43
CA VAL C 201 2.84 -10.26 22.68
C VAL C 201 2.13 -9.20 23.49
N PRO C 202 1.29 -8.37 22.84
CA PRO C 202 0.62 -7.28 23.57
C PRO C 202 -0.34 -7.73 24.67
N LEU C 203 -0.92 -6.75 25.36
CA LEU C 203 -1.46 -6.96 26.70
C LEU C 203 -2.74 -7.79 26.69
N ASP C 204 -3.57 -7.67 25.65
CA ASP C 204 -4.82 -8.41 25.63
C ASP C 204 -4.60 -9.89 25.29
N ILE C 205 -3.64 -10.18 24.41
CA ILE C 205 -3.32 -11.55 24.04
C ILE C 205 -2.16 -12.11 24.84
N CYS C 206 -1.73 -11.39 25.90
CA CYS C 206 -0.57 -11.83 26.68
C CYS C 206 -0.87 -13.11 27.45
N GLN C 207 -1.99 -13.15 28.16
CA GLN C 207 -2.36 -14.31 28.96
C GLN C 207 -3.70 -14.87 28.49
N SER C 208 -3.98 -14.75 27.19
CA SER C 208 -5.20 -15.28 26.59
C SER C 208 -4.84 -16.38 25.60
N ILE C 209 -5.86 -17.10 25.16
CA ILE C 209 -5.70 -18.17 24.17
C ILE C 209 -6.28 -17.62 22.86
N CYS C 210 -5.41 -17.25 21.94
CA CYS C 210 -5.86 -16.84 20.62
C CYS C 210 -6.31 -18.06 19.82
N LYS C 211 -7.50 -17.98 19.26
CA LYS C 211 -8.10 -19.11 18.55
C LYS C 211 -8.46 -18.69 17.14
N TYR C 212 -8.20 -19.57 16.20
CA TYR C 212 -8.65 -19.48 14.82
C TYR C 212 -9.70 -20.54 14.56
N PRO C 213 -10.80 -20.22 13.87
CA PRO C 213 -11.82 -21.23 13.61
C PRO C 213 -11.31 -22.29 12.66
N ASP C 214 -11.43 -23.56 13.07
CA ASP C 214 -10.98 -24.66 12.22
C ASP C 214 -12.08 -24.95 11.22
N TYR C 215 -12.03 -24.26 10.09
CA TYR C 215 -13.03 -24.43 9.04
C TYR C 215 -12.95 -25.81 8.40
N LEU C 216 -11.81 -26.49 8.51
CA LEU C 216 -11.72 -27.85 7.97
C LEU C 216 -12.60 -28.81 8.75
N GLN C 217 -12.65 -28.69 10.08
CA GLN C 217 -13.51 -29.58 10.86
C GLN C 217 -14.97 -29.20 10.76
N MET C 218 -15.27 -27.90 10.72
CA MET C 218 -16.66 -27.46 10.61
C MET C 218 -17.22 -27.79 9.24
N SER C 219 -16.40 -27.69 8.19
CA SER C 219 -16.84 -28.13 6.87
C SER C 219 -16.93 -29.64 6.81
N ALA C 220 -15.97 -30.34 7.41
CA ALA C 220 -15.94 -31.80 7.45
C ALA C 220 -16.78 -32.39 8.56
N ASP C 221 -17.55 -31.56 9.26
CA ASP C 221 -18.54 -32.08 10.19
C ASP C 221 -19.58 -32.88 9.41
N PRO C 222 -19.92 -34.10 9.84
CA PRO C 222 -20.90 -34.90 9.09
C PRO C 222 -22.27 -34.26 8.98
N TYR C 223 -22.72 -33.59 10.04
CA TYR C 223 -24.07 -33.05 10.08
C TYR C 223 -24.15 -31.58 9.69
N GLY C 224 -23.02 -30.87 9.67
CA GLY C 224 -23.05 -29.46 9.32
C GLY C 224 -23.68 -28.57 10.36
N ASP C 225 -23.74 -29.03 11.61
CA ASP C 225 -24.44 -28.28 12.64
C ASP C 225 -23.63 -27.07 13.10
N SER C 226 -22.32 -27.22 13.23
CA SER C 226 -21.49 -26.18 13.85
C SER C 226 -21.35 -24.96 12.95
N MET C 227 -21.48 -25.12 11.63
CA MET C 227 -21.29 -24.02 10.71
C MET C 227 -22.08 -24.32 9.44
N PHE C 228 -23.23 -23.68 9.28
CA PHE C 228 -23.91 -23.72 8.00
C PHE C 228 -23.88 -22.36 7.29
N PHE C 229 -23.26 -21.35 7.87
CA PHE C 229 -23.04 -20.11 7.14
C PHE C 229 -21.74 -19.50 7.61
N CYS C 230 -20.92 -19.04 6.66
CA CYS C 230 -19.60 -18.52 7.02
C CYS C 230 -19.16 -17.43 6.03
N LEU C 231 -18.60 -16.36 6.58
CA LEU C 231 -17.89 -15.35 5.79
C LEU C 231 -16.58 -15.01 6.47
N ARG C 232 -15.54 -14.79 5.65
CA ARG C 232 -14.20 -14.46 6.09
C ARG C 232 -13.67 -13.24 5.35
N ARG C 233 -12.86 -12.46 6.06
CA ARG C 233 -12.15 -11.33 5.46
C ARG C 233 -10.95 -11.02 6.35
N GLU C 234 -9.77 -11.39 5.90
CA GLU C 234 -8.53 -11.19 6.66
C GLU C 234 -7.58 -10.30 5.86
N GLN C 235 -6.80 -9.50 6.57
CA GLN C 235 -5.87 -8.58 5.92
C GLN C 235 -4.78 -8.24 6.91
N LEU C 236 -3.52 -8.49 6.55
CA LEU C 236 -2.43 -8.09 7.43
C LEU C 236 -1.15 -7.93 6.64
N PHE C 237 -0.19 -7.24 7.26
CA PHE C 237 1.17 -7.13 6.76
C PHE C 237 2.08 -6.83 7.94
N ALA C 238 3.38 -6.92 7.70
CA ALA C 238 4.38 -6.71 8.74
C ALA C 238 4.89 -5.27 8.68
N ARG C 239 4.62 -4.49 9.72
CA ARG C 239 5.15 -3.14 9.78
C ARG C 239 6.62 -3.15 10.19
N HIS C 240 6.89 -3.66 11.39
CA HIS C 240 8.22 -3.59 11.98
C HIS C 240 8.71 -4.99 12.29
N PHE C 241 9.98 -5.22 12.00
CA PHE C 241 10.62 -6.51 12.21
C PHE C 241 11.39 -6.44 13.51
N TRP C 242 11.21 -7.43 14.38
CA TRP C 242 11.79 -7.39 15.71
C TRP C 242 12.44 -8.71 16.05
N ASN C 243 13.42 -8.64 16.93
CA ASN C 243 14.09 -9.81 17.45
C ASN C 243 13.40 -10.25 18.74
N ARG C 244 13.84 -11.38 19.28
CA ARG C 244 13.33 -11.87 20.56
C ARG C 244 14.49 -11.99 21.53
N ALA C 245 14.43 -11.22 22.62
CA ALA C 245 15.50 -11.27 23.62
C ALA C 245 15.40 -12.54 24.44
N GLY C 246 16.51 -13.24 24.55
CA GLY C 246 16.54 -14.48 25.32
C GLY C 246 17.57 -15.44 24.75
N THR C 247 17.79 -16.51 25.50
CA THR C 247 18.69 -17.56 25.05
C THR C 247 18.11 -18.28 23.85
N MET C 248 18.94 -18.59 22.87
CA MET C 248 18.52 -19.39 21.72
C MET C 248 18.56 -20.85 22.11
N GLY C 249 17.39 -21.42 22.40
CA GLY C 249 17.32 -22.84 22.71
C GLY C 249 17.64 -23.71 21.51
N ASP C 250 17.15 -23.32 20.34
CA ASP C 250 17.54 -23.95 19.08
C ASP C 250 18.75 -23.19 18.56
N THR C 251 19.93 -23.70 18.86
CA THR C 251 21.17 -23.06 18.42
C THR C 251 21.30 -23.17 16.90
N VAL C 252 21.74 -22.09 16.29
CA VAL C 252 21.95 -22.06 14.83
C VAL C 252 23.11 -22.99 14.49
N PRO C 253 22.97 -23.86 13.49
CA PRO C 253 24.09 -24.72 13.08
C PRO C 253 25.25 -23.89 12.55
N GLN C 254 26.46 -24.42 12.75
CA GLN C 254 27.67 -23.74 12.32
C GLN C 254 27.75 -23.63 10.81
N SER C 255 27.09 -24.54 10.09
CA SER C 255 27.09 -24.53 8.63
C SER C 255 26.27 -23.41 8.04
N LEU C 256 25.49 -22.68 8.84
CA LEU C 256 24.63 -21.62 8.35
C LEU C 256 25.23 -20.23 8.46
N TYR C 257 26.44 -20.09 9.00
CA TYR C 257 27.06 -18.79 9.14
C TYR C 257 28.57 -18.96 9.24
N ILE C 258 29.28 -17.83 9.21
CA ILE C 258 30.72 -17.78 9.44
C ILE C 258 30.98 -16.92 10.66
N LYS C 259 31.76 -17.45 11.61
CA LYS C 259 32.00 -16.76 12.87
C LYS C 259 32.84 -15.51 12.67
N GLY C 260 32.52 -14.48 13.43
CA GLY C 260 33.30 -13.26 13.50
C GLY C 260 34.21 -13.23 14.72
N THR C 261 34.43 -12.03 15.24
CA THR C 261 35.26 -11.84 16.43
C THR C 261 34.50 -10.95 17.41
N GLY C 262 34.43 -11.40 18.65
CA GLY C 262 33.75 -10.64 19.69
C GLY C 262 32.28 -11.00 19.77
N MET C 263 31.41 -9.99 19.70
CA MET C 263 29.97 -10.22 19.70
C MET C 263 29.51 -10.97 18.47
N ARG C 264 30.25 -10.91 17.38
CA ARG C 264 29.96 -11.70 16.20
C ARG C 264 30.62 -13.07 16.23
N ALA C 265 31.30 -13.42 17.32
CA ALA C 265 31.82 -14.78 17.46
C ALA C 265 30.69 -15.79 17.55
N SER C 266 29.63 -15.46 18.28
CA SER C 266 28.43 -16.26 18.41
C SER C 266 27.26 -15.53 17.75
N PRO C 267 26.35 -16.26 17.10
CA PRO C 267 25.19 -15.61 16.48
C PRO C 267 24.25 -15.02 17.51
N GLY C 268 23.58 -13.96 17.11
CA GLY C 268 22.63 -13.27 17.97
C GLY C 268 21.31 -14.00 18.02
N SER C 269 20.28 -13.28 18.47
CA SER C 269 18.95 -13.86 18.54
C SER C 269 18.39 -14.02 17.13
N CYS C 270 17.85 -15.20 16.84
CA CYS C 270 17.32 -15.52 15.52
C CYS C 270 15.84 -15.87 15.55
N VAL C 271 15.15 -15.57 16.64
CA VAL C 271 13.70 -15.72 16.71
C VAL C 271 13.11 -14.37 16.36
N TYR C 272 12.48 -14.29 15.18
CA TYR C 272 12.06 -13.02 14.61
C TYR C 272 10.55 -12.91 14.64
N SER C 273 10.05 -11.77 15.11
CA SER C 273 8.63 -11.51 15.21
C SER C 273 8.26 -10.30 14.36
N PRO C 274 7.28 -10.42 13.48
CA PRO C 274 6.79 -9.23 12.76
C PRO C 274 5.73 -8.50 13.56
N SER C 275 5.58 -7.22 13.25
CA SER C 275 4.51 -6.41 13.81
C SER C 275 3.30 -6.52 12.90
N PRO C 276 2.22 -7.16 13.32
CA PRO C 276 1.03 -7.28 12.46
C PRO C 276 0.33 -5.95 12.29
N SER C 277 -0.42 -5.84 11.20
CA SER C 277 -1.22 -4.64 10.94
C SER C 277 -2.26 -4.93 9.87
N GLY C 278 -3.53 -4.83 10.23
CA GLY C 278 -4.55 -4.74 9.21
C GLY C 278 -4.35 -3.43 8.47
N SER C 279 -4.03 -3.53 7.17
CA SER C 279 -3.45 -2.42 6.44
C SER C 279 -4.32 -1.18 6.38
N ILE C 280 -5.46 -1.26 5.68
CA ILE C 280 -6.40 -0.15 5.55
C ILE C 280 -7.78 -0.66 5.94
N VAL C 281 -8.44 0.06 6.84
CA VAL C 281 -9.82 -0.25 7.23
C VAL C 281 -10.72 0.54 6.30
N THR C 282 -11.27 -0.13 5.28
CA THR C 282 -12.13 0.48 4.30
C THR C 282 -13.57 0.03 4.52
N SER C 283 -14.51 0.88 4.12
CA SER C 283 -15.92 0.53 4.20
C SER C 283 -16.36 -0.36 3.04
N ASP C 284 -15.56 -0.41 1.96
CA ASP C 284 -15.88 -1.27 0.83
C ASP C 284 -15.54 -2.73 1.09
N SER C 285 -14.69 -3.01 2.07
CA SER C 285 -14.29 -4.37 2.43
C SER C 285 -15.04 -4.88 3.64
N GLN C 286 -16.31 -4.51 3.78
CA GLN C 286 -17.13 -4.88 4.93
C GLN C 286 -18.05 -6.03 4.57
N LEU C 287 -18.09 -7.05 5.43
CA LEU C 287 -19.10 -8.08 5.34
C LEU C 287 -20.13 -7.98 6.46
N PHE C 288 -20.20 -6.84 7.13
CA PHE C 288 -21.22 -6.60 8.14
C PHE C 288 -22.07 -5.42 7.70
N ASN C 289 -23.19 -5.22 8.42
CA ASN C 289 -24.26 -4.29 8.03
C ASN C 289 -24.80 -4.60 6.63
N LYS C 290 -24.81 -5.88 6.26
CA LYS C 290 -25.25 -6.34 4.95
C LYS C 290 -26.13 -7.57 5.13
N PRO C 291 -27.22 -7.68 4.37
CA PRO C 291 -28.10 -8.85 4.52
C PRO C 291 -27.53 -10.06 3.82
N TYR C 292 -27.62 -11.21 4.48
CA TYR C 292 -27.08 -12.45 3.94
C TYR C 292 -28.11 -13.56 4.06
N TRP C 293 -28.39 -14.22 2.95
CA TRP C 293 -29.45 -15.21 2.88
C TRP C 293 -28.86 -16.61 2.84
N LEU C 294 -29.69 -17.58 3.19
CA LEU C 294 -29.29 -18.97 3.43
C LEU C 294 -30.10 -19.92 2.57
N HIS C 295 -30.17 -19.64 1.28
CA HIS C 295 -30.86 -20.54 0.35
C HIS C 295 -30.20 -21.92 0.32
N LYS C 296 -28.88 -21.96 0.30
CA LYS C 296 -28.14 -23.21 0.36
C LYS C 296 -26.96 -23.06 1.30
N ALA C 297 -26.75 -24.07 2.14
CA ALA C 297 -25.67 -24.08 3.11
C ALA C 297 -24.53 -24.97 2.64
N GLN C 298 -23.41 -24.91 3.36
CA GLN C 298 -22.25 -25.71 3.00
C GLN C 298 -22.41 -27.17 3.39
N GLY C 299 -23.11 -27.46 4.49
CA GLY C 299 -23.25 -28.79 5.00
C GLY C 299 -24.63 -29.38 4.75
N HIS C 300 -24.89 -30.49 5.43
CA HIS C 300 -26.20 -31.13 5.33
C HIS C 300 -27.27 -30.36 6.08
N ASN C 301 -26.87 -29.61 7.11
CA ASN C 301 -27.80 -28.73 7.81
C ASN C 301 -27.94 -27.45 7.00
N ASN C 302 -29.12 -27.24 6.42
CA ASN C 302 -29.38 -26.06 5.59
C ASN C 302 -30.05 -24.97 6.40
N GLY C 303 -29.36 -24.54 7.47
CA GLY C 303 -29.84 -23.46 8.30
C GLY C 303 -30.86 -23.85 9.33
N VAL C 304 -31.20 -25.14 9.45
CA VAL C 304 -32.20 -25.56 10.42
C VAL C 304 -31.62 -25.46 11.82
N CYS C 305 -32.28 -24.70 12.68
CA CYS C 305 -31.80 -24.42 14.04
C CYS C 305 -32.36 -25.47 14.99
N TRP C 306 -31.57 -26.52 15.24
CA TRP C 306 -31.99 -27.56 16.16
C TRP C 306 -31.91 -27.07 17.60
N HIS C 307 -32.78 -27.64 18.44
CA HIS C 307 -32.98 -27.27 19.84
C HIS C 307 -33.41 -25.82 20.01
N ASN C 308 -34.01 -25.24 18.95
CA ASN C 308 -34.57 -23.90 18.96
C ASN C 308 -33.54 -22.84 19.38
N GLN C 309 -32.33 -22.97 18.85
CA GLN C 309 -31.26 -22.05 19.21
C GLN C 309 -30.32 -21.88 18.02
N LEU C 310 -29.63 -20.76 18.02
CA LEU C 310 -28.68 -20.40 16.98
C LEU C 310 -27.40 -19.91 17.64
N PHE C 311 -26.27 -20.10 16.96
CA PHE C 311 -24.98 -19.63 17.44
C PHE C 311 -24.37 -18.77 16.36
N VAL C 312 -24.11 -17.50 16.69
CA VAL C 312 -23.58 -16.52 15.76
C VAL C 312 -22.23 -16.09 16.30
N THR C 313 -21.15 -16.59 15.70
CA THR C 313 -19.78 -16.22 16.07
C THR C 313 -19.33 -15.10 15.14
N VAL C 314 -19.14 -13.91 15.70
CA VAL C 314 -18.80 -12.72 14.93
C VAL C 314 -17.50 -12.14 15.47
N VAL C 315 -16.55 -11.92 14.58
CA VAL C 315 -15.36 -11.12 14.85
C VAL C 315 -15.38 -9.93 13.90
N ASP C 316 -15.29 -8.73 14.43
CA ASP C 316 -15.26 -7.49 13.66
C ASP C 316 -14.18 -6.60 14.24
N THR C 317 -12.98 -6.67 13.68
CA THR C 317 -11.87 -5.85 14.11
C THR C 317 -11.77 -4.54 13.35
N THR C 318 -12.68 -4.29 12.41
CA THR C 318 -12.68 -3.04 11.66
C THR C 318 -13.20 -1.87 12.47
N ARG C 319 -13.91 -2.13 13.56
CA ARG C 319 -14.35 -1.10 14.51
C ARG C 319 -13.63 -1.39 15.81
N SER C 320 -12.40 -0.88 15.94
CA SER C 320 -11.53 -1.25 17.04
C SER C 320 -11.04 -0.03 17.82
N THR C 321 -11.68 1.12 17.63
CA THR C 321 -11.23 2.34 18.28
C THR C 321 -11.46 2.26 19.79
N ASN C 322 -10.38 2.29 20.55
CA ASN C 322 -10.45 2.35 22.01
C ASN C 322 -10.52 3.81 22.41
N LEU C 323 -11.65 4.22 22.97
CA LEU C 323 -11.82 5.57 23.45
C LEU C 323 -10.86 5.85 24.60
N THR C 324 -10.24 7.03 24.57
CA THR C 324 -9.33 7.46 25.62
C THR C 324 -10.07 8.46 26.50
N ILE C 325 -10.16 8.16 27.80
CA ILE C 325 -10.93 8.96 28.75
C ILE C 325 -9.97 9.51 29.79
N CYS C 326 -10.04 10.82 30.02
CA CYS C 326 -9.21 11.46 31.02
C CYS C 326 -10.07 11.96 32.17
N ALA C 327 -9.55 11.82 33.39
CA ALA C 327 -10.22 12.31 34.58
C ALA C 327 -9.22 13.11 35.39
N SER C 328 -9.53 14.39 35.63
CA SER C 328 -8.67 15.21 36.47
C SER C 328 -8.80 14.77 37.92
N THR C 329 -7.67 14.60 38.60
CA THR C 329 -7.65 14.14 39.98
C THR C 329 -8.15 15.25 40.91
N GLN C 330 -8.08 16.49 40.44
CA GLN C 330 -8.56 17.65 41.18
C GLN C 330 -9.93 18.04 40.64
N SER C 331 -10.85 18.39 41.55
CA SER C 331 -12.23 18.64 41.14
C SER C 331 -12.37 19.84 40.20
N PRO C 332 -11.67 20.98 40.40
CA PRO C 332 -11.48 21.88 39.25
C PRO C 332 -10.38 21.35 38.34
N VAL C 333 -10.55 21.49 37.03
CA VAL C 333 -9.44 21.17 36.13
C VAL C 333 -8.32 22.18 36.35
N PRO C 334 -7.08 21.74 36.56
CA PRO C 334 -6.01 22.71 36.89
C PRO C 334 -5.70 23.66 35.75
N GLY C 335 -5.29 24.87 36.11
CA GLY C 335 -4.95 25.87 35.12
C GLY C 335 -3.71 25.52 34.33
N GLN C 336 -2.69 25.00 35.00
CA GLN C 336 -1.44 24.61 34.36
C GLN C 336 -1.36 23.09 34.29
N TYR C 337 -0.76 22.57 33.22
CA TYR C 337 -0.78 21.15 32.96
C TYR C 337 0.19 20.41 33.87
N ASP C 338 -0.29 19.34 34.50
CA ASP C 338 0.54 18.37 35.21
C ASP C 338 0.06 17.00 34.82
N ALA C 339 0.95 16.21 34.20
CA ALA C 339 0.56 14.88 33.73
C ALA C 339 0.28 13.93 34.89
N THR C 340 0.83 14.22 36.07
CA THR C 340 0.57 13.41 37.26
C THR C 340 -0.89 13.51 37.70
N LYS C 341 -1.53 14.66 37.49
CA LYS C 341 -2.87 14.91 38.01
C LYS C 341 -3.96 14.60 37.00
N PHE C 342 -3.69 13.74 36.02
CA PHE C 342 -4.69 13.27 35.07
C PHE C 342 -4.63 11.76 35.00
N LYS C 343 -5.78 11.11 35.17
CA LYS C 343 -5.89 9.66 35.08
C LYS C 343 -6.37 9.30 33.67
N GLN C 344 -5.66 8.38 33.03
CA GLN C 344 -5.95 7.94 31.67
C GLN C 344 -6.58 6.57 31.69
N TYR C 345 -7.65 6.41 30.92
CA TYR C 345 -8.38 5.15 30.82
C TYR C 345 -8.60 4.82 29.36
N SER C 346 -8.57 3.53 29.03
CA SER C 346 -8.88 3.05 27.70
C SER C 346 -10.15 2.22 27.81
N ARG C 347 -11.16 2.58 27.03
CA ARG C 347 -12.44 1.87 27.03
C ARG C 347 -12.83 1.58 25.59
N HIS C 348 -12.95 0.31 25.25
CA HIS C 348 -13.47 -0.10 23.95
C HIS C 348 -14.94 -0.43 24.09
N VAL C 349 -15.70 -0.11 23.04
CA VAL C 349 -17.15 -0.30 23.01
C VAL C 349 -17.49 -1.17 21.81
N GLU C 350 -18.40 -2.11 22.02
CA GLU C 350 -18.98 -2.94 20.97
C GLU C 350 -20.48 -2.70 20.90
N GLU C 351 -20.95 -2.35 19.72
CA GLU C 351 -22.37 -2.15 19.43
C GLU C 351 -22.78 -3.15 18.37
N TYR C 352 -23.79 -3.95 18.68
CA TYR C 352 -24.25 -5.02 17.82
C TYR C 352 -25.77 -4.95 17.70
N ASP C 353 -26.27 -5.37 16.55
CA ASP C 353 -27.71 -5.40 16.30
C ASP C 353 -27.99 -6.61 15.43
N LEU C 354 -28.66 -7.61 15.98
CA LEU C 354 -28.84 -8.90 15.32
C LEU C 354 -30.27 -9.00 14.82
N GLN C 355 -30.47 -8.90 13.50
CA GLN C 355 -31.73 -9.27 12.88
C GLN C 355 -31.61 -10.61 12.19
N PHE C 356 -32.67 -11.41 12.27
CA PHE C 356 -32.73 -12.68 11.58
C PHE C 356 -34.12 -12.83 10.97
N ILE C 357 -34.17 -13.43 9.79
CA ILE C 357 -35.41 -13.89 9.19
C ILE C 357 -35.42 -15.42 9.31
N PHE C 358 -36.37 -15.93 10.06
CA PHE C 358 -36.52 -17.35 10.32
C PHE C 358 -37.69 -17.91 9.53
N GLN C 359 -37.59 -19.19 9.19
CA GLN C 359 -38.64 -19.89 8.47
C GLN C 359 -39.18 -21.02 9.32
N LEU C 360 -40.51 -21.09 9.42
CA LEU C 360 -41.16 -22.22 10.06
C LEU C 360 -40.96 -23.47 9.21
N CYS C 361 -40.79 -24.62 9.87
CA CYS C 361 -40.46 -25.85 9.16
C CYS C 361 -41.14 -27.03 9.85
N THR C 362 -41.94 -27.77 9.09
CA THR C 362 -42.63 -28.94 9.60
C THR C 362 -41.80 -30.19 9.30
N ILE C 363 -41.71 -31.09 10.27
CA ILE C 363 -40.97 -32.33 10.14
C ILE C 363 -41.92 -33.48 10.38
N THR C 364 -42.13 -34.31 9.36
CA THR C 364 -42.99 -35.48 9.48
C THR C 364 -42.23 -36.58 10.20
N LEU C 365 -42.64 -36.88 11.43
CA LEU C 365 -41.92 -37.83 12.29
C LEU C 365 -42.37 -39.25 11.98
N THR C 366 -41.89 -39.76 10.84
CA THR C 366 -42.04 -41.17 10.52
C THR C 366 -41.00 -41.97 11.28
N ALA C 367 -41.07 -43.30 11.17
CA ALA C 367 -40.17 -44.17 11.91
C ALA C 367 -38.72 -43.99 11.45
N ASP C 368 -38.49 -43.93 10.13
CA ASP C 368 -37.15 -43.75 9.61
C ASP C 368 -36.59 -42.36 9.94
N VAL C 369 -37.43 -41.32 9.85
CA VAL C 369 -36.99 -39.98 10.18
C VAL C 369 -36.68 -39.85 11.67
N MET C 370 -37.53 -40.44 12.52
CA MET C 370 -37.28 -40.42 13.96
C MET C 370 -36.01 -41.18 14.31
N SER C 371 -35.78 -42.33 13.67
CA SER C 371 -34.54 -43.08 13.91
C SER C 371 -33.32 -42.30 13.44
N TYR C 372 -33.42 -41.61 12.30
CA TYR C 372 -32.30 -40.83 11.80
C TYR C 372 -31.97 -39.67 12.73
N ILE C 373 -32.99 -38.97 13.24
CA ILE C 373 -32.73 -37.85 14.14
C ILE C 373 -32.23 -38.36 15.50
N HIS C 374 -32.70 -39.54 15.94
CA HIS C 374 -32.19 -40.13 17.16
C HIS C 374 -30.71 -40.52 17.02
N SER C 375 -30.32 -41.05 15.87
CA SER C 375 -28.91 -41.31 15.62
C SER C 375 -28.13 -40.02 15.47
N MET C 376 -28.78 -38.96 14.98
CA MET C 376 -28.16 -37.65 14.89
C MET C 376 -27.90 -37.07 16.27
N ASN C 377 -28.97 -36.78 17.01
CA ASN C 377 -28.85 -36.28 18.38
C ASN C 377 -30.20 -36.56 19.02
N SER C 378 -30.20 -37.42 20.04
CA SER C 378 -31.46 -37.87 20.65
C SER C 378 -32.13 -36.78 21.50
N SER C 379 -31.40 -35.74 21.89
CA SER C 379 -31.98 -34.67 22.71
C SER C 379 -33.08 -33.91 21.96
N ILE C 380 -33.05 -33.93 20.63
CA ILE C 380 -34.14 -33.35 19.85
C ILE C 380 -35.44 -34.09 20.12
N LEU C 381 -35.39 -35.43 20.12
CA LEU C 381 -36.58 -36.21 20.44
C LEU C 381 -36.94 -36.13 21.92
N GLU C 382 -35.94 -35.94 22.81
CA GLU C 382 -36.26 -35.72 24.21
C GLU C 382 -37.01 -34.41 24.42
N ASP C 383 -36.60 -33.35 23.73
CA ASP C 383 -37.26 -32.06 23.88
C ASP C 383 -38.61 -32.01 23.17
N TRP C 384 -38.76 -32.75 22.06
CA TRP C 384 -40.03 -32.73 21.34
C TRP C 384 -41.09 -33.54 22.06
N ASN C 385 -40.70 -34.60 22.76
CA ASN C 385 -41.56 -35.62 23.41
C ASN C 385 -42.86 -35.96 22.67
N ASP C 421 -28.72 -29.97 27.75
CA ASP C 421 -27.90 -28.80 27.47
C ASP C 421 -26.42 -29.12 27.63
N PRO C 422 -25.77 -29.58 26.55
CA PRO C 422 -24.33 -29.85 26.63
C PRO C 422 -23.49 -28.59 26.83
N TYR C 423 -23.95 -27.44 26.36
CA TYR C 423 -23.15 -26.22 26.42
C TYR C 423 -23.57 -25.38 27.64
N ASP C 424 -23.49 -26.01 28.81
CA ASP C 424 -23.95 -25.40 30.05
C ASP C 424 -22.85 -24.71 30.84
N LYS C 425 -21.64 -25.27 30.87
CA LYS C 425 -20.53 -24.63 31.55
C LYS C 425 -19.87 -23.54 30.72
N LEU C 426 -20.17 -23.49 29.42
CA LEU C 426 -19.43 -22.65 28.49
C LEU C 426 -20.16 -21.33 28.30
N LYS C 427 -19.39 -20.25 28.19
CA LYS C 427 -19.93 -18.90 28.31
C LYS C 427 -20.23 -18.28 26.94
N PHE C 428 -21.43 -17.73 26.82
CA PHE C 428 -21.88 -17.13 25.57
C PHE C 428 -22.57 -15.81 25.86
N TRP C 429 -22.68 -14.98 24.83
CA TRP C 429 -23.51 -13.78 24.92
C TRP C 429 -24.93 -14.22 24.60
N ASN C 430 -25.75 -14.40 25.64
CA ASN C 430 -27.09 -14.92 25.46
C ASN C 430 -28.03 -13.81 25.05
N VAL C 431 -28.66 -13.94 23.87
CA VAL C 431 -29.71 -13.04 23.44
C VAL C 431 -31.00 -13.85 23.31
N ASP C 432 -32.05 -13.39 23.98
CA ASP C 432 -33.30 -14.13 24.13
C ASP C 432 -34.36 -13.46 23.27
N LEU C 433 -34.61 -14.02 22.08
CA LEU C 433 -35.67 -13.53 21.21
C LEU C 433 -36.93 -14.39 21.32
N LYS C 434 -37.23 -14.89 22.51
CA LYS C 434 -38.43 -15.69 22.70
C LYS C 434 -39.69 -14.84 22.54
N GLU C 435 -39.65 -13.59 22.98
CA GLU C 435 -40.78 -12.69 22.88
C GLU C 435 -40.61 -11.65 21.77
N LYS C 436 -39.65 -11.86 20.86
CA LYS C 436 -39.37 -10.90 19.80
C LYS C 436 -39.51 -11.52 18.41
N PHE C 437 -40.33 -12.56 18.27
CA PHE C 437 -40.69 -13.09 16.97
C PHE C 437 -41.95 -12.40 16.47
N SER C 438 -41.97 -12.03 15.19
CA SER C 438 -43.06 -11.25 14.64
C SER C 438 -43.37 -11.69 13.22
N LEU C 439 -44.67 -11.78 12.93
CA LEU C 439 -45.13 -12.11 11.58
C LEU C 439 -45.06 -10.94 10.62
N ASP C 440 -44.96 -9.71 11.13
CA ASP C 440 -44.96 -8.52 10.29
C ASP C 440 -43.52 -8.23 9.89
N LEU C 441 -43.12 -8.74 8.73
CA LEU C 441 -41.74 -8.59 8.28
C LEU C 441 -41.44 -7.17 7.80
N ASP C 442 -42.41 -6.49 7.19
CA ASP C 442 -42.17 -5.17 6.62
C ASP C 442 -41.90 -4.10 7.67
N GLN C 443 -42.15 -4.39 8.96
CA GLN C 443 -41.90 -3.43 10.02
C GLN C 443 -40.41 -3.24 10.30
N TYR C 444 -39.56 -4.14 9.81
CA TYR C 444 -38.16 -4.22 10.17
C TYR C 444 -37.29 -4.24 8.92
N PRO C 445 -36.06 -3.72 9.00
CA PRO C 445 -35.26 -3.55 7.77
C PRO C 445 -34.87 -4.85 7.07
N LEU C 446 -34.44 -5.86 7.84
CA LEU C 446 -34.12 -7.15 7.24
C LEU C 446 -35.36 -7.80 6.65
N GLY C 447 -36.51 -7.63 7.31
CA GLY C 447 -37.76 -8.11 6.74
C GLY C 447 -38.14 -7.39 5.46
N ARG C 448 -37.88 -6.08 5.39
CA ARG C 448 -38.11 -5.34 4.15
C ARG C 448 -37.22 -5.84 3.03
N LYS C 449 -35.94 -6.09 3.32
CA LYS C 449 -35.03 -6.61 2.30
C LYS C 449 -35.44 -8.02 1.87
N PHE C 450 -35.91 -8.84 2.81
CA PHE C 450 -36.38 -10.18 2.48
C PHE C 450 -37.63 -10.13 1.61
N LEU C 451 -38.55 -9.20 1.89
CA LEU C 451 -39.73 -9.06 1.06
C LEU C 451 -39.38 -8.49 -0.32
N VAL C 452 -38.31 -7.69 -0.39
CA VAL C 452 -37.84 -7.21 -1.69
C VAL C 452 -37.29 -8.37 -2.52
N GLN C 453 -36.46 -9.22 -1.92
CA GLN C 453 -35.86 -10.29 -2.70
C GLN C 453 -36.85 -11.41 -3.04
N ALA C 454 -37.99 -11.46 -2.35
CA ALA C 454 -38.97 -12.51 -2.60
C ALA C 454 -40.04 -12.03 -3.57
N ALA D 1 3.35 -38.50 -33.18
CA ALA D 1 2.58 -37.38 -32.64
C ALA D 1 1.86 -37.77 -31.36
N VAL D 2 1.92 -36.88 -30.37
CA VAL D 2 1.24 -37.11 -29.09
C VAL D 2 -0.19 -36.60 -29.21
N VAL D 3 -1.15 -37.48 -28.94
CA VAL D 3 -2.56 -37.14 -29.04
C VAL D 3 -3.07 -36.71 -27.67
N ASN D 4 -4.19 -36.00 -27.67
CA ASN D 4 -4.86 -35.67 -26.42
C ASN D 4 -5.39 -36.94 -25.76
N THR D 5 -5.47 -36.91 -24.43
CA THR D 5 -5.80 -38.14 -23.73
C THR D 5 -7.27 -38.50 -23.85
N ASP D 6 -8.12 -37.55 -24.24
CA ASP D 6 -9.56 -37.79 -24.33
C ASP D 6 -9.93 -38.69 -25.50
N ASP D 7 -9.00 -38.95 -26.42
CA ASP D 7 -9.29 -39.81 -27.57
C ASP D 7 -9.37 -41.28 -27.17
N TYR D 8 -8.49 -41.71 -26.27
CA TYR D 8 -8.39 -43.12 -25.90
C TYR D 8 -8.80 -43.39 -24.46
N VAL D 9 -9.13 -42.37 -23.68
CA VAL D 9 -9.57 -42.53 -22.30
C VAL D 9 -11.06 -42.22 -22.24
N THR D 10 -11.86 -43.22 -21.90
CA THR D 10 -13.31 -43.07 -21.81
C THR D 10 -13.70 -42.81 -20.36
N ARG D 11 -14.33 -41.67 -20.12
CA ARG D 11 -14.66 -41.24 -18.76
C ARG D 11 -16.03 -41.79 -18.38
N THR D 12 -16.07 -42.57 -17.29
CA THR D 12 -17.31 -43.11 -16.78
C THR D 12 -18.04 -42.07 -15.95
N SER D 13 -19.31 -42.35 -15.65
CA SER D 13 -20.17 -41.42 -14.94
C SER D 13 -20.05 -41.50 -13.43
N ILE D 14 -19.29 -42.46 -12.90
CA ILE D 14 -19.16 -42.63 -11.46
C ILE D 14 -17.95 -41.85 -10.96
N PHE D 15 -18.09 -41.28 -9.76
CA PHE D 15 -17.05 -40.46 -9.16
C PHE D 15 -16.77 -40.93 -7.74
N TYR D 16 -15.59 -40.58 -7.25
CA TYR D 16 -15.15 -40.91 -5.91
C TYR D 16 -14.64 -39.65 -5.23
N HIS D 17 -14.78 -39.61 -3.91
CA HIS D 17 -14.15 -38.58 -3.09
C HIS D 17 -13.03 -39.21 -2.28
N ALA D 18 -11.86 -38.58 -2.29
CA ALA D 18 -10.71 -39.07 -1.54
C ALA D 18 -10.07 -37.89 -0.82
N GLY D 19 -9.99 -37.98 0.50
CA GLY D 19 -9.43 -36.86 1.24
C GLY D 19 -8.72 -37.23 2.51
N SER D 20 -7.48 -36.79 2.65
CA SER D 20 -6.76 -36.92 3.92
C SER D 20 -7.42 -36.04 4.96
N SER D 21 -7.46 -36.53 6.20
CA SER D 21 -8.18 -35.83 7.27
C SER D 21 -7.48 -34.53 7.63
N ARG D 22 -6.22 -34.62 8.05
CA ARG D 22 -5.47 -33.44 8.48
C ARG D 22 -3.99 -33.76 8.42
N LEU D 23 -3.22 -32.92 7.72
CA LEU D 23 -1.78 -33.09 7.59
C LEU D 23 -1.11 -31.98 8.38
N LEU D 24 -0.50 -32.33 9.50
CA LEU D 24 0.09 -31.36 10.43
C LEU D 24 1.59 -31.59 10.52
N THR D 25 2.36 -30.52 10.35
CA THR D 25 3.79 -30.55 10.60
C THR D 25 4.20 -29.34 11.42
N VAL D 26 4.90 -29.58 12.52
CA VAL D 26 5.46 -28.53 13.37
C VAL D 26 6.98 -28.63 13.30
N GLY D 27 7.64 -27.53 13.01
CA GLY D 27 9.09 -27.58 12.95
C GLY D 27 9.70 -26.21 12.93
N ASN D 28 11.02 -26.17 13.13
CA ASN D 28 11.74 -24.91 13.12
C ASN D 28 11.75 -24.33 11.70
N PRO D 29 11.36 -23.06 11.53
CA PRO D 29 11.24 -22.50 10.17
C PRO D 29 12.57 -22.14 9.52
N TYR D 30 13.70 -22.28 10.21
CA TYR D 30 14.98 -21.86 9.66
C TYR D 30 15.97 -22.98 9.43
N PHE D 31 15.96 -24.02 10.27
CA PHE D 31 16.90 -25.12 10.11
C PHE D 31 16.33 -26.35 10.77
N ARG D 32 16.89 -27.50 10.40
CA ARG D 32 16.59 -28.75 11.09
C ARG D 32 17.37 -28.80 12.40
N VAL D 33 16.68 -29.13 13.49
CA VAL D 33 17.32 -29.22 14.80
C VAL D 33 17.68 -30.68 15.05
N PRO D 34 18.97 -30.99 15.25
CA PRO D 34 19.37 -32.38 15.54
C PRO D 34 18.79 -32.92 16.84
N ALA D 35 18.85 -34.24 17.01
CA ALA D 35 18.35 -34.87 18.22
C ALA D 35 19.21 -34.47 19.42
N GLY D 36 18.57 -34.45 20.59
CA GLY D 36 19.20 -33.96 21.80
C GLY D 36 18.70 -32.57 22.15
N GLY D 37 19.16 -32.08 23.30
CA GLY D 37 18.68 -30.82 23.82
C GLY D 37 17.22 -30.84 24.20
N GLY D 38 16.73 -31.96 24.71
CA GLY D 38 15.33 -32.11 25.06
C GLY D 38 14.45 -32.66 23.96
N ASN D 39 14.97 -32.86 22.75
CA ASN D 39 14.22 -33.44 21.65
C ASN D 39 14.70 -34.87 21.43
N LYS D 40 13.80 -35.83 21.66
CA LYS D 40 14.16 -37.23 21.42
C LYS D 40 14.25 -37.52 19.93
N GLN D 41 13.57 -36.73 19.10
CA GLN D 41 13.63 -36.86 17.67
C GLN D 41 13.96 -35.50 17.05
N ASP D 42 14.32 -35.52 15.77
CA ASP D 42 14.71 -34.29 15.09
C ASP D 42 13.50 -33.38 14.87
N ILE D 43 13.77 -32.08 14.81
CA ILE D 43 12.77 -31.08 14.48
C ILE D 43 12.97 -30.67 13.03
N PRO D 44 12.04 -30.99 12.13
CA PRO D 44 12.26 -30.71 10.71
C PRO D 44 12.23 -29.24 10.40
N LYS D 45 12.80 -28.88 9.25
CA LYS D 45 12.68 -27.51 8.76
C LYS D 45 11.31 -27.40 8.11
N VAL D 46 10.32 -27.02 8.90
CA VAL D 46 8.97 -26.80 8.41
C VAL D 46 8.79 -25.30 8.23
N SER D 47 8.59 -24.88 6.98
CA SER D 47 8.49 -23.46 6.66
C SER D 47 7.35 -23.24 5.67
N ALA D 48 6.80 -22.03 5.68
CA ALA D 48 5.79 -21.66 4.69
C ALA D 48 6.41 -21.37 3.33
N TYR D 49 7.67 -20.95 3.30
CA TYR D 49 8.36 -20.64 2.05
C TYR D 49 9.06 -21.88 1.50
N GLN D 50 8.32 -22.98 1.44
CA GLN D 50 8.89 -24.29 1.21
C GLN D 50 7.90 -25.10 0.38
N TYR D 51 8.44 -26.00 -0.44
CA TYR D 51 7.60 -26.78 -1.34
C TYR D 51 6.94 -27.91 -0.57
N ARG D 52 5.61 -27.93 -0.56
CA ARG D 52 4.85 -29.05 -0.02
C ARG D 52 4.42 -29.89 -1.21
N VAL D 53 5.22 -30.89 -1.55
CA VAL D 53 4.94 -31.78 -2.66
C VAL D 53 4.38 -33.06 -2.07
N PHE D 54 3.07 -33.20 -2.16
CA PHE D 54 2.38 -34.39 -1.68
C PHE D 54 2.32 -35.42 -2.81
N ARG D 55 2.81 -36.61 -2.52
CA ARG D 55 2.63 -37.77 -3.40
C ARG D 55 1.39 -38.50 -2.92
N VAL D 56 0.29 -38.32 -3.65
CA VAL D 56 -0.98 -38.95 -3.33
C VAL D 56 -0.99 -40.33 -3.95
N GLN D 57 -1.21 -41.36 -3.13
CA GLN D 57 -1.27 -42.73 -3.61
C GLN D 57 -2.73 -43.15 -3.76
N LEU D 58 -3.09 -43.59 -4.96
CA LEU D 58 -4.43 -44.06 -5.24
C LEU D 58 -4.44 -45.57 -5.37
N PRO D 59 -5.54 -46.22 -5.00
CA PRO D 59 -5.62 -47.67 -5.20
C PRO D 59 -5.71 -48.02 -6.68
N ASP D 60 -5.21 -49.21 -7.01
CA ASP D 60 -5.24 -49.68 -8.39
C ASP D 60 -6.67 -50.02 -8.74
N PRO D 61 -7.31 -49.32 -9.69
CA PRO D 61 -8.74 -49.55 -9.94
C PRO D 61 -9.05 -50.88 -10.58
N ASN D 62 -8.04 -51.59 -11.10
CA ASN D 62 -8.26 -52.90 -11.69
C ASN D 62 -8.41 -54.00 -10.64
N LYS D 63 -8.24 -53.68 -9.35
CA LYS D 63 -8.17 -54.69 -8.32
C LYS D 63 -9.29 -54.61 -7.28
N PHE D 64 -9.56 -53.43 -6.73
CA PHE D 64 -10.48 -53.39 -5.59
C PHE D 64 -11.92 -53.38 -6.08
N GLY D 65 -12.86 -53.47 -5.12
CA GLY D 65 -14.25 -53.61 -5.47
C GLY D 65 -14.86 -52.33 -6.01
N LEU D 66 -15.83 -52.51 -6.90
CA LEU D 66 -16.51 -51.43 -7.60
C LEU D 66 -18.01 -51.61 -7.45
N PRO D 67 -18.79 -50.52 -7.54
CA PRO D 67 -20.26 -50.67 -7.44
C PRO D 67 -20.86 -51.53 -8.53
N ASP D 68 -20.29 -51.54 -9.73
CA ASP D 68 -20.71 -52.43 -10.80
C ASP D 68 -19.48 -53.01 -11.47
N THR D 69 -19.37 -54.33 -11.44
CA THR D 69 -18.22 -54.99 -12.04
C THR D 69 -18.27 -54.94 -13.56
N SER D 70 -19.47 -54.94 -14.14
CA SER D 70 -19.66 -55.04 -15.59
C SER D 70 -19.46 -53.71 -16.32
N ILE D 71 -18.91 -52.69 -15.67
CA ILE D 71 -18.65 -51.43 -16.37
C ILE D 71 -17.41 -51.51 -17.25
N TYR D 72 -16.57 -52.53 -17.07
CA TYR D 72 -15.37 -52.68 -17.88
C TYR D 72 -15.17 -54.16 -18.17
N ASN D 73 -14.43 -54.44 -19.24
CA ASN D 73 -14.08 -55.81 -19.58
C ASN D 73 -12.61 -56.04 -19.23
N PRO D 74 -12.29 -56.86 -18.23
CA PRO D 74 -10.87 -57.10 -17.89
C PRO D 74 -10.07 -57.75 -19.02
N GLU D 75 -10.74 -58.43 -19.95
CA GLU D 75 -10.04 -59.07 -21.06
C GLU D 75 -9.47 -58.04 -22.02
N THR D 76 -10.19 -56.94 -22.27
CA THR D 76 -9.79 -55.98 -23.28
C THR D 76 -9.75 -54.53 -22.80
N GLN D 77 -9.83 -54.29 -21.48
CA GLN D 77 -9.82 -52.93 -20.97
C GLN D 77 -9.04 -52.86 -19.66
N ARG D 78 -8.60 -51.65 -19.33
CA ARG D 78 -7.96 -51.35 -18.07
C ARG D 78 -8.50 -50.02 -17.54
N LEU D 79 -8.34 -49.81 -16.24
CA LEU D 79 -8.90 -48.63 -15.59
C LEU D 79 -7.79 -47.70 -15.11
N VAL D 80 -8.16 -46.42 -14.96
CA VAL D 80 -7.25 -45.38 -14.52
C VAL D 80 -8.08 -44.28 -13.86
N TRP D 81 -7.46 -43.55 -12.94
CA TRP D 81 -8.12 -42.44 -12.28
C TRP D 81 -7.83 -41.13 -13.00
N ALA D 82 -8.84 -40.26 -13.06
CA ALA D 82 -8.68 -38.91 -13.56
C ALA D 82 -9.17 -37.94 -12.51
N CYS D 83 -8.35 -36.94 -12.20
CA CYS D 83 -8.69 -35.96 -11.17
C CYS D 83 -9.75 -35.02 -11.74
N ALA D 84 -10.97 -35.10 -11.21
CA ALA D 84 -12.05 -34.25 -11.66
C ALA D 84 -12.20 -32.99 -10.83
N GLY D 85 -11.65 -32.96 -9.62
CA GLY D 85 -11.72 -31.77 -8.79
C GLY D 85 -10.73 -31.84 -7.65
N VAL D 86 -10.32 -30.67 -7.17
CA VAL D 86 -9.33 -30.57 -6.11
C VAL D 86 -9.73 -29.46 -5.15
N GLU D 87 -9.35 -29.63 -3.88
CA GLU D 87 -9.45 -28.57 -2.89
C GLU D 87 -8.30 -28.77 -1.91
N ILE D 88 -7.37 -27.81 -1.91
CA ILE D 88 -6.25 -27.82 -0.97
C ILE D 88 -6.66 -26.88 0.16
N GLY D 89 -7.32 -27.42 1.17
CA GLY D 89 -7.69 -26.60 2.30
C GLY D 89 -6.50 -26.36 3.20
N ARG D 90 -5.97 -25.14 3.13
CA ARG D 90 -4.86 -24.71 3.97
C ARG D 90 -5.46 -23.99 5.16
N GLY D 91 -5.52 -24.66 6.30
CA GLY D 91 -6.36 -24.28 7.41
C GLY D 91 -5.76 -23.45 8.51
N GLN D 92 -4.49 -23.05 8.41
CA GLN D 92 -3.89 -22.21 9.43
C GLN D 92 -4.43 -20.78 9.33
N PRO D 93 -4.30 -19.99 10.40
CA PRO D 93 -4.59 -18.56 10.28
C PRO D 93 -3.63 -17.88 9.32
N LEU D 94 -4.16 -16.89 8.59
CA LEU D 94 -3.33 -16.08 7.72
C LEU D 94 -2.40 -15.21 8.55
N GLY D 95 -1.14 -15.13 8.14
CA GLY D 95 -0.18 -14.38 8.92
C GLY D 95 1.09 -14.12 8.15
N VAL D 96 1.91 -13.23 8.71
CA VAL D 96 3.20 -12.89 8.17
C VAL D 96 4.28 -13.44 9.10
N GLY D 97 5.43 -13.73 8.53
CA GLY D 97 6.55 -14.24 9.31
C GLY D 97 7.85 -13.82 8.67
N LEU D 98 8.89 -13.80 9.49
CA LEU D 98 10.19 -13.30 9.07
C LEU D 98 11.24 -14.40 9.09
N SER D 99 12.06 -14.40 8.06
CA SER D 99 13.29 -15.17 8.03
C SER D 99 14.46 -14.20 8.05
N GLY D 100 15.49 -14.50 8.82
CA GLY D 100 16.58 -13.55 8.93
C GLY D 100 17.90 -14.26 9.17
N HIS D 101 18.96 -13.47 9.07
CA HIS D 101 20.28 -13.96 9.38
C HIS D 101 20.86 -13.17 10.55
N PRO D 102 21.45 -13.86 11.53
CA PRO D 102 22.18 -13.14 12.59
C PRO D 102 23.36 -12.35 12.05
N PHE D 103 24.01 -12.83 11.00
CA PHE D 103 25.08 -12.11 10.32
C PHE D 103 24.62 -11.93 8.88
N TYR D 104 23.86 -10.88 8.63
CA TYR D 104 23.38 -10.59 7.28
C TYR D 104 24.40 -9.70 6.60
N ASN D 105 24.88 -10.13 5.44
CA ASN D 105 25.92 -9.38 4.72
C ASN D 105 25.28 -8.21 4.00
N LYS D 106 24.94 -7.19 4.78
CA LYS D 106 24.57 -5.89 4.25
C LYS D 106 25.57 -4.88 4.77
N LEU D 107 26.10 -4.06 3.86
CA LEU D 107 27.11 -3.07 4.26
C LEU D 107 26.46 -1.88 4.96
N ASP D 108 25.53 -1.22 4.28
CA ASP D 108 24.83 -0.07 4.83
C ASP D 108 23.55 0.15 4.02
N ASP D 109 22.74 1.09 4.48
CA ASP D 109 21.50 1.43 3.79
C ASP D 109 21.82 2.40 2.66
N THR D 110 21.66 1.92 1.42
CA THR D 110 21.86 2.75 0.24
C THR D 110 20.58 3.45 -0.20
N GLU D 111 19.51 3.31 0.58
CA GLU D 111 18.22 3.90 0.18
C GLU D 111 18.21 5.41 0.41
N SER D 112 18.33 5.84 1.67
CA SER D 112 18.16 7.24 2.02
C SER D 112 19.37 7.85 2.70
N SER D 113 19.94 7.17 3.69
CA SER D 113 20.89 7.79 4.61
C SER D 113 22.24 8.02 3.96
N HIS D 114 22.94 9.06 4.44
CA HIS D 114 24.32 9.36 4.05
C HIS D 114 25.24 8.40 4.79
N ALA D 115 25.25 7.15 4.34
CA ALA D 115 25.86 6.09 5.14
C ALA D 115 27.37 6.03 4.98
N ALA D 116 27.85 5.71 3.78
CA ALA D 116 29.27 5.54 3.53
C ALA D 116 29.51 5.49 2.03
N THR D 117 30.68 5.95 1.61
CA THR D 117 31.10 5.90 0.21
C THR D 117 32.57 5.48 0.19
N SER D 118 32.85 4.28 0.72
CA SER D 118 34.20 3.77 0.79
C SER D 118 34.19 2.26 0.89
N ASN D 119 35.34 1.66 0.64
CA ASN D 119 35.52 0.24 0.91
C ASN D 119 35.68 0.03 2.41
N VAL D 120 34.93 -0.93 2.95
CA VAL D 120 34.94 -1.25 4.38
C VAL D 120 35.50 -2.65 4.56
N SER D 121 36.51 -2.79 5.41
CA SER D 121 37.16 -4.07 5.65
C SER D 121 36.76 -4.72 6.97
N GLU D 122 36.20 -3.96 7.91
CA GLU D 122 35.81 -4.52 9.19
C GLU D 122 34.48 -5.26 9.07
N ASP D 123 34.16 -6.03 10.10
CA ASP D 123 32.92 -6.81 10.12
C ASP D 123 31.76 -5.91 10.51
N VAL D 124 30.80 -5.74 9.60
CA VAL D 124 29.63 -4.92 9.85
C VAL D 124 28.34 -5.70 9.61
N ARG D 125 28.40 -7.02 9.74
CA ARG D 125 27.21 -7.85 9.59
C ARG D 125 26.28 -7.64 10.78
N ASP D 126 25.00 -7.42 10.48
CA ASP D 126 24.00 -7.12 11.50
C ASP D 126 22.90 -8.18 11.48
N ASN D 127 22.25 -8.35 12.62
CA ASN D 127 21.12 -9.28 12.76
C ASN D 127 19.93 -8.69 12.03
N VAL D 128 19.67 -9.17 10.83
CA VAL D 128 18.67 -8.57 9.94
C VAL D 128 17.66 -9.64 9.54
N SER D 129 16.38 -9.33 9.71
CA SER D 129 15.29 -10.20 9.30
C SER D 129 14.48 -9.52 8.21
N VAL D 130 13.97 -10.32 7.28
CA VAL D 130 13.13 -9.85 6.20
C VAL D 130 11.91 -10.75 6.12
N ASP D 131 10.84 -10.20 5.56
CA ASP D 131 9.79 -11.06 5.04
C ASP D 131 10.16 -11.45 3.61
N TYR D 132 9.33 -12.25 2.97
CA TYR D 132 9.65 -12.74 1.64
C TYR D 132 8.56 -12.32 0.66
N LYS D 133 8.68 -12.81 -0.57
CA LYS D 133 7.62 -12.58 -1.54
C LYS D 133 6.42 -13.45 -1.20
N GLN D 134 5.25 -12.84 -1.18
CA GLN D 134 4.01 -13.53 -0.85
C GLN D 134 3.55 -14.24 -2.13
N THR D 135 3.77 -15.54 -2.18
CA THR D 135 3.47 -16.34 -3.36
C THR D 135 2.62 -17.54 -2.99
N GLN D 136 1.70 -17.90 -3.89
CA GLN D 136 0.96 -19.15 -3.79
C GLN D 136 1.04 -19.83 -5.15
N LEU D 137 1.45 -21.09 -5.16
CA LEU D 137 1.41 -21.90 -6.36
C LEU D 137 0.81 -23.25 -6.04
N CYS D 138 -0.06 -23.72 -6.92
CA CYS D 138 -0.70 -25.03 -6.77
C CYS D 138 -0.61 -25.77 -8.09
N ILE D 139 0.11 -26.87 -8.10
CA ILE D 139 0.39 -27.64 -9.31
C ILE D 139 -0.08 -29.07 -9.08
N LEU D 140 -0.97 -29.55 -9.94
CA LEU D 140 -1.37 -30.95 -9.95
C LEU D 140 -0.89 -31.62 -11.22
N GLY D 141 -0.20 -32.75 -11.06
CA GLY D 141 0.19 -33.58 -12.17
C GLY D 141 0.13 -35.04 -11.75
N CYS D 142 0.34 -35.93 -12.71
CA CYS D 142 0.59 -37.32 -12.39
C CYS D 142 2.07 -37.64 -12.36
N ALA D 143 2.92 -36.64 -12.56
CA ALA D 143 4.36 -36.65 -12.41
C ALA D 143 4.76 -35.43 -11.59
N PRO D 144 5.85 -35.51 -10.82
CA PRO D 144 6.24 -34.37 -10.00
C PRO D 144 6.69 -33.17 -10.84
N ALA D 145 6.47 -31.99 -10.30
CA ALA D 145 6.74 -30.76 -11.03
C ALA D 145 8.24 -30.54 -11.18
N ILE D 146 8.60 -29.79 -12.22
CA ILE D 146 9.98 -29.46 -12.53
C ILE D 146 10.27 -28.06 -12.02
N GLY D 147 11.44 -27.87 -11.45
CA GLY D 147 11.84 -26.58 -10.93
C GLY D 147 13.18 -26.12 -11.45
N GLU D 148 13.24 -24.87 -11.91
CA GLU D 148 14.46 -24.28 -12.44
C GLU D 148 15.17 -23.47 -11.36
N HIS D 149 16.49 -23.58 -11.35
CA HIS D 149 17.31 -22.74 -10.47
C HIS D 149 18.66 -22.52 -11.12
N TRP D 150 19.40 -21.56 -10.58
CA TRP D 150 20.70 -21.19 -11.11
C TRP D 150 21.79 -21.73 -10.18
N ALA D 151 22.75 -22.46 -10.75
CA ALA D 151 23.80 -23.07 -9.97
C ALA D 151 25.14 -22.87 -10.68
N LYS D 152 26.19 -23.39 -10.06
CA LYS D 152 27.52 -23.30 -10.65
C LYS D 152 27.62 -24.19 -11.88
N GLY D 153 28.37 -23.72 -12.88
CA GLY D 153 28.62 -24.54 -14.04
C GLY D 153 29.69 -25.58 -13.78
N THR D 154 29.86 -26.46 -14.76
CA THR D 154 30.87 -27.50 -14.65
C THR D 154 32.27 -26.90 -14.77
N ALA D 155 33.25 -27.59 -14.19
CA ALA D 155 34.63 -27.13 -14.22
C ALA D 155 35.28 -27.60 -15.51
N SER D 156 35.61 -26.65 -16.40
CA SER D 156 36.24 -26.99 -17.66
C SER D 156 37.69 -27.39 -17.44
N LYS D 157 38.08 -28.52 -18.03
CA LYS D 157 39.47 -28.98 -17.88
C LYS D 157 40.43 -28.11 -18.69
N SER D 158 39.97 -27.54 -19.81
CA SER D 158 40.85 -26.71 -20.62
C SER D 158 41.12 -25.37 -19.96
N ARG D 159 40.09 -24.75 -19.38
CA ARG D 159 40.21 -23.45 -18.72
C ARG D 159 39.63 -23.59 -17.31
N PRO D 160 40.44 -23.98 -16.33
CA PRO D 160 39.94 -24.03 -14.95
C PRO D 160 39.64 -22.65 -14.41
N LEU D 161 38.67 -22.60 -13.49
CA LEU D 161 38.24 -21.35 -12.90
C LEU D 161 39.13 -21.00 -11.70
N SER D 162 39.69 -19.80 -11.73
CA SER D 162 40.52 -19.34 -10.62
C SER D 162 39.66 -19.05 -9.40
N GLN D 163 40.25 -19.21 -8.22
CA GLN D 163 39.52 -18.99 -6.98
C GLN D 163 39.25 -17.50 -6.79
N GLY D 164 38.01 -17.17 -6.41
CA GLY D 164 37.57 -15.81 -6.26
C GLY D 164 36.83 -15.25 -7.44
N ASP D 165 36.98 -15.85 -8.62
CA ASP D 165 36.25 -15.43 -9.80
C ASP D 165 34.81 -15.91 -9.73
N CYS D 166 33.95 -15.24 -10.48
CA CYS D 166 32.54 -15.61 -10.52
C CYS D 166 32.36 -16.87 -11.34
N PRO D 167 31.82 -17.95 -10.76
CA PRO D 167 31.62 -19.16 -11.55
C PRO D 167 30.48 -18.96 -12.55
N PRO D 168 30.50 -19.68 -13.68
CA PRO D 168 29.44 -19.49 -14.67
C PRO D 168 28.12 -20.05 -14.19
N LEU D 169 27.09 -19.21 -14.23
CA LEU D 169 25.75 -19.64 -13.83
C LEU D 169 25.15 -20.52 -14.91
N GLU D 170 24.58 -21.64 -14.52
CA GLU D 170 23.86 -22.49 -15.46
C GLU D 170 22.51 -22.86 -14.86
N LEU D 171 21.55 -23.11 -15.74
CA LEU D 171 20.16 -23.34 -15.35
C LEU D 171 19.93 -24.83 -15.19
N LYS D 172 19.75 -25.27 -13.95
CA LYS D 172 19.43 -26.66 -13.66
C LYS D 172 17.92 -26.81 -13.49
N ASN D 173 17.35 -27.79 -14.17
CA ASN D 173 15.95 -28.15 -14.07
C ASN D 173 15.85 -29.42 -13.25
N THR D 174 15.71 -29.28 -11.94
CA THR D 174 15.58 -30.40 -11.05
C THR D 174 14.11 -30.70 -10.81
N VAL D 175 13.83 -31.62 -9.90
CA VAL D 175 12.46 -32.03 -9.59
C VAL D 175 12.01 -31.33 -8.32
N LEU D 176 10.86 -30.67 -8.38
CA LEU D 176 10.26 -30.05 -7.20
C LEU D 176 9.81 -31.15 -6.25
N GLU D 177 10.54 -31.33 -5.16
CA GLU D 177 10.25 -32.34 -4.16
C GLU D 177 9.92 -31.67 -2.84
N ASP D 178 9.43 -32.47 -1.89
CA ASP D 178 9.08 -31.94 -0.58
C ASP D 178 10.32 -31.50 0.16
N GLY D 179 10.23 -30.36 0.83
CA GLY D 179 11.38 -29.78 1.51
C GLY D 179 12.19 -28.82 0.67
N ASP D 180 11.93 -28.75 -0.64
CA ASP D 180 12.61 -27.78 -1.48
C ASP D 180 12.10 -26.37 -1.17
N MET D 181 12.94 -25.38 -1.41
CA MET D 181 12.65 -24.02 -1.02
C MET D 181 12.14 -23.23 -2.23
N VAL D 182 11.09 -22.45 -2.02
CA VAL D 182 10.48 -21.67 -3.09
C VAL D 182 11.30 -20.39 -3.25
N ASP D 183 11.11 -19.67 -4.36
CA ASP D 183 11.70 -18.35 -4.51
C ASP D 183 11.22 -17.42 -3.42
N THR D 184 12.14 -16.63 -2.87
CA THR D 184 11.88 -15.80 -1.71
C THR D 184 12.11 -14.32 -1.98
N GLY D 185 12.24 -13.94 -3.25
CA GLY D 185 12.61 -12.58 -3.60
C GLY D 185 14.10 -12.36 -3.80
N TYR D 186 14.92 -13.34 -3.45
CA TYR D 186 16.36 -13.30 -3.69
C TYR D 186 16.76 -14.04 -4.96
N GLY D 187 15.81 -14.67 -5.63
CA GLY D 187 16.08 -15.39 -6.86
C GLY D 187 16.12 -16.89 -6.64
N ALA D 188 15.75 -17.63 -7.68
CA ALA D 188 15.84 -19.08 -7.66
C ALA D 188 17.28 -19.46 -7.95
N MET D 189 18.04 -19.72 -6.88
CA MET D 189 19.47 -19.89 -7.03
C MET D 189 19.97 -20.83 -5.93
N ASP D 190 21.03 -21.58 -6.24
CA ASP D 190 21.73 -22.42 -5.27
C ASP D 190 22.57 -21.51 -4.40
N PHE D 191 22.06 -21.13 -3.23
CA PHE D 191 22.80 -20.25 -2.33
C PHE D 191 23.93 -20.98 -1.62
N SER D 192 23.89 -22.31 -1.55
CA SER D 192 24.92 -23.04 -0.83
C SER D 192 26.25 -23.04 -1.57
N THR D 193 26.21 -23.04 -2.91
CA THR D 193 27.43 -23.07 -3.72
C THR D 193 27.80 -21.72 -4.29
N LEU D 194 26.81 -20.90 -4.67
CA LEU D 194 27.10 -19.62 -5.29
C LEU D 194 27.38 -18.51 -4.28
N GLN D 195 27.03 -18.70 -3.02
CA GLN D 195 27.37 -17.75 -1.96
C GLN D 195 28.23 -18.47 -0.92
N ASP D 196 29.54 -18.29 -1.02
CA ASP D 196 30.47 -18.87 -0.07
C ASP D 196 30.52 -18.13 1.25
N THR D 197 29.98 -16.92 1.30
CA THR D 197 29.99 -16.14 2.54
C THR D 197 29.00 -16.69 3.55
N LYS D 198 27.92 -17.33 3.08
CA LYS D 198 26.84 -17.87 3.91
C LYS D 198 26.19 -16.80 4.77
N CYS D 199 26.14 -15.56 4.26
CA CYS D 199 25.67 -14.44 5.05
C CYS D 199 24.81 -13.46 4.29
N GLU D 200 24.47 -13.71 3.03
CA GLU D 200 23.76 -12.72 2.23
C GLU D 200 22.25 -12.91 2.25
N VAL D 201 21.79 -14.10 2.63
CA VAL D 201 20.36 -14.44 2.63
C VAL D 201 20.05 -15.09 3.98
N PRO D 202 18.78 -15.06 4.40
CA PRO D 202 18.43 -15.61 5.72
C PRO D 202 18.71 -17.10 5.86
N LEU D 203 18.54 -17.58 7.10
CA LEU D 203 19.04 -18.89 7.49
C LEU D 203 18.30 -20.03 6.79
N ASP D 204 17.01 -19.86 6.52
CA ASP D 204 16.23 -20.92 5.89
C ASP D 204 16.63 -21.13 4.44
N ILE D 205 17.19 -20.12 3.79
CA ILE D 205 17.67 -20.22 2.41
C ILE D 205 19.17 -19.99 2.30
N CYS D 206 19.88 -20.02 3.44
CA CYS D 206 21.31 -19.75 3.43
C CYS D 206 22.09 -20.86 2.73
N GLN D 207 21.78 -22.11 3.05
CA GLN D 207 22.43 -23.27 2.45
C GLN D 207 21.44 -24.16 1.70
N SER D 208 20.32 -23.59 1.27
CA SER D 208 19.30 -24.33 0.55
C SER D 208 19.27 -23.88 -0.91
N ILE D 209 18.67 -24.72 -1.74
CA ILE D 209 18.50 -24.43 -3.16
C ILE D 209 17.09 -23.90 -3.34
N CYS D 210 16.97 -22.60 -3.61
CA CYS D 210 15.68 -22.02 -3.94
C CYS D 210 15.32 -22.35 -5.37
N LYS D 211 14.15 -22.95 -5.57
CA LYS D 211 13.72 -23.41 -6.88
C LYS D 211 12.42 -22.73 -7.26
N TYR D 212 12.33 -22.34 -8.52
CA TYR D 212 11.12 -21.80 -9.09
C TYR D 212 10.63 -22.75 -10.17
N PRO D 213 9.32 -22.98 -10.30
CA PRO D 213 8.84 -23.90 -11.33
C PRO D 213 9.02 -23.31 -12.72
N ASP D 214 9.69 -24.05 -13.59
CA ASP D 214 9.80 -23.65 -15.00
C ASP D 214 8.50 -24.06 -15.70
N TYR D 215 7.52 -23.15 -15.63
CA TYR D 215 6.23 -23.40 -16.25
C TYR D 215 6.33 -23.51 -17.77
N LEU D 216 7.36 -22.92 -18.37
CA LEU D 216 7.56 -23.09 -19.81
C LEU D 216 7.98 -24.52 -20.14
N GLN D 217 8.83 -25.12 -19.31
CA GLN D 217 9.39 -26.42 -19.63
C GLN D 217 8.37 -27.55 -19.45
N MET D 218 7.56 -27.48 -18.38
CA MET D 218 6.59 -28.53 -18.13
C MET D 218 5.24 -28.28 -18.81
N SER D 219 5.06 -27.13 -19.46
CA SER D 219 3.96 -26.98 -20.40
C SER D 219 4.37 -27.35 -21.81
N ALA D 220 5.66 -27.27 -22.12
CA ALA D 220 6.19 -27.78 -23.38
C ALA D 220 6.50 -29.27 -23.31
N ASP D 221 6.18 -29.92 -22.19
CA ASP D 221 6.25 -31.37 -22.12
C ASP D 221 5.27 -31.96 -23.14
N PRO D 222 5.69 -32.95 -23.93
CA PRO D 222 4.78 -33.52 -24.94
C PRO D 222 3.53 -34.16 -24.36
N TYR D 223 3.63 -34.78 -23.18
CA TYR D 223 2.50 -35.49 -22.59
C TYR D 223 1.78 -34.67 -21.53
N GLY D 224 2.41 -33.64 -20.98
CA GLY D 224 1.78 -32.84 -19.95
C GLY D 224 1.52 -33.56 -18.65
N ASP D 225 2.36 -34.55 -18.32
CA ASP D 225 2.15 -35.35 -17.12
C ASP D 225 2.55 -34.59 -15.87
N SER D 226 3.61 -33.79 -15.95
CA SER D 226 4.15 -33.12 -14.76
C SER D 226 3.21 -32.04 -14.24
N MET D 227 2.40 -31.45 -15.11
CA MET D 227 1.56 -30.32 -14.72
C MET D 227 0.37 -30.29 -15.65
N PHE D 228 -0.79 -30.73 -15.16
CA PHE D 228 -2.04 -30.49 -15.86
C PHE D 228 -2.95 -29.49 -15.15
N PHE D 229 -2.60 -29.07 -13.94
CA PHE D 229 -3.33 -27.98 -13.30
C PHE D 229 -2.30 -27.08 -12.64
N CYS D 230 -2.46 -25.77 -12.80
CA CYS D 230 -1.53 -24.81 -12.22
C CYS D 230 -2.26 -23.54 -11.82
N LEU D 231 -1.92 -23.04 -10.63
CA LEU D 231 -2.35 -21.73 -10.16
C LEU D 231 -1.15 -20.97 -9.61
N ARG D 232 -1.04 -19.71 -10.00
CA ARG D 232 0.07 -18.82 -9.65
C ARG D 232 -0.49 -17.53 -9.07
N ARG D 233 0.14 -17.03 -8.01
CA ARG D 233 -0.03 -15.61 -7.67
C ARG D 233 1.19 -15.22 -6.85
N GLU D 234 2.02 -14.33 -7.40
CA GLU D 234 3.19 -13.80 -6.71
C GLU D 234 2.98 -12.32 -6.44
N GLN D 235 3.54 -11.85 -5.32
CA GLN D 235 3.41 -10.44 -4.95
C GLN D 235 4.59 -10.06 -4.08
N LEU D 236 5.34 -9.03 -4.51
CA LEU D 236 6.46 -8.56 -3.69
C LEU D 236 6.79 -7.12 -4.04
N PHE D 237 7.56 -6.50 -3.14
CA PHE D 237 8.18 -5.21 -3.39
C PHE D 237 9.47 -5.15 -2.59
N ALA D 238 10.17 -4.02 -2.69
CA ALA D 238 11.43 -3.81 -2.00
C ALA D 238 11.22 -2.82 -0.87
N ARG D 239 11.49 -3.27 0.37
CA ARG D 239 11.41 -2.35 1.50
C ARG D 239 12.67 -1.52 1.63
N HIS D 240 13.81 -2.18 1.82
CA HIS D 240 15.06 -1.51 2.11
C HIS D 240 16.11 -1.90 1.07
N PHE D 241 16.96 -0.93 0.74
CA PHE D 241 17.97 -1.09 -0.30
C PHE D 241 19.31 -1.20 0.40
N TRP D 242 20.05 -2.28 0.13
CA TRP D 242 21.22 -2.59 0.93
C TRP D 242 22.42 -2.83 0.04
N ASN D 243 23.57 -2.32 0.48
CA ASN D 243 24.83 -2.61 -0.16
C ASN D 243 25.42 -3.86 0.46
N ARG D 244 26.11 -4.66 -0.35
CA ARG D 244 26.70 -5.90 0.11
C ARG D 244 28.19 -5.69 0.35
N ALA D 245 28.63 -5.99 1.58
CA ALA D 245 30.02 -5.79 1.94
C ALA D 245 30.90 -6.84 1.28
N GLY D 246 32.15 -6.47 1.03
CA GLY D 246 33.13 -7.34 0.43
C GLY D 246 33.85 -6.67 -0.72
N THR D 247 34.79 -7.42 -1.28
CA THR D 247 35.51 -6.95 -2.46
C THR D 247 34.59 -6.98 -3.67
N MET D 248 34.71 -5.97 -4.53
CA MET D 248 33.99 -5.96 -5.80
C MET D 248 34.81 -6.71 -6.83
N GLY D 249 34.34 -7.89 -7.22
CA GLY D 249 35.05 -8.67 -8.22
C GLY D 249 35.03 -8.02 -9.59
N ASP D 250 33.87 -7.51 -9.99
CA ASP D 250 33.75 -6.74 -11.23
C ASP D 250 33.90 -5.27 -10.87
N THR D 251 35.07 -4.71 -11.15
CA THR D 251 35.32 -3.31 -10.84
C THR D 251 34.50 -2.40 -11.76
N VAL D 252 33.97 -1.33 -11.19
CA VAL D 252 33.20 -0.36 -11.97
C VAL D 252 34.13 0.35 -12.94
N PRO D 253 33.77 0.43 -14.23
CA PRO D 253 34.67 1.07 -15.20
C PRO D 253 34.81 2.56 -14.94
N GLN D 254 35.98 3.09 -15.32
CA GLN D 254 36.29 4.50 -15.11
C GLN D 254 35.43 5.43 -15.95
N SER D 255 34.80 4.91 -17.00
CA SER D 255 33.92 5.70 -17.86
C SER D 255 32.51 5.82 -17.31
N LEU D 256 32.25 5.31 -16.10
CA LEU D 256 30.93 5.36 -15.50
C LEU D 256 30.86 6.31 -14.30
N TYR D 257 31.97 6.92 -13.91
CA TYR D 257 31.98 7.85 -12.80
C TYR D 257 33.15 8.81 -12.95
N ILE D 258 33.19 9.80 -12.07
CA ILE D 258 34.30 10.74 -11.97
C ILE D 258 34.92 10.58 -10.58
N LYS D 259 36.24 10.44 -10.55
CA LYS D 259 36.94 10.22 -9.29
C LYS D 259 36.85 11.44 -8.38
N GLY D 260 36.73 11.17 -7.08
CA GLY D 260 36.79 12.20 -6.06
C GLY D 260 38.15 12.25 -5.40
N THR D 261 38.18 12.86 -4.22
CA THR D 261 39.40 13.00 -3.44
C THR D 261 39.28 12.21 -2.14
N GLY D 262 40.28 11.38 -1.86
CA GLY D 262 40.32 10.63 -0.63
C GLY D 262 39.30 9.51 -0.55
N MET D 263 38.29 9.69 0.30
CA MET D 263 37.33 8.62 0.58
C MET D 263 36.52 8.27 -0.67
N ARG D 264 36.18 9.26 -1.48
CA ARG D 264 35.52 9.02 -2.76
C ARG D 264 36.50 8.89 -3.92
N ALA D 265 37.77 8.58 -3.64
CA ALA D 265 38.74 8.37 -4.71
C ALA D 265 38.41 7.12 -5.50
N SER D 266 38.00 6.06 -4.82
CA SER D 266 37.63 4.79 -5.44
C SER D 266 36.17 4.46 -5.10
N PRO D 267 35.44 3.85 -6.03
CA PRO D 267 34.05 3.47 -5.73
C PRO D 267 33.98 2.40 -4.67
N GLY D 268 32.90 2.44 -3.89
CA GLY D 268 32.66 1.49 -2.82
C GLY D 268 32.01 0.23 -3.33
N SER D 269 31.26 -0.42 -2.45
CA SER D 269 30.53 -1.62 -2.84
C SER D 269 29.35 -1.24 -3.73
N CYS D 270 29.21 -1.96 -4.85
CA CYS D 270 28.19 -1.66 -5.84
C CYS D 270 27.31 -2.87 -6.15
N VAL D 271 27.31 -3.88 -5.28
CA VAL D 271 26.40 -5.01 -5.38
C VAL D 271 25.23 -4.70 -4.46
N TYR D 272 24.05 -4.48 -5.05
CA TYR D 272 22.89 -3.97 -4.33
C TYR D 272 21.83 -5.06 -4.23
N SER D 273 21.30 -5.25 -3.03
CA SER D 273 20.26 -6.22 -2.77
C SER D 273 19.03 -5.53 -2.20
N PRO D 274 17.85 -5.80 -2.73
CA PRO D 274 16.62 -5.31 -2.11
C PRO D 274 16.15 -6.25 -1.00
N SER D 275 15.38 -5.67 -0.08
CA SER D 275 14.71 -6.46 0.94
C SER D 275 13.36 -6.88 0.38
N PRO D 276 13.14 -8.16 0.09
CA PRO D 276 11.85 -8.58 -0.44
C PRO D 276 10.76 -8.50 0.62
N SER D 277 9.53 -8.34 0.16
CA SER D 277 8.39 -8.24 1.07
C SER D 277 7.11 -8.49 0.29
N GLY D 278 6.38 -9.54 0.64
CA GLY D 278 5.02 -9.65 0.18
C GLY D 278 4.22 -8.52 0.79
N SER D 279 3.53 -7.74 -0.05
CA SER D 279 2.99 -6.45 0.38
C SER D 279 1.94 -6.58 1.46
N ILE D 280 0.76 -7.11 1.13
CA ILE D 280 -0.33 -7.27 2.08
C ILE D 280 -0.87 -8.68 1.93
N VAL D 281 -1.00 -9.39 3.05
CA VAL D 281 -1.60 -10.73 3.06
C VAL D 281 -3.09 -10.56 3.25
N THR D 282 -3.86 -10.76 2.19
CA THR D 282 -5.28 -10.47 2.16
C THR D 282 -6.04 -11.73 1.77
N SER D 283 -7.21 -11.95 2.39
CA SER D 283 -7.91 -13.22 2.26
C SER D 283 -8.62 -13.37 0.92
N ASP D 284 -8.95 -12.28 0.23
CA ASP D 284 -9.68 -12.44 -1.03
C ASP D 284 -8.76 -12.81 -2.19
N SER D 285 -7.45 -12.68 -2.02
CA SER D 285 -6.47 -13.06 -3.03
C SER D 285 -5.86 -14.42 -2.75
N GLN D 286 -6.54 -15.26 -1.99
CA GLN D 286 -6.08 -16.61 -1.71
C GLN D 286 -6.59 -17.56 -2.79
N LEU D 287 -5.71 -18.39 -3.30
CA LEU D 287 -6.08 -19.42 -4.28
C LEU D 287 -6.16 -20.80 -3.65
N PHE D 288 -6.23 -20.88 -2.32
CA PHE D 288 -6.45 -22.12 -1.60
C PHE D 288 -7.74 -22.04 -0.82
N ASN D 289 -8.12 -23.17 -0.21
CA ASN D 289 -9.41 -23.37 0.45
C ASN D 289 -10.58 -23.12 -0.51
N LYS D 290 -10.37 -23.39 -1.79
CA LYS D 290 -11.35 -23.17 -2.83
C LYS D 290 -11.41 -24.40 -3.73
N PRO D 291 -12.60 -24.77 -4.21
CA PRO D 291 -12.71 -25.92 -5.11
C PRO D 291 -12.33 -25.55 -6.53
N TYR D 292 -11.58 -26.43 -7.18
CA TYR D 292 -11.08 -26.19 -8.53
C TYR D 292 -11.35 -27.43 -9.37
N TRP D 293 -11.97 -27.23 -10.51
CA TRP D 293 -12.36 -28.34 -11.38
C TRP D 293 -11.46 -28.44 -12.60
N LEU D 294 -11.39 -29.63 -13.16
CA LEU D 294 -10.40 -30.01 -14.16
C LEU D 294 -11.08 -30.52 -15.43
N HIS D 295 -12.04 -29.75 -15.94
CA HIS D 295 -12.71 -30.13 -17.18
C HIS D 295 -11.75 -30.15 -18.35
N LYS D 296 -10.87 -29.15 -18.44
CA LYS D 296 -9.85 -29.10 -19.47
C LYS D 296 -8.52 -28.74 -18.84
N ALA D 297 -7.45 -29.37 -19.33
CA ALA D 297 -6.10 -29.14 -18.85
C ALA D 297 -5.28 -28.41 -19.90
N GLN D 298 -4.14 -27.89 -19.46
CA GLN D 298 -3.29 -27.13 -20.37
C GLN D 298 -2.61 -28.01 -21.42
N GLY D 299 -2.28 -29.26 -21.07
CA GLY D 299 -1.58 -30.16 -21.93
C GLY D 299 -2.47 -31.24 -22.49
N HIS D 300 -1.83 -32.31 -22.97
CA HIS D 300 -2.59 -33.44 -23.50
C HIS D 300 -3.22 -34.25 -22.38
N ASN D 301 -2.49 -34.44 -21.28
CA ASN D 301 -3.01 -35.19 -20.14
C ASN D 301 -4.05 -34.34 -19.41
N ASN D 302 -5.30 -34.78 -19.46
CA ASN D 302 -6.42 -34.05 -18.86
C ASN D 302 -6.75 -34.63 -17.48
N GLY D 303 -5.78 -34.53 -16.58
CA GLY D 303 -5.98 -34.95 -15.21
C GLY D 303 -5.90 -36.44 -14.97
N VAL D 304 -5.59 -37.23 -15.98
CA VAL D 304 -5.56 -38.68 -15.83
C VAL D 304 -4.33 -39.07 -15.02
N CYS D 305 -4.56 -39.74 -13.89
CA CYS D 305 -3.49 -40.06 -12.94
C CYS D 305 -2.91 -41.42 -13.30
N TRP D 306 -1.83 -41.41 -14.08
CA TRP D 306 -1.16 -42.64 -14.46
C TRP D 306 -0.40 -43.22 -13.27
N HIS D 307 -0.26 -44.55 -13.29
CA HIS D 307 0.36 -45.35 -12.22
C HIS D 307 -0.36 -45.19 -10.87
N ASN D 308 -1.64 -44.78 -10.91
CA ASN D 308 -2.49 -44.64 -9.73
C ASN D 308 -1.86 -43.73 -8.68
N GLN D 309 -1.29 -42.61 -9.12
CA GLN D 309 -0.67 -41.67 -8.21
C GLN D 309 -0.86 -40.25 -8.73
N LEU D 310 -0.76 -39.30 -7.79
CA LEU D 310 -0.91 -37.89 -8.08
C LEU D 310 0.20 -37.13 -7.38
N PHE D 311 0.58 -35.98 -7.91
CA PHE D 311 1.56 -35.11 -7.29
C PHE D 311 0.97 -33.72 -7.18
N VAL D 312 0.93 -33.21 -5.95
CA VAL D 312 0.38 -31.89 -5.65
C VAL D 312 1.51 -31.05 -5.06
N THR D 313 2.02 -30.11 -5.84
CA THR D 313 3.05 -29.18 -5.39
C THR D 313 2.36 -27.90 -4.93
N VAL D 314 2.45 -27.60 -3.63
CA VAL D 314 1.74 -26.48 -3.04
C VAL D 314 2.75 -25.60 -2.31
N VAL D 315 2.74 -24.32 -2.64
CA VAL D 315 3.41 -23.28 -1.84
C VAL D 315 2.35 -22.26 -1.47
N ASP D 316 2.21 -21.99 -0.18
CA ASP D 316 1.33 -20.95 0.35
C ASP D 316 2.06 -20.23 1.46
N THR D 317 2.68 -19.11 1.12
CA THR D 317 3.41 -18.29 2.08
C THR D 317 2.52 -17.27 2.78
N THR D 318 1.22 -17.27 2.49
CA THR D 318 0.29 -16.35 3.12
C THR D 318 -0.02 -16.72 4.55
N ARG D 319 0.33 -17.93 4.98
CA ARG D 319 0.23 -18.34 6.38
C ARG D 319 1.64 -18.70 6.81
N SER D 320 2.41 -17.70 7.24
CA SER D 320 3.82 -17.87 7.55
C SER D 320 4.14 -17.50 8.98
N THR D 321 3.15 -17.54 9.87
CA THR D 321 3.36 -17.13 11.26
C THR D 321 4.25 -18.13 11.97
N ASN D 322 5.43 -17.67 12.39
CA ASN D 322 6.33 -18.48 13.21
C ASN D 322 5.95 -18.21 14.66
N LEU D 323 5.33 -19.21 15.29
CA LEU D 323 4.95 -19.10 16.69
C LEU D 323 6.20 -19.01 17.54
N THR D 324 6.24 -18.05 18.46
CA THR D 324 7.38 -17.85 19.33
C THR D 324 7.07 -18.46 20.68
N ILE D 325 7.87 -19.45 21.07
CA ILE D 325 7.67 -20.18 22.32
C ILE D 325 8.89 -19.95 23.20
N CYS D 326 8.68 -19.37 24.38
CA CYS D 326 9.76 -19.18 25.33
C CYS D 326 9.50 -20.04 26.56
N ALA D 327 10.58 -20.60 27.10
CA ALA D 327 10.51 -21.44 28.28
C ALA D 327 11.49 -20.93 29.31
N SER D 328 11.01 -20.75 30.54
CA SER D 328 11.88 -20.28 31.61
C SER D 328 12.88 -21.36 32.00
N THR D 329 14.11 -20.93 32.31
CA THR D 329 15.14 -21.88 32.74
C THR D 329 14.83 -22.45 34.12
N GLN D 330 14.37 -21.60 35.04
CA GLN D 330 14.00 -22.05 36.37
C GLN D 330 12.62 -22.70 36.33
N SER D 331 12.42 -23.69 37.21
CA SER D 331 11.11 -24.34 37.29
C SER D 331 9.99 -23.41 37.73
N PRO D 332 10.14 -22.52 38.73
CA PRO D 332 9.18 -21.43 38.84
C PRO D 332 9.64 -20.19 38.11
N VAL D 333 8.69 -19.51 37.47
CA VAL D 333 9.00 -18.29 36.73
C VAL D 333 9.29 -17.18 37.74
N PRO D 334 10.47 -16.58 37.71
CA PRO D 334 10.83 -15.58 38.74
C PRO D 334 10.03 -14.30 38.59
N GLY D 335 9.86 -13.61 39.72
CA GLY D 335 9.18 -12.32 39.70
C GLY D 335 9.99 -11.26 38.98
N GLN D 336 11.31 -11.27 39.17
CA GLN D 336 12.19 -10.36 38.44
C GLN D 336 12.50 -10.92 37.07
N TYR D 337 12.66 -10.02 36.10
CA TYR D 337 12.92 -10.41 34.72
C TYR D 337 14.41 -10.47 34.46
N ASP D 338 14.88 -11.62 33.97
CA ASP D 338 16.24 -11.78 33.47
C ASP D 338 16.14 -12.31 32.05
N ALA D 339 16.85 -11.66 31.12
CA ALA D 339 16.73 -12.03 29.72
C ALA D 339 17.35 -13.38 29.42
N THR D 340 18.40 -13.76 30.15
CA THR D 340 19.12 -15.00 29.88
C THR D 340 18.47 -16.22 30.51
N LYS D 341 17.38 -16.05 31.25
CA LYS D 341 16.69 -17.17 31.88
C LYS D 341 15.51 -17.68 31.08
N PHE D 342 15.28 -17.15 29.88
CA PHE D 342 14.18 -17.56 29.03
C PHE D 342 14.74 -18.02 27.69
N LYS D 343 14.65 -19.32 27.42
CA LYS D 343 15.06 -19.85 26.13
C LYS D 343 13.96 -19.59 25.09
N GLN D 344 14.37 -19.18 23.90
CA GLN D 344 13.48 -18.79 22.84
C GLN D 344 13.50 -19.80 21.71
N TYR D 345 12.33 -20.08 21.14
CA TYR D 345 12.18 -21.01 20.04
C TYR D 345 11.19 -20.43 19.04
N SER D 346 11.42 -20.70 17.76
CA SER D 346 10.47 -20.39 16.71
C SER D 346 9.99 -21.70 16.11
N ARG D 347 8.67 -21.86 16.00
CA ARG D 347 8.06 -23.04 15.44
C ARG D 347 7.05 -22.62 14.39
N HIS D 348 7.23 -23.07 13.16
CA HIS D 348 6.22 -22.90 12.12
C HIS D 348 5.40 -24.16 12.01
N VAL D 349 4.10 -23.97 11.81
CA VAL D 349 3.11 -25.06 11.75
C VAL D 349 2.44 -25.01 10.38
N GLU D 350 2.31 -26.19 9.77
CA GLU D 350 1.71 -26.32 8.45
C GLU D 350 0.56 -27.30 8.57
N GLU D 351 -0.64 -26.86 8.20
CA GLU D 351 -1.86 -27.64 8.34
C GLU D 351 -2.54 -27.74 6.98
N TYR D 352 -2.84 -28.96 6.55
CA TYR D 352 -3.37 -29.20 5.22
C TYR D 352 -4.56 -30.14 5.28
N ASP D 353 -5.42 -30.02 4.27
CA ASP D 353 -6.56 -30.93 4.05
C ASP D 353 -6.68 -31.08 2.54
N LEU D 354 -6.14 -32.18 2.03
CA LEU D 354 -6.13 -32.43 0.58
C LEU D 354 -7.37 -33.24 0.23
N GLN D 355 -8.33 -32.60 -0.43
CA GLN D 355 -9.55 -33.27 -0.87
C GLN D 355 -9.55 -33.34 -2.39
N PHE D 356 -9.95 -34.48 -2.92
CA PHE D 356 -10.02 -34.67 -4.37
C PHE D 356 -11.31 -35.37 -4.73
N ILE D 357 -11.82 -35.05 -5.92
CA ILE D 357 -12.87 -35.80 -6.58
C ILE D 357 -12.25 -36.45 -7.80
N PHE D 358 -12.23 -37.77 -7.82
CA PHE D 358 -11.64 -38.55 -8.90
C PHE D 358 -12.74 -39.16 -9.75
N GLN D 359 -12.44 -39.38 -11.03
CA GLN D 359 -13.35 -40.01 -11.95
C GLN D 359 -12.75 -41.32 -12.43
N LEU D 360 -13.53 -42.39 -12.36
CA LEU D 360 -13.09 -43.67 -12.91
C LEU D 360 -13.14 -43.62 -14.44
N CYS D 361 -12.07 -44.07 -15.07
CA CYS D 361 -11.94 -44.02 -16.52
C CYS D 361 -11.42 -45.35 -17.03
N THR D 362 -12.01 -45.83 -18.12
CA THR D 362 -11.61 -47.10 -18.72
C THR D 362 -10.78 -46.85 -19.97
N ILE D 363 -9.88 -47.80 -20.26
CA ILE D 363 -8.93 -47.69 -21.36
C ILE D 363 -9.18 -48.86 -22.29
N THR D 364 -9.77 -48.58 -23.44
CA THR D 364 -10.00 -49.64 -24.45
C THR D 364 -8.65 -49.98 -25.07
N LEU D 365 -8.04 -51.08 -24.59
CA LEU D 365 -6.69 -51.45 -24.97
C LEU D 365 -6.71 -52.19 -26.31
N THR D 366 -6.86 -51.42 -27.38
CA THR D 366 -6.68 -51.95 -28.72
C THR D 366 -5.19 -51.95 -29.06
N ALA D 367 -4.84 -52.30 -30.29
CA ALA D 367 -3.42 -52.38 -30.67
C ALA D 367 -2.77 -51.00 -30.71
N ASP D 368 -3.44 -50.04 -31.34
CA ASP D 368 -2.88 -48.69 -31.46
C ASP D 368 -2.79 -47.99 -30.11
N VAL D 369 -3.82 -48.15 -29.27
CA VAL D 369 -3.81 -47.53 -27.95
C VAL D 369 -2.72 -48.14 -27.07
N MET D 370 -2.58 -49.47 -27.10
CA MET D 370 -1.54 -50.13 -26.32
C MET D 370 -0.15 -49.72 -26.79
N SER D 371 0.05 -49.63 -28.11
CA SER D 371 1.34 -49.20 -28.64
C SER D 371 1.64 -47.74 -28.26
N TYR D 372 0.63 -46.88 -28.31
CA TYR D 372 0.81 -45.48 -27.93
C TYR D 372 1.15 -45.33 -26.45
N ILE D 373 0.47 -46.08 -25.58
CA ILE D 373 0.77 -45.98 -24.15
C ILE D 373 2.14 -46.58 -23.85
N HIS D 374 2.52 -47.65 -24.55
CA HIS D 374 3.84 -48.24 -24.38
C HIS D 374 4.94 -47.27 -24.82
N SER D 375 4.73 -46.56 -25.92
CA SER D 375 5.68 -45.53 -26.34
C SER D 375 5.69 -44.35 -25.37
N MET D 376 4.54 -44.03 -24.79
CA MET D 376 4.45 -42.94 -23.81
C MET D 376 5.20 -43.29 -22.53
N ASN D 377 4.92 -44.47 -21.95
CA ASN D 377 5.65 -44.95 -20.78
C ASN D 377 5.41 -46.45 -20.69
N SER D 378 6.50 -47.22 -20.71
CA SER D 378 6.39 -48.67 -20.73
C SER D 378 5.96 -49.26 -19.38
N SER D 379 6.04 -48.47 -18.31
CA SER D 379 5.70 -48.98 -16.98
C SER D 379 4.19 -49.13 -16.78
N ILE D 380 3.38 -48.42 -17.56
CA ILE D 380 1.93 -48.50 -17.41
C ILE D 380 1.42 -49.88 -17.80
N LEU D 381 1.93 -50.43 -18.92
CA LEU D 381 1.53 -51.77 -19.32
C LEU D 381 2.10 -52.83 -18.37
N GLU D 382 3.28 -52.59 -17.80
CA GLU D 382 3.85 -53.52 -16.84
C GLU D 382 3.02 -53.55 -15.55
N ASP D 383 2.51 -52.40 -15.14
CA ASP D 383 1.62 -52.37 -13.97
C ASP D 383 0.27 -52.97 -14.29
N TRP D 384 -0.24 -52.75 -15.51
CA TRP D 384 -1.54 -53.28 -15.89
C TRP D 384 -1.51 -54.78 -16.20
N ASN D 385 -0.32 -55.32 -16.47
CA ASN D 385 -0.04 -56.71 -16.88
C ASN D 385 -1.15 -57.49 -17.61
N ASP D 421 9.78 -47.90 -9.78
CA ASP D 421 9.51 -46.56 -9.24
C ASP D 421 10.70 -45.63 -9.49
N PRO D 422 10.55 -44.71 -10.43
CA PRO D 422 11.64 -43.76 -10.71
C PRO D 422 11.89 -42.75 -9.59
N TYR D 423 10.88 -42.47 -8.76
CA TYR D 423 11.00 -41.50 -7.69
C TYR D 423 11.31 -42.19 -6.36
N ASP D 424 12.46 -42.84 -6.31
CA ASP D 424 12.89 -43.55 -5.10
C ASP D 424 13.69 -42.65 -4.17
N LYS D 425 14.71 -41.98 -4.69
CA LYS D 425 15.54 -41.10 -3.88
C LYS D 425 14.89 -39.73 -3.65
N LEU D 426 13.81 -39.42 -4.34
CA LEU D 426 13.15 -38.13 -4.20
C LEU D 426 12.28 -38.12 -2.96
N LYS D 427 12.30 -36.99 -2.25
CA LYS D 427 11.61 -36.85 -0.97
C LYS D 427 10.27 -36.18 -1.20
N PHE D 428 9.19 -36.94 -1.00
CA PHE D 428 7.84 -36.42 -1.11
C PHE D 428 7.09 -36.65 0.20
N TRP D 429 6.07 -35.82 0.44
CA TRP D 429 5.14 -36.06 1.54
C TRP D 429 4.17 -37.12 1.04
N ASN D 430 4.40 -38.38 1.40
CA ASN D 430 3.61 -39.49 0.89
C ASN D 430 2.31 -39.56 1.67
N VAL D 431 1.20 -39.25 1.02
CA VAL D 431 -0.13 -39.40 1.61
C VAL D 431 -0.82 -40.56 0.92
N ASP D 432 -1.39 -41.47 1.72
CA ASP D 432 -1.95 -42.73 1.25
C ASP D 432 -3.47 -42.63 1.26
N LEU D 433 -4.06 -42.68 0.08
CA LEU D 433 -5.52 -42.67 -0.07
C LEU D 433 -6.00 -43.97 -0.66
N LYS D 434 -5.39 -45.08 -0.25
CA LYS D 434 -5.78 -46.40 -0.76
C LYS D 434 -7.16 -46.79 -0.23
N GLU D 435 -7.37 -46.63 1.09
CA GLU D 435 -8.62 -47.02 1.73
C GLU D 435 -9.50 -45.82 2.06
N LYS D 436 -9.28 -44.69 1.40
CA LYS D 436 -10.02 -43.47 1.69
C LYS D 436 -10.83 -43.00 0.48
N PHE D 437 -11.17 -43.91 -0.42
CA PHE D 437 -12.04 -43.60 -1.56
C PHE D 437 -13.49 -43.91 -1.18
N SER D 438 -14.40 -43.02 -1.53
CA SER D 438 -15.80 -43.16 -1.16
C SER D 438 -16.71 -42.78 -2.30
N LEU D 439 -17.76 -43.59 -2.53
CA LEU D 439 -18.82 -43.25 -3.47
C LEU D 439 -19.82 -42.26 -2.91
N ASP D 440 -19.88 -42.10 -1.58
CA ASP D 440 -20.85 -41.21 -0.95
C ASP D 440 -20.28 -39.80 -1.00
N LEU D 441 -20.49 -39.13 -2.13
CA LEU D 441 -19.89 -37.81 -2.34
C LEU D 441 -20.54 -36.75 -1.46
N ASP D 442 -21.84 -36.87 -1.18
CA ASP D 442 -22.54 -35.83 -0.44
C ASP D 442 -22.15 -35.77 1.04
N GLN D 443 -21.38 -36.73 1.53
CA GLN D 443 -20.95 -36.74 2.93
C GLN D 443 -19.66 -35.95 3.15
N TYR D 444 -19.05 -35.44 2.09
CA TYR D 444 -17.80 -34.70 2.18
C TYR D 444 -17.97 -33.34 1.53
N PRO D 445 -17.23 -32.32 1.99
CA PRO D 445 -17.47 -30.94 1.49
C PRO D 445 -17.19 -30.78 0.00
N LEU D 446 -16.04 -31.25 -0.48
CA LEU D 446 -15.73 -31.15 -1.90
C LEU D 446 -16.70 -31.97 -2.74
N GLY D 447 -17.18 -33.09 -2.20
CA GLY D 447 -18.21 -33.85 -2.91
C GLY D 447 -19.52 -33.09 -3.01
N ARG D 448 -19.89 -32.36 -1.96
CA ARG D 448 -21.09 -31.52 -2.01
C ARG D 448 -20.93 -30.41 -3.04
N LYS D 449 -19.78 -29.76 -3.07
CA LYS D 449 -19.55 -28.70 -4.05
C LYS D 449 -19.49 -29.25 -5.47
N PHE D 450 -18.96 -30.47 -5.63
CA PHE D 450 -18.95 -31.10 -6.96
C PHE D 450 -20.34 -31.48 -7.41
N LEU D 451 -21.18 -31.96 -6.49
CA LEU D 451 -22.54 -32.32 -6.85
C LEU D 451 -23.38 -31.08 -7.15
N VAL D 452 -23.13 -29.98 -6.45
CA VAL D 452 -23.91 -28.77 -6.74
C VAL D 452 -23.38 -28.07 -7.99
N GLN D 453 -22.10 -28.25 -8.33
CA GLN D 453 -21.59 -27.63 -9.56
C GLN D 453 -21.87 -28.47 -10.80
N ALA D 454 -22.31 -29.71 -10.64
CA ALA D 454 -22.60 -30.57 -11.77
C ALA D 454 -24.10 -30.85 -11.86
N ALA E 1 -2.95 6.38 -51.61
CA ALA E 1 -3.52 6.07 -50.31
C ALA E 1 -3.12 4.67 -49.85
N VAL E 2 -2.96 4.50 -48.55
CA VAL E 2 -2.59 3.20 -47.99
C VAL E 2 -3.87 2.41 -47.75
N VAL E 3 -3.99 1.26 -48.39
CA VAL E 3 -5.14 0.40 -48.22
C VAL E 3 -4.89 -0.57 -47.08
N ASN E 4 -5.96 -1.12 -46.53
CA ASN E 4 -5.83 -2.14 -45.50
C ASN E 4 -5.22 -3.40 -46.08
N THR E 5 -4.47 -4.11 -45.24
CA THR E 5 -3.73 -5.28 -45.72
C THR E 5 -4.66 -6.44 -46.05
N ASP E 6 -5.79 -6.55 -45.35
CA ASP E 6 -6.74 -7.61 -45.62
C ASP E 6 -7.40 -7.49 -47.00
N ASP E 7 -7.33 -6.32 -47.62
CA ASP E 7 -7.91 -6.15 -48.94
C ASP E 7 -7.13 -6.90 -50.02
N TYR E 8 -5.82 -7.09 -49.82
CA TYR E 8 -4.98 -7.77 -50.80
C TYR E 8 -4.23 -8.96 -50.20
N VAL E 9 -4.65 -9.45 -49.03
CA VAL E 9 -4.09 -10.64 -48.42
C VAL E 9 -5.20 -11.68 -48.34
N THR E 10 -4.95 -12.84 -48.92
CA THR E 10 -5.89 -13.96 -48.83
C THR E 10 -5.46 -14.85 -47.66
N ARG E 11 -6.26 -14.83 -46.59
CA ARG E 11 -5.97 -15.64 -45.43
C ARG E 11 -6.30 -17.10 -45.73
N THR E 12 -5.32 -17.98 -45.60
CA THR E 12 -5.55 -19.40 -45.77
C THR E 12 -5.88 -20.04 -44.43
N SER E 13 -6.48 -21.23 -44.49
CA SER E 13 -6.98 -21.91 -43.30
C SER E 13 -5.91 -22.74 -42.60
N ILE E 14 -4.69 -22.78 -43.11
CA ILE E 14 -3.63 -23.57 -42.51
C ILE E 14 -2.75 -22.68 -41.64
N PHE E 15 -2.30 -23.23 -40.51
CA PHE E 15 -1.56 -22.50 -39.51
C PHE E 15 -0.31 -23.28 -39.11
N TYR E 16 0.67 -22.54 -38.60
CA TYR E 16 1.95 -23.10 -38.19
C TYR E 16 2.30 -22.61 -36.79
N HIS E 17 3.04 -23.43 -36.05
CA HIS E 17 3.58 -23.05 -34.76
C HIS E 17 5.09 -22.91 -34.88
N ALA E 18 5.62 -21.81 -34.33
CA ALA E 18 7.05 -21.54 -34.34
C ALA E 18 7.48 -21.15 -32.94
N GLY E 19 8.38 -21.93 -32.35
CA GLY E 19 8.80 -21.64 -31.00
C GLY E 19 10.29 -21.81 -30.78
N SER E 20 10.94 -20.78 -30.27
CA SER E 20 12.33 -20.91 -29.85
C SER E 20 12.41 -21.84 -28.65
N SER E 21 13.55 -22.50 -28.49
CA SER E 21 13.69 -23.50 -27.45
C SER E 21 13.71 -22.84 -26.07
N ARG E 22 14.75 -22.05 -25.81
CA ARG E 22 14.85 -21.26 -24.58
C ARG E 22 15.94 -20.20 -24.75
N LEU E 23 15.59 -18.95 -24.51
CA LEU E 23 16.51 -17.84 -24.70
C LEU E 23 17.08 -17.44 -23.34
N LEU E 24 18.35 -17.72 -23.13
CA LEU E 24 19.00 -17.50 -21.84
C LEU E 24 20.16 -16.51 -22.00
N THR E 25 20.15 -15.46 -21.17
CA THR E 25 21.30 -14.57 -21.05
C THR E 25 21.62 -14.34 -19.58
N VAL E 26 22.91 -14.42 -19.25
CA VAL E 26 23.42 -14.12 -17.93
C VAL E 26 24.47 -13.03 -18.07
N GLY E 27 24.34 -11.96 -17.29
CA GLY E 27 25.33 -10.91 -17.40
C GLY E 27 25.21 -9.91 -16.28
N ASN E 28 26.23 -9.08 -16.16
CA ASN E 28 26.25 -8.05 -15.12
C ASN E 28 25.17 -7.01 -15.41
N PRO E 29 24.30 -6.70 -14.44
CA PRO E 29 23.18 -5.79 -14.71
C PRO E 29 23.57 -4.32 -14.82
N TYR E 30 24.81 -3.96 -14.51
CA TYR E 30 25.22 -2.55 -14.45
C TYR E 30 26.17 -2.15 -15.56
N PHE E 31 27.09 -3.02 -15.96
CA PHE E 31 28.06 -2.68 -16.99
C PHE E 31 28.54 -3.95 -17.67
N ARG E 32 29.17 -3.77 -18.84
CA ARG E 32 29.81 -4.88 -19.52
C ARG E 32 31.18 -5.11 -18.92
N VAL E 33 31.47 -6.36 -18.58
CA VAL E 33 32.73 -6.73 -17.94
C VAL E 33 33.64 -7.33 -19.01
N PRO E 34 34.68 -6.62 -19.44
CA PRO E 34 35.55 -7.15 -20.50
C PRO E 34 36.39 -8.32 -20.03
N ALA E 35 36.80 -9.14 -20.99
CA ALA E 35 37.64 -10.29 -20.69
C ALA E 35 39.06 -9.84 -20.36
N GLY E 36 39.77 -10.67 -19.60
CA GLY E 36 41.13 -10.37 -19.20
C GLY E 36 41.35 -10.45 -17.71
N GLY E 37 40.27 -10.51 -16.94
CA GLY E 37 40.32 -10.58 -15.51
C GLY E 37 40.30 -11.98 -14.92
N GLY E 38 40.52 -13.00 -15.74
CA GLY E 38 40.43 -14.37 -15.31
C GLY E 38 39.21 -15.13 -15.81
N ASN E 39 38.53 -14.63 -16.82
CA ASN E 39 37.31 -15.22 -17.34
C ASN E 39 37.40 -15.36 -18.85
N LYS E 40 36.74 -16.38 -19.38
CA LYS E 40 36.71 -16.61 -20.81
C LYS E 40 35.59 -15.80 -21.46
N GLN E 41 35.91 -15.17 -22.59
CA GLN E 41 34.99 -14.35 -23.38
C GLN E 41 34.45 -13.14 -22.63
N ASP E 42 33.57 -12.39 -23.29
CA ASP E 42 33.08 -11.12 -22.76
C ASP E 42 31.76 -11.34 -22.04
N ILE E 43 31.67 -10.86 -20.80
CA ILE E 43 30.43 -10.90 -20.04
C ILE E 43 29.54 -9.75 -20.52
N PRO E 44 28.35 -10.03 -21.03
CA PRO E 44 27.48 -8.97 -21.52
C PRO E 44 26.83 -8.20 -20.38
N LYS E 45 26.27 -7.04 -20.74
CA LYS E 45 25.46 -6.26 -19.81
C LYS E 45 24.01 -6.68 -20.00
N VAL E 46 23.51 -7.51 -19.09
CA VAL E 46 22.16 -8.05 -19.17
C VAL E 46 21.36 -7.47 -18.02
N SER E 47 20.31 -6.70 -18.35
CA SER E 47 19.50 -6.04 -17.34
C SER E 47 18.03 -6.25 -17.68
N ALA E 48 17.19 -6.23 -16.63
CA ALA E 48 15.75 -6.28 -16.87
C ALA E 48 15.23 -4.96 -17.40
N TYR E 49 15.92 -3.87 -17.12
CA TYR E 49 15.54 -2.54 -17.60
C TYR E 49 16.20 -2.25 -18.94
N GLN E 50 16.04 -3.20 -19.86
CA GLN E 50 16.71 -3.21 -21.14
C GLN E 50 15.73 -3.70 -22.19
N TYR E 51 15.88 -3.20 -23.42
CA TYR E 51 15.02 -3.63 -24.51
C TYR E 51 15.47 -4.98 -25.01
N ARG E 52 14.57 -5.95 -24.99
CA ARG E 52 14.81 -7.26 -25.58
C ARG E 52 14.11 -7.27 -26.93
N VAL E 53 14.84 -6.96 -27.98
CA VAL E 53 14.30 -6.89 -29.33
C VAL E 53 14.77 -8.14 -30.07
N PHE E 54 13.83 -9.06 -30.28
CA PHE E 54 14.09 -10.30 -30.99
C PHE E 54 13.74 -10.11 -32.46
N ARG E 55 14.73 -10.34 -33.32
CA ARG E 55 14.49 -10.41 -34.76
C ARG E 55 14.25 -11.88 -35.08
N VAL E 56 12.97 -12.23 -35.25
CA VAL E 56 12.56 -13.58 -35.59
C VAL E 56 12.68 -13.75 -37.09
N GLN E 57 13.49 -14.70 -37.52
CA GLN E 57 13.67 -14.99 -38.94
C GLN E 57 12.72 -16.12 -39.32
N LEU E 58 11.80 -15.83 -40.18
CA LEU E 58 10.88 -16.84 -40.66
C LEU E 58 11.36 -17.40 -41.99
N PRO E 59 11.09 -18.67 -42.27
CA PRO E 59 11.48 -19.23 -43.56
C PRO E 59 10.66 -18.62 -44.69
N ASP E 60 11.28 -18.55 -45.86
CA ASP E 60 10.60 -18.02 -47.04
C ASP E 60 9.53 -18.99 -47.50
N PRO E 61 8.24 -18.61 -47.46
CA PRO E 61 7.19 -19.58 -47.77
C PRO E 61 7.09 -19.95 -49.24
N ASN E 62 7.76 -19.21 -50.11
CA ASN E 62 7.82 -19.55 -51.52
C ASN E 62 8.86 -20.63 -51.82
N LYS E 63 9.61 -21.07 -50.81
CA LYS E 63 10.72 -21.98 -51.01
C LYS E 63 10.49 -23.36 -50.40
N PHE E 64 10.18 -23.46 -49.11
CA PHE E 64 10.19 -24.77 -48.47
C PHE E 64 8.86 -25.48 -48.73
N GLY E 65 8.77 -26.72 -48.24
CA GLY E 65 7.61 -27.54 -48.56
C GLY E 65 6.35 -27.10 -47.84
N LEU E 66 5.22 -27.36 -48.49
CA LEU E 66 3.91 -27.00 -48.02
C LEU E 66 3.03 -28.25 -47.98
N PRO E 67 1.99 -28.27 -47.13
CA PRO E 67 1.09 -29.43 -47.13
C PRO E 67 0.38 -29.67 -48.46
N ASP E 68 0.09 -28.61 -49.21
CA ASP E 68 -0.50 -28.71 -50.53
C ASP E 68 0.36 -27.92 -51.50
N THR E 69 0.93 -28.60 -52.50
CA THR E 69 1.70 -27.91 -53.51
C THR E 69 0.81 -27.04 -54.41
N SER E 70 -0.41 -27.50 -54.68
CA SER E 70 -1.33 -26.80 -55.57
C SER E 70 -2.26 -25.85 -54.81
N ILE E 71 -1.87 -25.39 -53.62
CA ILE E 71 -2.69 -24.41 -52.91
C ILE E 71 -2.57 -23.02 -53.54
N TYR E 72 -1.55 -22.79 -54.37
CA TYR E 72 -1.36 -21.52 -55.03
C TYR E 72 -0.68 -21.77 -56.37
N ASN E 73 -0.63 -20.72 -57.19
CA ASN E 73 0.04 -20.76 -58.48
C ASN E 73 1.35 -19.99 -58.38
N PRO E 74 2.51 -20.64 -58.53
CA PRO E 74 3.79 -19.92 -58.45
C PRO E 74 3.95 -18.80 -59.47
N GLU E 75 3.24 -18.86 -60.60
CA GLU E 75 3.43 -17.87 -61.66
C GLU E 75 2.84 -16.51 -61.27
N THR E 76 1.64 -16.50 -60.68
CA THR E 76 0.91 -15.25 -60.44
C THR E 76 0.52 -15.08 -58.97
N GLN E 77 1.28 -15.68 -58.05
CA GLN E 77 0.95 -15.58 -56.64
C GLN E 77 2.21 -15.79 -55.81
N ARG E 78 2.33 -15.03 -54.72
CA ARG E 78 3.44 -15.14 -53.79
C ARG E 78 2.89 -15.27 -52.37
N LEU E 79 3.72 -15.79 -51.48
CA LEU E 79 3.29 -16.11 -50.12
C LEU E 79 3.95 -15.18 -49.11
N VAL E 80 3.31 -15.08 -47.95
CA VAL E 80 3.82 -14.27 -46.85
C VAL E 80 3.22 -14.82 -45.57
N TRP E 81 3.93 -14.63 -44.45
CA TRP E 81 3.47 -15.06 -43.14
C TRP E 81 2.76 -13.92 -42.44
N ALA E 82 1.65 -14.24 -41.77
CA ALA E 82 0.94 -13.30 -40.92
C ALA E 82 0.84 -13.90 -39.53
N CYS E 83 1.20 -13.10 -38.52
CA CYS E 83 1.19 -13.57 -37.14
C CYS E 83 -0.25 -13.66 -36.64
N ALA E 84 -0.70 -14.87 -36.34
CA ALA E 84 -2.05 -15.09 -35.84
C ALA E 84 -2.13 -15.10 -34.32
N GLY E 85 -1.04 -15.42 -33.64
CA GLY E 85 -1.04 -15.42 -32.19
C GLY E 85 0.36 -15.47 -31.63
N VAL E 86 0.50 -15.00 -30.40
CA VAL E 86 1.80 -14.99 -29.71
C VAL E 86 1.67 -15.42 -28.26
N GLU E 87 2.81 -15.79 -27.70
CA GLU E 87 2.97 -15.96 -26.26
C GLU E 87 4.45 -15.79 -25.97
N ILE E 88 4.80 -14.71 -25.29
CA ILE E 88 6.17 -14.46 -24.86
C ILE E 88 6.22 -14.89 -23.40
N GLY E 89 6.54 -16.16 -23.18
CA GLY E 89 6.67 -16.68 -21.83
C GLY E 89 7.99 -16.28 -21.24
N ARG E 90 7.95 -15.34 -20.30
CA ARG E 90 9.13 -14.88 -19.58
C ARG E 90 9.21 -15.69 -18.29
N GLY E 91 10.08 -16.69 -18.28
CA GLY E 91 10.04 -17.76 -17.29
C GLY E 91 10.87 -17.58 -16.05
N GLN E 92 11.50 -16.43 -15.85
CA GLN E 92 12.21 -16.20 -14.60
C GLN E 92 11.21 -15.94 -13.48
N PRO E 93 11.62 -16.12 -12.23
CA PRO E 93 10.73 -15.76 -11.12
C PRO E 93 10.57 -14.25 -11.00
N LEU E 94 9.38 -13.84 -10.57
CA LEU E 94 9.13 -12.42 -10.33
C LEU E 94 9.95 -11.94 -9.14
N GLY E 95 10.49 -10.73 -9.27
CA GLY E 95 11.30 -10.18 -8.21
C GLY E 95 11.68 -8.75 -8.50
N VAL E 96 12.24 -8.11 -7.48
CA VAL E 96 12.67 -6.73 -7.57
C VAL E 96 14.20 -6.70 -7.55
N GLY E 97 14.76 -5.67 -8.16
CA GLY E 97 16.20 -5.51 -8.23
C GLY E 97 16.56 -4.05 -8.25
N LEU E 98 17.77 -3.75 -7.79
CA LEU E 98 18.21 -2.39 -7.63
C LEU E 98 19.43 -2.11 -8.51
N SER E 99 19.53 -0.87 -8.95
CA SER E 99 20.73 -0.35 -9.57
C SER E 99 21.07 0.96 -8.91
N GLY E 100 22.37 1.23 -8.77
CA GLY E 100 22.76 2.41 -8.04
C GLY E 100 24.10 2.92 -8.50
N HIS E 101 24.48 4.06 -7.93
CA HIS E 101 25.76 4.67 -8.20
C HIS E 101 26.56 4.75 -6.90
N PRO E 102 27.83 4.34 -6.93
CA PRO E 102 28.70 4.62 -5.76
C PRO E 102 28.86 6.09 -5.48
N PHE E 103 28.83 6.93 -6.51
CA PHE E 103 28.82 8.38 -6.38
C PHE E 103 27.52 8.87 -7.02
N TYR E 104 26.46 8.92 -6.24
CA TYR E 104 25.18 9.42 -6.70
C TYR E 104 25.10 10.91 -6.42
N ASN E 105 24.81 11.70 -7.45
CA ASN E 105 24.77 13.16 -7.31
C ASN E 105 23.47 13.56 -6.62
N LYS E 106 23.49 13.50 -5.30
CA LYS E 106 22.43 14.04 -4.46
C LYS E 106 23.04 14.91 -3.38
N LEU E 107 22.40 16.04 -3.10
CA LEU E 107 22.88 16.97 -2.08
C LEU E 107 22.25 16.68 -0.73
N ASP E 108 20.92 16.81 -0.65
CA ASP E 108 20.20 16.66 0.61
C ASP E 108 18.93 15.86 0.36
N ASP E 109 18.39 15.30 1.44
CA ASP E 109 17.07 14.68 1.40
C ASP E 109 16.04 15.77 1.61
N THR E 110 15.47 16.27 0.51
CA THR E 110 14.54 17.38 0.58
C THR E 110 13.12 16.95 0.93
N GLU E 111 12.88 15.66 1.15
CA GLU E 111 11.60 15.23 1.68
C GLU E 111 11.40 15.76 3.10
N SER E 112 12.37 15.54 3.98
CA SER E 112 12.35 16.11 5.32
C SER E 112 13.80 16.20 5.79
N SER E 113 14.40 17.37 5.66
CA SER E 113 15.79 17.58 6.02
C SER E 113 15.91 18.22 7.40
N HIS E 114 17.01 17.91 8.07
CA HIS E 114 17.24 18.42 9.42
C HIS E 114 18.61 19.07 9.56
N ALA E 115 19.61 18.53 8.86
CA ALA E 115 20.99 18.98 9.03
C ALA E 115 21.71 18.80 7.70
N ALA E 116 23.05 18.78 7.76
CA ALA E 116 23.95 18.53 6.62
C ALA E 116 23.75 19.58 5.52
N THR E 117 24.09 20.82 5.85
CA THR E 117 24.03 21.93 4.91
C THR E 117 25.38 22.19 4.23
N SER E 118 26.21 21.17 4.07
CA SER E 118 27.51 21.33 3.42
C SER E 118 27.32 21.35 1.91
N ASN E 119 27.68 22.48 1.29
CA ASN E 119 27.42 22.67 -0.14
C ASN E 119 28.58 23.26 -0.92
N VAL E 120 29.61 23.82 -0.27
CA VAL E 120 30.66 24.57 -0.99
C VAL E 120 31.72 23.56 -1.42
N SER E 121 31.43 22.88 -2.53
CA SER E 121 32.32 21.91 -3.19
C SER E 121 32.77 20.80 -2.23
N GLU E 122 31.84 20.35 -1.38
CA GLU E 122 32.19 19.38 -0.35
C GLU E 122 32.23 17.95 -0.85
N ASP E 123 31.76 17.69 -2.08
CA ASP E 123 31.77 16.37 -2.70
C ASP E 123 31.00 15.36 -1.84
N VAL E 124 29.69 15.59 -1.76
CA VAL E 124 28.82 14.83 -0.87
C VAL E 124 28.11 13.72 -1.65
N ARG E 125 28.71 13.29 -2.76
CA ARG E 125 28.17 12.18 -3.54
C ARG E 125 28.13 10.90 -2.70
N ASP E 126 27.01 10.19 -2.77
CA ASP E 126 26.73 9.09 -1.86
C ASP E 126 26.54 7.81 -2.67
N ASN E 127 26.79 6.68 -2.02
CA ASN E 127 26.50 5.37 -2.60
C ASN E 127 25.01 5.11 -2.43
N VAL E 128 24.25 5.30 -3.51
CA VAL E 128 22.79 5.25 -3.46
C VAL E 128 22.29 4.28 -4.52
N SER E 129 21.43 3.36 -4.12
CA SER E 129 20.76 2.44 -5.02
C SER E 129 19.27 2.73 -5.03
N VAL E 130 18.66 2.63 -6.22
CA VAL E 130 17.22 2.76 -6.36
C VAL E 130 16.72 1.58 -7.17
N ASP E 131 15.44 1.27 -6.98
CA ASP E 131 14.72 0.47 -7.96
C ASP E 131 14.20 1.40 -9.04
N TYR E 132 13.48 0.86 -10.00
CA TYR E 132 13.04 1.65 -11.14
C TYR E 132 11.53 1.52 -11.29
N LYS E 133 11.00 2.14 -12.34
CA LYS E 133 9.59 2.00 -12.65
C LYS E 133 9.32 0.60 -13.17
N GLN E 134 8.22 0.01 -12.70
CA GLN E 134 7.79 -1.29 -13.18
C GLN E 134 7.21 -1.13 -14.58
N THR E 135 7.91 -1.65 -15.58
CA THR E 135 7.53 -1.47 -16.97
C THR E 135 7.43 -2.82 -17.64
N GLN E 136 6.29 -3.07 -18.29
CA GLN E 136 6.10 -4.23 -19.16
C GLN E 136 5.52 -3.72 -20.46
N LEU E 137 6.30 -3.83 -21.54
CA LEU E 137 5.80 -3.44 -22.85
C LEU E 137 6.13 -4.53 -23.86
N CYS E 138 5.20 -4.74 -24.79
CA CYS E 138 5.34 -5.73 -25.84
C CYS E 138 4.87 -5.12 -27.15
N ILE E 139 5.78 -5.01 -28.11
CA ILE E 139 5.49 -4.44 -29.42
C ILE E 139 5.87 -5.47 -30.48
N LEU E 140 4.98 -5.71 -31.44
CA LEU E 140 5.29 -6.54 -32.59
C LEU E 140 5.16 -5.78 -33.89
N GLY E 141 6.12 -5.99 -34.78
CA GLY E 141 6.02 -5.46 -36.13
C GLY E 141 6.74 -6.37 -37.10
N CYS E 142 6.60 -6.05 -38.38
CA CYS E 142 7.51 -6.58 -39.39
C CYS E 142 8.70 -5.67 -39.59
N ALA E 143 8.72 -4.53 -38.90
CA ALA E 143 9.81 -3.58 -38.77
C ALA E 143 10.02 -3.29 -37.29
N PRO E 144 11.25 -2.97 -36.87
CA PRO E 144 11.51 -2.73 -35.46
C PRO E 144 10.81 -1.48 -34.94
N ALA E 145 10.50 -1.50 -33.65
CA ALA E 145 9.79 -0.40 -33.01
C ALA E 145 10.67 0.84 -32.93
N ILE E 146 10.02 2.00 -32.93
CA ILE E 146 10.71 3.28 -32.89
C ILE E 146 10.59 3.84 -31.48
N GLY E 147 11.73 4.15 -30.88
CA GLY E 147 11.80 4.70 -29.53
C GLY E 147 12.33 6.13 -29.57
N GLU E 148 11.73 6.99 -28.77
CA GLU E 148 12.12 8.39 -28.69
C GLU E 148 13.00 8.61 -27.46
N HIS E 149 13.88 9.61 -27.56
CA HIS E 149 14.67 10.03 -26.42
C HIS E 149 15.03 11.50 -26.60
N TRP E 150 15.61 12.08 -25.57
CA TRP E 150 15.99 13.49 -25.59
C TRP E 150 17.51 13.62 -25.61
N ALA E 151 18.02 14.34 -26.60
CA ALA E 151 19.44 14.46 -26.83
C ALA E 151 19.84 15.91 -27.00
N LYS E 152 21.15 16.15 -27.04
CA LYS E 152 21.66 17.49 -27.30
C LYS E 152 21.37 17.91 -28.72
N GLY E 153 21.00 19.17 -28.89
CA GLY E 153 20.81 19.71 -30.22
C GLY E 153 22.14 20.03 -30.88
N THR E 154 22.08 20.25 -32.19
CA THR E 154 23.27 20.62 -32.94
C THR E 154 23.53 22.10 -32.79
N ALA E 155 24.75 22.46 -32.39
CA ALA E 155 25.08 23.85 -32.14
C ALA E 155 25.12 24.66 -33.43
N SER E 156 24.49 25.82 -33.42
CA SER E 156 24.47 26.68 -34.59
C SER E 156 25.83 27.32 -34.82
N LYS E 157 26.18 27.48 -36.09
CA LYS E 157 27.45 28.13 -36.42
C LYS E 157 27.40 29.63 -36.13
N SER E 158 26.25 30.26 -36.36
CA SER E 158 26.13 31.70 -36.13
C SER E 158 26.15 32.04 -34.65
N ARG E 159 25.48 31.23 -33.82
CA ARG E 159 25.42 31.44 -32.38
C ARG E 159 25.90 30.17 -31.68
N PRO E 160 27.19 30.05 -31.39
CA PRO E 160 27.69 28.88 -30.68
C PRO E 160 27.22 28.86 -29.22
N LEU E 161 27.14 27.66 -28.68
CA LEU E 161 26.70 27.46 -27.30
C LEU E 161 27.90 27.58 -26.36
N SER E 162 27.77 28.45 -25.35
CA SER E 162 28.82 28.61 -24.36
C SER E 162 28.92 27.36 -23.49
N GLN E 163 30.14 27.06 -23.04
CA GLN E 163 30.37 25.89 -22.20
C GLN E 163 29.77 26.10 -20.82
N GLY E 164 29.04 25.11 -20.34
CA GLY E 164 28.35 25.18 -19.08
C GLY E 164 26.88 25.53 -19.18
N ASP E 165 26.45 26.07 -20.32
CA ASP E 165 25.05 26.39 -20.54
C ASP E 165 24.26 25.12 -20.87
N CYS E 166 22.95 25.23 -20.75
CA CYS E 166 22.07 24.10 -21.04
C CYS E 166 21.98 23.91 -22.55
N PRO E 167 22.32 22.72 -23.08
CA PRO E 167 22.15 22.49 -24.51
C PRO E 167 20.68 22.42 -24.88
N PRO E 168 20.32 22.75 -26.11
CA PRO E 168 18.91 22.65 -26.53
C PRO E 168 18.50 21.20 -26.68
N LEU E 169 17.46 20.81 -25.92
CA LEU E 169 16.97 19.45 -25.98
C LEU E 169 16.24 19.21 -27.29
N GLU E 170 16.50 18.06 -27.91
CA GLU E 170 15.79 17.66 -29.12
C GLU E 170 15.24 16.25 -28.93
N LEU E 171 14.05 16.01 -29.47
CA LEU E 171 13.40 14.70 -29.38
C LEU E 171 13.85 13.90 -30.59
N LYS E 172 14.77 12.97 -30.37
CA LYS E 172 15.35 12.17 -31.43
C LYS E 172 14.72 10.79 -31.42
N ASN E 173 14.28 10.34 -32.59
CA ASN E 173 13.62 9.05 -32.76
C ASN E 173 14.59 8.06 -33.39
N THR E 174 14.75 6.90 -32.75
CA THR E 174 15.68 5.88 -33.20
C THR E 174 14.95 4.56 -33.32
N VAL E 175 15.59 3.61 -34.01
CA VAL E 175 15.12 2.23 -33.99
C VAL E 175 15.49 1.62 -32.66
N LEU E 176 14.53 0.97 -32.01
CA LEU E 176 14.78 0.25 -30.76
C LEU E 176 15.50 -1.05 -31.09
N GLU E 177 16.81 -1.09 -30.91
CA GLU E 177 17.53 -2.35 -31.10
C GLU E 177 17.67 -3.06 -29.75
N ASP E 178 18.21 -4.27 -29.80
CA ASP E 178 18.45 -5.03 -28.58
C ASP E 178 19.53 -4.36 -27.74
N GLY E 179 19.33 -4.37 -26.43
CA GLY E 179 20.29 -3.80 -25.51
C GLY E 179 20.06 -2.34 -25.16
N ASP E 180 19.10 -1.68 -25.79
CA ASP E 180 18.77 -0.31 -25.43
C ASP E 180 18.11 -0.26 -24.06
N MET E 181 18.27 0.86 -23.37
CA MET E 181 17.72 1.04 -22.04
C MET E 181 16.30 1.59 -22.11
N VAL E 182 15.43 1.08 -21.24
CA VAL E 182 14.04 1.53 -21.18
C VAL E 182 14.00 2.74 -20.26
N ASP E 183 12.89 3.48 -20.28
CA ASP E 183 12.69 4.54 -19.29
C ASP E 183 12.65 3.94 -17.89
N THR E 184 13.34 4.60 -16.97
CA THR E 184 13.55 4.07 -15.63
C THR E 184 12.99 4.99 -14.55
N GLY E 185 12.14 5.95 -14.91
CA GLY E 185 11.68 6.94 -13.97
C GLY E 185 12.53 8.20 -13.92
N TYR E 186 13.69 8.19 -14.57
CA TYR E 186 14.53 9.37 -14.70
C TYR E 186 14.32 10.11 -16.01
N GLY E 187 13.56 9.54 -16.92
CA GLY E 187 13.24 10.18 -18.18
C GLY E 187 13.92 9.48 -19.35
N ALA E 188 13.28 9.57 -20.52
CA ALA E 188 13.84 9.03 -21.76
C ALA E 188 14.77 10.08 -22.36
N MET E 189 16.03 10.01 -21.97
CA MET E 189 17.00 11.03 -22.37
C MET E 189 18.37 10.39 -22.53
N ASP E 190 19.25 11.10 -23.23
CA ASP E 190 20.63 10.67 -23.44
C ASP E 190 21.43 11.07 -22.21
N PHE E 191 21.62 10.13 -21.28
CA PHE E 191 22.35 10.43 -20.06
C PHE E 191 23.85 10.57 -20.29
N SER E 192 24.37 10.07 -21.40
CA SER E 192 25.81 10.12 -21.64
C SER E 192 26.25 11.52 -22.03
N THR E 193 25.44 12.23 -22.82
CA THR E 193 25.79 13.55 -23.32
C THR E 193 25.17 14.68 -22.53
N LEU E 194 23.93 14.51 -22.05
CA LEU E 194 23.25 15.59 -21.34
C LEU E 194 23.74 15.74 -19.91
N GLN E 195 24.23 14.67 -19.30
CA GLN E 195 24.75 14.71 -17.93
C GLN E 195 26.25 14.44 -17.99
N ASP E 196 27.04 15.50 -17.83
CA ASP E 196 28.49 15.39 -17.93
C ASP E 196 29.13 14.88 -16.66
N THR E 197 28.42 14.90 -15.53
CA THR E 197 29.01 14.49 -14.27
C THR E 197 29.11 12.98 -14.11
N LYS E 198 28.36 12.22 -14.91
CA LYS E 198 28.32 10.75 -14.85
C LYS E 198 27.94 10.23 -13.47
N CYS E 199 27.14 10.99 -12.72
CA CYS E 199 26.89 10.67 -11.33
C CYS E 199 25.46 10.90 -10.87
N GLU E 200 24.55 11.29 -11.76
CA GLU E 200 23.19 11.62 -11.33
C GLU E 200 22.24 10.45 -11.38
N VAL E 201 22.55 9.43 -12.17
CA VAL E 201 21.68 8.27 -12.35
C VAL E 201 22.52 7.02 -12.18
N PRO E 202 21.90 5.88 -11.84
CA PRO E 202 22.67 4.64 -11.60
C PRO E 202 23.46 4.18 -12.82
N LEU E 203 24.36 3.22 -12.56
CA LEU E 203 25.42 2.85 -13.49
C LEU E 203 24.89 2.21 -14.77
N ASP E 204 23.76 1.50 -14.68
CA ASP E 204 23.23 0.84 -15.87
C ASP E 204 22.68 1.84 -16.87
N ILE E 205 22.25 3.00 -16.40
CA ILE E 205 21.73 4.07 -17.25
C ILE E 205 22.60 5.31 -17.21
N CYS E 206 23.80 5.21 -16.63
CA CYS E 206 24.65 6.38 -16.44
C CYS E 206 25.16 6.94 -17.76
N GLN E 207 25.69 6.08 -18.62
CA GLN E 207 26.23 6.48 -19.90
C GLN E 207 25.47 5.84 -21.06
N SER E 208 24.21 5.50 -20.83
CA SER E 208 23.38 4.82 -21.81
C SER E 208 22.17 5.68 -22.15
N ILE E 209 21.62 5.46 -23.33
CA ILE E 209 20.47 6.21 -23.82
C ILE E 209 19.21 5.45 -23.41
N CYS E 210 18.46 6.02 -22.48
CA CYS E 210 17.16 5.47 -22.12
C CYS E 210 16.13 5.93 -23.14
N LYS E 211 15.39 4.97 -23.70
CA LYS E 211 14.44 5.23 -24.76
C LYS E 211 13.05 4.79 -24.33
N TYR E 212 12.06 5.60 -24.66
CA TYR E 212 10.67 5.25 -24.54
C TYR E 212 10.08 5.07 -25.93
N PRO E 213 9.25 4.04 -26.15
CA PRO E 213 8.71 3.81 -27.50
C PRO E 213 7.76 4.94 -27.90
N ASP E 214 8.07 5.59 -29.01
CA ASP E 214 7.23 6.68 -29.51
C ASP E 214 6.01 6.05 -30.16
N TYR E 215 5.00 5.78 -29.33
CA TYR E 215 3.78 5.14 -29.82
C TYR E 215 3.02 6.03 -30.78
N LEU E 216 3.13 7.35 -30.62
CA LEU E 216 2.47 8.27 -31.54
C LEU E 216 3.07 8.19 -32.94
N GLN E 217 4.38 8.01 -33.04
CA GLN E 217 5.01 7.99 -34.36
C GLN E 217 4.70 6.70 -35.10
N MET E 218 4.78 5.56 -34.42
CA MET E 218 4.57 4.28 -35.09
C MET E 218 3.11 3.84 -35.07
N SER E 219 2.23 4.57 -34.39
CA SER E 219 0.80 4.34 -34.59
C SER E 219 0.28 5.18 -35.75
N ALA E 220 0.85 6.37 -35.95
CA ALA E 220 0.55 7.21 -37.10
C ALA E 220 1.41 6.87 -38.31
N ASP E 221 2.20 5.79 -38.24
CA ASP E 221 2.91 5.30 -39.40
C ASP E 221 1.90 4.86 -40.45
N PRO E 222 2.06 5.30 -41.71
CA PRO E 222 1.01 5.03 -42.72
C PRO E 222 0.79 3.56 -43.01
N TYR E 223 1.84 2.74 -42.97
CA TYR E 223 1.70 1.32 -43.30
C TYR E 223 1.56 0.43 -42.09
N GLY E 224 1.88 0.92 -40.89
CA GLY E 224 1.75 0.10 -39.70
C GLY E 224 2.77 -1.01 -39.59
N ASP E 225 3.90 -0.90 -40.29
CA ASP E 225 4.89 -1.96 -40.27
C ASP E 225 5.63 -2.03 -38.95
N SER E 226 5.88 -0.86 -38.32
CA SER E 226 6.70 -0.84 -37.12
C SER E 226 5.98 -1.42 -35.92
N MET E 227 4.65 -1.42 -35.92
CA MET E 227 3.88 -1.87 -34.77
C MET E 227 2.49 -2.26 -35.22
N PHE E 228 2.13 -3.54 -35.03
CA PHE E 228 0.74 -3.95 -35.20
C PHE E 228 0.18 -4.63 -33.95
N PHE E 229 0.92 -4.66 -32.86
CA PHE E 229 0.42 -5.19 -31.59
C PHE E 229 1.21 -4.50 -30.50
N CYS E 230 0.52 -3.84 -29.58
CA CYS E 230 1.14 -3.07 -28.53
C CYS E 230 0.50 -3.39 -27.18
N LEU E 231 1.32 -3.52 -26.16
CA LEU E 231 0.88 -3.71 -24.79
C LEU E 231 1.79 -2.91 -23.87
N ARG E 232 1.18 -2.07 -23.03
CA ARG E 232 1.92 -1.24 -22.08
C ARG E 232 1.38 -1.44 -20.67
N ARG E 233 2.29 -1.44 -19.70
CA ARG E 233 1.93 -1.52 -18.29
C ARG E 233 3.06 -0.86 -17.50
N GLU E 234 2.85 0.39 -17.10
CA GLU E 234 3.86 1.16 -16.38
C GLU E 234 3.32 1.56 -15.02
N GLN E 235 4.18 1.49 -14.00
CA GLN E 235 3.78 1.78 -12.63
C GLN E 235 4.99 2.28 -11.87
N LEU E 236 4.86 3.46 -11.24
CA LEU E 236 5.97 3.98 -10.45
C LEU E 236 5.44 4.94 -9.40
N PHE E 237 6.31 5.24 -8.43
CA PHE E 237 6.09 6.29 -7.46
C PHE E 237 7.45 6.79 -6.98
N ALA E 238 7.44 7.96 -6.35
CA ALA E 238 8.66 8.57 -5.85
C ALA E 238 8.86 8.16 -4.39
N ARG E 239 9.92 7.39 -4.14
CA ARG E 239 10.26 7.01 -2.77
C ARG E 239 10.86 8.17 -2.00
N HIS E 240 12.01 8.65 -2.45
CA HIS E 240 12.76 9.67 -1.74
C HIS E 240 13.04 10.84 -2.67
N PHE E 241 13.11 12.03 -2.08
CA PHE E 241 13.30 13.27 -2.81
C PHE E 241 14.71 13.76 -2.54
N TRP E 242 15.47 14.01 -3.60
CA TRP E 242 16.86 14.40 -3.46
C TRP E 242 17.10 15.67 -4.24
N ASN E 243 18.15 16.39 -3.86
CA ASN E 243 18.48 17.66 -4.46
C ASN E 243 19.80 17.49 -5.21
N ARG E 244 19.85 18.02 -6.43
CA ARG E 244 21.02 17.83 -7.27
C ARG E 244 22.12 18.81 -6.85
N ALA E 245 23.25 18.27 -6.41
CA ALA E 245 24.37 19.11 -6.01
C ALA E 245 25.04 19.73 -7.23
N GLY E 246 25.52 20.95 -7.08
CA GLY E 246 26.19 21.66 -8.14
C GLY E 246 25.67 23.08 -8.28
N THR E 247 26.35 23.83 -9.15
CA THR E 247 25.98 25.21 -9.41
C THR E 247 24.65 25.26 -10.16
N MET E 248 23.78 26.18 -9.75
CA MET E 248 22.49 26.34 -10.42
C MET E 248 22.68 27.17 -11.68
N GLY E 249 22.51 26.53 -12.84
CA GLY E 249 22.59 27.27 -14.10
C GLY E 249 21.45 28.26 -14.27
N ASP E 250 20.23 27.85 -13.92
CA ASP E 250 19.08 28.74 -13.94
C ASP E 250 18.91 29.30 -12.52
N THR E 251 19.33 30.54 -12.32
CA THR E 251 19.18 31.16 -11.02
C THR E 251 17.71 31.45 -10.74
N VAL E 252 17.30 31.18 -9.51
CA VAL E 252 15.92 31.44 -9.09
C VAL E 252 15.68 32.95 -9.07
N PRO E 253 14.60 33.43 -9.68
CA PRO E 253 14.34 34.88 -9.66
C PRO E 253 14.05 35.39 -8.26
N GLN E 254 14.43 36.65 -8.02
CA GLN E 254 14.24 37.28 -6.72
C GLN E 254 12.77 37.47 -6.37
N SER E 255 11.88 37.45 -7.37
CA SER E 255 10.46 37.61 -7.11
C SER E 255 9.80 36.33 -6.61
N LEU E 256 10.52 35.22 -6.55
CA LEU E 256 9.96 33.94 -6.12
C LEU E 256 10.26 33.60 -4.67
N TYR E 257 11.05 34.41 -3.98
CA TYR E 257 11.42 34.12 -2.60
C TYR E 257 11.82 35.41 -1.92
N ILE E 258 11.90 35.37 -0.59
CA ILE E 258 12.43 36.45 0.21
C ILE E 258 13.73 35.96 0.84
N LYS E 259 14.83 36.67 0.57
CA LYS E 259 16.14 36.22 1.01
C LYS E 259 16.29 36.39 2.51
N GLY E 260 17.22 35.63 3.08
CA GLY E 260 17.50 35.69 4.50
C GLY E 260 18.89 36.19 4.82
N THR E 261 19.48 35.68 5.91
CA THR E 261 20.81 36.07 6.33
C THR E 261 21.71 34.85 6.43
N GLY E 262 22.99 35.04 6.13
CA GLY E 262 23.97 33.99 6.23
C GLY E 262 23.83 32.91 5.17
N MET E 263 23.52 31.69 5.60
CA MET E 263 23.38 30.57 4.68
C MET E 263 22.08 30.62 3.89
N ARG E 264 21.15 31.50 4.24
CA ARG E 264 19.88 31.64 3.54
C ARG E 264 19.76 32.97 2.80
N ALA E 265 20.86 33.68 2.60
CA ALA E 265 20.83 34.91 1.81
C ALA E 265 20.70 34.62 0.32
N SER E 266 21.12 33.44 -0.12
CA SER E 266 21.04 33.01 -1.50
C SER E 266 20.38 31.63 -1.55
N PRO E 267 19.58 31.34 -2.58
CA PRO E 267 18.96 30.02 -2.67
C PRO E 267 20.01 28.95 -2.95
N GLY E 268 19.76 27.76 -2.42
CA GLY E 268 20.70 26.67 -2.59
C GLY E 268 20.50 25.97 -3.91
N SER E 269 20.48 24.64 -3.89
CA SER E 269 20.26 23.86 -5.09
C SER E 269 18.77 23.60 -5.26
N CYS E 270 18.25 23.89 -6.45
CA CYS E 270 16.81 23.82 -6.71
C CYS E 270 16.47 22.87 -7.86
N VAL E 271 17.37 21.95 -8.19
CA VAL E 271 17.09 20.89 -9.16
C VAL E 271 16.82 19.62 -8.36
N TYR E 272 15.59 19.14 -8.41
CA TYR E 272 15.15 18.05 -7.55
C TYR E 272 14.92 16.78 -8.36
N SER E 273 15.44 15.67 -7.86
CA SER E 273 15.28 14.38 -8.48
C SER E 273 14.54 13.43 -7.55
N PRO E 274 13.44 12.83 -7.99
CA PRO E 274 12.79 11.79 -7.19
C PRO E 274 13.51 10.46 -7.32
N SER E 275 13.17 9.56 -6.41
CA SER E 275 13.66 8.19 -6.48
C SER E 275 12.55 7.34 -7.07
N PRO E 276 12.66 6.88 -8.32
CA PRO E 276 11.61 6.05 -8.90
C PRO E 276 11.56 4.68 -8.24
N SER E 277 10.37 4.07 -8.28
CA SER E 277 10.17 2.75 -7.70
C SER E 277 8.89 2.16 -8.27
N GLY E 278 9.00 1.01 -8.92
CA GLY E 278 7.81 0.22 -9.22
C GLY E 278 7.19 -0.22 -7.92
N SER E 279 5.91 0.10 -7.71
CA SER E 279 5.30 0.01 -6.38
C SER E 279 5.25 -1.42 -5.85
N ILE E 280 4.45 -2.28 -6.46
CA ILE E 280 4.35 -3.68 -6.08
C ILE E 280 4.43 -4.52 -7.36
N VAL E 281 5.28 -5.55 -7.33
CA VAL E 281 5.36 -6.49 -8.44
C VAL E 281 4.38 -7.62 -8.13
N THR E 282 3.24 -7.61 -8.81
CA THR E 282 2.18 -8.58 -8.58
C THR E 282 1.98 -9.41 -9.85
N SER E 283 1.72 -10.71 -9.67
CA SER E 283 1.49 -11.58 -10.82
C SER E 283 0.17 -11.30 -11.51
N ASP E 284 -0.77 -10.61 -10.85
CA ASP E 284 -2.03 -10.27 -11.48
C ASP E 284 -1.87 -9.16 -12.52
N SER E 285 -0.78 -8.39 -12.45
CA SER E 285 -0.52 -7.32 -13.40
C SER E 285 0.54 -7.70 -14.43
N GLN E 286 0.57 -8.97 -14.83
CA GLN E 286 1.56 -9.45 -15.78
C GLN E 286 0.99 -9.45 -17.18
N LEU E 287 1.74 -8.85 -18.11
CA LEU E 287 1.39 -8.88 -19.52
C LEU E 287 1.97 -10.08 -20.26
N PHE E 288 2.77 -10.89 -19.59
CA PHE E 288 3.47 -11.99 -20.25
C PHE E 288 3.00 -13.32 -19.67
N ASN E 289 3.53 -14.40 -20.24
CA ASN E 289 3.09 -15.78 -19.98
C ASN E 289 1.60 -15.97 -20.28
N LYS E 290 1.09 -15.20 -21.23
CA LYS E 290 -0.30 -15.20 -21.63
C LYS E 290 -0.41 -15.24 -23.14
N PRO E 291 -1.39 -15.95 -23.69
CA PRO E 291 -1.56 -15.98 -25.14
C PRO E 291 -2.27 -14.72 -25.63
N TYR E 292 -1.78 -14.18 -26.74
CA TYR E 292 -2.38 -13.00 -27.36
C TYR E 292 -2.56 -13.25 -28.84
N TRP E 293 -3.72 -12.83 -29.36
CA TRP E 293 -4.10 -13.08 -30.74
C TRP E 293 -4.20 -11.78 -31.50
N LEU E 294 -4.16 -11.89 -32.83
CA LEU E 294 -3.99 -10.75 -33.73
C LEU E 294 -5.11 -10.73 -34.77
N HIS E 295 -6.36 -10.80 -34.29
CA HIS E 295 -7.50 -10.74 -35.20
C HIS E 295 -7.57 -9.42 -35.95
N LYS E 296 -7.34 -8.30 -35.24
CA LYS E 296 -7.32 -6.99 -35.85
C LYS E 296 -6.19 -6.18 -35.25
N ALA E 297 -5.38 -5.56 -36.12
CA ALA E 297 -4.23 -4.79 -35.67
C ALA E 297 -4.61 -3.33 -35.46
N GLN E 298 -3.72 -2.59 -34.79
CA GLN E 298 -3.97 -1.17 -34.57
C GLN E 298 -3.78 -0.36 -35.85
N GLY E 299 -2.91 -0.82 -36.75
CA GLY E 299 -2.61 -0.11 -37.97
C GLY E 299 -3.10 -0.84 -39.21
N HIS E 300 -2.56 -0.43 -40.36
CA HIS E 300 -2.97 -1.02 -41.62
C HIS E 300 -2.36 -2.41 -41.82
N ASN E 301 -1.14 -2.62 -41.35
CA ASN E 301 -0.52 -3.94 -41.43
C ASN E 301 -1.18 -4.85 -40.42
N ASN E 302 -1.98 -5.81 -40.88
CA ASN E 302 -2.74 -6.68 -40.00
C ASN E 302 -1.93 -7.93 -39.65
N GLY E 303 -0.79 -7.70 -39.00
CA GLY E 303 0.05 -8.77 -38.54
C GLY E 303 0.85 -9.46 -39.61
N VAL E 304 0.83 -8.97 -40.85
CA VAL E 304 1.54 -9.62 -41.95
C VAL E 304 3.02 -9.33 -41.81
N CYS E 305 3.83 -10.39 -41.77
CA CYS E 305 5.27 -10.27 -41.55
C CYS E 305 5.97 -10.21 -42.90
N TRP E 306 6.25 -9.00 -43.36
CA TRP E 306 6.97 -8.82 -44.62
C TRP E 306 8.44 -9.17 -44.44
N HIS E 307 9.06 -9.58 -45.56
CA HIS E 307 10.45 -10.05 -45.64
C HIS E 307 10.72 -11.26 -44.77
N ASN E 308 9.66 -12.00 -44.40
CA ASN E 308 9.73 -13.21 -43.59
C ASN E 308 10.48 -12.98 -42.28
N GLN E 309 10.18 -11.87 -41.63
CA GLN E 309 10.81 -11.53 -40.35
C GLN E 309 9.79 -10.85 -39.45
N LEU E 310 10.05 -10.90 -38.16
CA LEU E 310 9.14 -10.36 -37.16
C LEU E 310 9.95 -9.79 -36.01
N PHE E 311 9.78 -8.51 -35.72
CA PHE E 311 10.49 -7.85 -34.64
C PHE E 311 9.58 -7.79 -33.42
N VAL E 312 10.05 -8.38 -32.33
CA VAL E 312 9.32 -8.42 -31.06
C VAL E 312 10.14 -7.66 -30.04
N THR E 313 9.64 -6.51 -29.61
CA THR E 313 10.29 -5.69 -28.61
C THR E 313 9.61 -5.94 -27.26
N VAL E 314 10.36 -6.46 -26.30
CA VAL E 314 9.83 -6.84 -25.00
C VAL E 314 10.65 -6.18 -23.91
N VAL E 315 9.97 -5.47 -23.00
CA VAL E 315 10.55 -5.02 -21.75
C VAL E 315 9.73 -5.62 -20.62
N ASP E 316 10.39 -6.33 -19.71
CA ASP E 316 9.73 -6.91 -18.55
C ASP E 316 10.63 -6.67 -17.35
N THR E 317 10.34 -5.61 -16.60
CA THR E 317 11.09 -5.28 -15.40
C THR E 317 10.49 -5.92 -14.15
N THR E 318 9.44 -6.72 -14.29
CA THR E 318 8.85 -7.40 -13.15
C THR E 318 9.70 -8.55 -12.64
N ARG E 319 10.70 -8.98 -13.41
CA ARG E 319 11.67 -9.98 -12.98
C ARG E 319 13.04 -9.33 -13.12
N SER E 320 13.45 -8.61 -12.07
CA SER E 320 14.69 -7.84 -12.10
C SER E 320 15.66 -8.29 -11.03
N THR E 321 15.51 -9.51 -10.51
CA THR E 321 16.33 -9.99 -9.42
C THR E 321 17.77 -10.18 -9.90
N ASN E 322 18.67 -9.34 -9.41
CA ASN E 322 20.10 -9.48 -9.67
C ASN E 322 20.66 -10.44 -8.63
N LEU E 323 20.98 -11.66 -9.06
CA LEU E 323 21.56 -12.65 -8.18
C LEU E 323 22.93 -12.21 -7.70
N THR E 324 23.20 -12.42 -6.42
CA THR E 324 24.48 -12.07 -5.82
C THR E 324 25.30 -13.34 -5.66
N ILE E 325 26.47 -13.38 -6.29
CA ILE E 325 27.37 -14.51 -6.24
C ILE E 325 28.61 -14.09 -5.45
N CYS E 326 28.89 -14.81 -4.38
CA CYS E 326 30.02 -14.50 -3.51
C CYS E 326 31.05 -15.61 -3.63
N ALA E 327 32.28 -15.24 -4.00
CA ALA E 327 33.36 -16.20 -4.17
C ALA E 327 34.45 -15.90 -3.16
N SER E 328 34.81 -16.90 -2.37
CA SER E 328 35.89 -16.73 -1.41
C SER E 328 37.22 -16.64 -2.14
N THR E 329 38.03 -15.65 -1.76
CA THR E 329 39.36 -15.51 -2.36
C THR E 329 40.27 -16.67 -1.96
N GLN E 330 40.16 -17.14 -0.72
CA GLN E 330 40.94 -18.29 -0.26
C GLN E 330 40.18 -19.58 -0.55
N SER E 331 40.93 -20.61 -0.91
CA SER E 331 40.33 -21.90 -1.27
C SER E 331 39.58 -22.59 -0.13
N PRO E 332 40.11 -22.75 1.10
CA PRO E 332 39.37 -23.54 2.10
C PRO E 332 38.14 -22.88 2.68
N VAL E 333 37.90 -21.59 2.40
CA VAL E 333 36.77 -20.81 2.90
C VAL E 333 36.78 -20.85 4.42
N PRO E 334 37.68 -20.12 5.06
CA PRO E 334 37.92 -20.31 6.51
C PRO E 334 36.73 -19.88 7.37
N GLY E 335 36.69 -20.43 8.57
CA GLY E 335 35.61 -20.20 9.51
C GLY E 335 35.64 -18.86 10.20
N GLN E 336 36.68 -18.07 10.01
CA GLN E 336 36.74 -16.71 10.51
C GLN E 336 36.38 -15.75 9.39
N TYR E 337 35.43 -14.85 9.65
CA TYR E 337 34.92 -13.97 8.61
C TYR E 337 35.86 -12.80 8.38
N ASP E 338 36.20 -12.57 7.11
CA ASP E 338 36.91 -11.38 6.68
C ASP E 338 36.24 -10.87 5.41
N ALA E 339 35.83 -9.60 5.41
CA ALA E 339 35.11 -9.05 4.29
C ALA E 339 35.98 -8.92 3.04
N THR E 340 37.29 -8.73 3.23
CA THR E 340 38.21 -8.59 2.11
C THR E 340 38.31 -9.90 1.31
N LYS E 341 38.24 -11.04 2.00
CA LYS E 341 38.47 -12.33 1.37
C LYS E 341 37.28 -12.84 0.57
N PHE E 342 36.22 -12.07 0.41
CA PHE E 342 35.06 -12.47 -0.38
C PHE E 342 34.83 -11.44 -1.49
N LYS E 343 34.73 -11.93 -2.73
CA LYS E 343 34.40 -11.09 -3.88
C LYS E 343 32.92 -11.20 -4.17
N GLN E 344 32.27 -10.06 -4.33
CA GLN E 344 30.83 -9.97 -4.59
C GLN E 344 30.60 -9.67 -6.07
N TYR E 345 29.72 -10.44 -6.70
CA TYR E 345 29.36 -10.27 -8.09
C TYR E 345 27.85 -10.15 -8.19
N SER E 346 27.39 -9.34 -9.14
CA SER E 346 25.98 -9.21 -9.44
C SER E 346 25.73 -9.74 -10.85
N ARG E 347 24.78 -10.65 -10.98
CA ARG E 347 24.44 -11.24 -12.28
C ARG E 347 22.93 -11.26 -12.43
N HIS E 348 22.44 -10.58 -13.47
CA HIS E 348 21.04 -10.67 -13.84
C HIS E 348 20.88 -11.71 -14.95
N VAL E 349 19.76 -12.43 -14.88
CA VAL E 349 19.47 -13.53 -15.79
C VAL E 349 18.13 -13.25 -16.48
N GLU E 350 18.10 -13.46 -17.79
CA GLU E 350 16.89 -13.30 -18.58
C GLU E 350 16.60 -14.61 -19.30
N GLU E 351 15.37 -15.10 -19.14
CA GLU E 351 14.94 -16.35 -19.72
C GLU E 351 13.64 -16.12 -20.49
N TYR E 352 13.62 -16.49 -21.76
CA TYR E 352 12.52 -16.20 -22.65
C TYR E 352 12.09 -17.46 -23.39
N ASP E 353 10.83 -17.48 -23.80
CA ASP E 353 10.28 -18.55 -24.63
C ASP E 353 9.25 -17.93 -25.56
N LEU E 354 9.57 -17.83 -26.84
CA LEU E 354 8.76 -17.10 -27.80
C LEU E 354 7.96 -18.10 -28.64
N GLN E 355 6.69 -18.28 -28.32
CA GLN E 355 5.79 -19.08 -29.14
C GLN E 355 5.01 -18.16 -30.06
N PHE E 356 4.90 -18.55 -31.32
CA PHE E 356 4.06 -17.84 -32.28
C PHE E 356 3.22 -18.84 -33.06
N ILE E 357 2.03 -18.41 -33.42
CA ILE E 357 1.16 -19.09 -34.37
C ILE E 357 1.05 -18.19 -35.59
N PHE E 358 1.52 -18.69 -36.73
CA PHE E 358 1.53 -17.95 -37.98
C PHE E 358 0.49 -18.51 -38.94
N GLN E 359 -0.01 -17.65 -39.82
CA GLN E 359 -0.96 -18.03 -40.84
C GLN E 359 -0.35 -17.81 -42.22
N LEU E 360 -0.40 -18.83 -43.05
CA LEU E 360 0.05 -18.71 -44.43
C LEU E 360 -0.92 -17.84 -45.23
N CYS E 361 -0.38 -16.94 -46.03
CA CYS E 361 -1.19 -15.99 -46.78
C CYS E 361 -0.67 -15.87 -48.20
N THR E 362 -1.57 -15.95 -49.18
CA THR E 362 -1.21 -15.84 -50.59
C THR E 362 -1.45 -14.41 -51.05
N ILE E 363 -0.57 -13.93 -51.92
CA ILE E 363 -0.64 -12.58 -52.47
C ILE E 363 -0.87 -12.72 -53.96
N THR E 364 -2.10 -12.50 -54.41
CA THR E 364 -2.43 -12.56 -55.84
C THR E 364 -1.82 -11.35 -56.53
N LEU E 365 -0.71 -11.56 -57.25
CA LEU E 365 0.06 -10.47 -57.83
C LEU E 365 -0.58 -9.99 -59.12
N THR E 366 -1.64 -9.20 -58.96
CA THR E 366 -2.15 -8.42 -60.07
C THR E 366 -1.29 -7.16 -60.24
N ALA E 367 -1.56 -6.42 -61.31
CA ALA E 367 -0.73 -5.25 -61.62
C ALA E 367 -0.91 -4.14 -60.58
N ASP E 368 -2.14 -3.92 -60.14
CA ASP E 368 -2.42 -2.84 -59.20
C ASP E 368 -1.76 -3.10 -57.84
N VAL E 369 -1.89 -4.32 -57.32
CA VAL E 369 -1.27 -4.62 -56.03
C VAL E 369 0.25 -4.70 -56.17
N MET E 370 0.76 -5.10 -57.34
CA MET E 370 2.21 -5.09 -57.55
C MET E 370 2.74 -3.67 -57.51
N SER E 371 2.05 -2.73 -58.16
CA SER E 371 2.45 -1.33 -58.10
C SER E 371 2.30 -0.77 -56.69
N TYR E 372 1.27 -1.19 -55.97
CA TYR E 372 1.06 -0.72 -54.60
C TYR E 372 2.18 -1.18 -53.67
N ILE E 373 2.56 -2.45 -53.76
CA ILE E 373 3.64 -2.97 -52.90
C ILE E 373 4.98 -2.39 -53.32
N HIS E 374 5.18 -2.16 -54.63
CA HIS E 374 6.41 -1.51 -55.09
C HIS E 374 6.50 -0.08 -54.57
N SER E 375 5.37 0.62 -54.51
CA SER E 375 5.36 1.95 -53.90
C SER E 375 5.57 1.88 -52.39
N MET E 376 5.07 0.82 -51.75
CA MET E 376 5.28 0.65 -50.32
C MET E 376 6.73 0.30 -50.01
N ASN E 377 7.21 -0.81 -50.56
CA ASN E 377 8.61 -1.21 -50.38
C ASN E 377 8.97 -2.14 -51.52
N SER E 378 9.91 -1.72 -52.37
CA SER E 378 10.31 -2.49 -53.53
C SER E 378 11.14 -3.73 -53.18
N SER E 379 11.67 -3.79 -51.95
CA SER E 379 12.43 -4.96 -51.52
C SER E 379 11.57 -6.22 -51.44
N ILE E 380 10.26 -6.06 -51.22
CA ILE E 380 9.35 -7.22 -51.22
C ILE E 380 9.31 -7.86 -52.60
N LEU E 381 9.18 -7.05 -53.65
CA LEU E 381 9.22 -7.59 -55.01
C LEU E 381 10.62 -8.04 -55.41
N GLU E 382 11.65 -7.41 -54.85
CA GLU E 382 13.01 -7.88 -55.12
C GLU E 382 13.25 -9.27 -54.53
N ASP E 383 12.71 -9.53 -53.33
CA ASP E 383 12.86 -10.85 -52.71
C ASP E 383 11.94 -11.88 -53.34
N TRP E 384 10.74 -11.46 -53.75
CA TRP E 384 9.77 -12.42 -54.29
C TRP E 384 10.17 -12.89 -55.68
N ASN E 385 10.72 -11.98 -56.51
CA ASN E 385 11.11 -12.24 -57.90
C ASN E 385 9.95 -12.78 -58.74
N ASP E 421 19.38 -5.35 -46.64
CA ASP E 421 18.50 -5.11 -45.50
C ASP E 421 18.87 -3.80 -44.80
N PRO E 422 17.87 -2.96 -44.54
CA PRO E 422 18.14 -1.69 -43.84
C PRO E 422 18.58 -1.87 -42.40
N TYR E 423 18.23 -2.98 -41.76
CA TYR E 423 18.59 -3.22 -40.37
C TYR E 423 19.87 -4.06 -40.28
N ASP E 424 20.93 -3.53 -40.88
CA ASP E 424 22.20 -4.23 -40.97
C ASP E 424 23.09 -3.95 -39.75
N LYS E 425 23.36 -2.66 -39.48
CA LYS E 425 24.23 -2.28 -38.37
C LYS E 425 23.53 -2.35 -37.02
N LEU E 426 22.21 -2.47 -37.00
CA LEU E 426 21.48 -2.55 -35.74
C LEU E 426 21.69 -3.90 -35.09
N LYS E 427 21.84 -3.90 -33.77
CA LYS E 427 22.11 -5.11 -33.00
C LYS E 427 20.78 -5.63 -32.46
N PHE E 428 20.30 -6.72 -33.04
CA PHE E 428 19.10 -7.40 -32.58
C PHE E 428 19.46 -8.76 -32.01
N TRP E 429 18.54 -9.30 -31.21
CA TRP E 429 18.64 -10.68 -30.76
C TRP E 429 18.07 -11.53 -31.88
N ASN E 430 18.96 -12.03 -32.74
CA ASN E 430 18.53 -12.78 -33.92
C ASN E 430 18.14 -14.18 -33.49
N VAL E 431 16.83 -14.47 -33.50
CA VAL E 431 16.32 -15.81 -33.25
C VAL E 431 15.82 -16.37 -34.57
N ASP E 432 16.22 -17.60 -34.87
CA ASP E 432 16.00 -18.21 -36.18
C ASP E 432 15.01 -19.37 -36.02
N LEU E 433 13.82 -19.19 -36.56
CA LEU E 433 12.81 -20.25 -36.62
C LEU E 433 12.56 -20.69 -38.04
N LYS E 434 13.62 -20.73 -38.85
CA LYS E 434 13.49 -21.23 -40.22
C LYS E 434 13.21 -22.72 -40.25
N GLU E 435 13.80 -23.47 -39.31
CA GLU E 435 13.64 -24.92 -39.25
C GLU E 435 12.73 -25.36 -38.10
N LYS E 436 11.98 -24.45 -37.50
CA LYS E 436 11.10 -24.76 -36.38
C LYS E 436 9.64 -24.42 -36.70
N PHE E 437 9.19 -24.76 -37.90
CA PHE E 437 7.81 -24.59 -38.32
C PHE E 437 7.15 -25.96 -38.42
N SER E 438 5.98 -26.10 -37.78
CA SER E 438 5.29 -27.38 -37.74
C SER E 438 3.78 -27.17 -37.79
N LEU E 439 3.11 -28.00 -38.59
CA LEU E 439 1.65 -27.96 -38.68
C LEU E 439 0.96 -28.62 -37.50
N ASP E 440 1.70 -29.35 -36.67
CA ASP E 440 1.14 -30.01 -35.50
C ASP E 440 1.04 -29.00 -34.38
N LEU E 441 -0.04 -28.20 -34.38
CA LEU E 441 -0.21 -27.17 -33.36
C LEU E 441 -0.48 -27.78 -31.98
N ASP E 442 -1.21 -28.89 -31.91
CA ASP E 442 -1.63 -29.44 -30.62
C ASP E 442 -0.49 -30.01 -29.80
N GLN E 443 0.71 -30.15 -30.37
CA GLN E 443 1.88 -30.58 -29.62
C GLN E 443 2.56 -29.45 -28.86
N TYR E 444 2.09 -28.22 -29.00
CA TYR E 444 2.70 -27.05 -28.39
C TYR E 444 1.65 -26.27 -27.63
N PRO E 445 2.03 -25.57 -26.54
CA PRO E 445 1.02 -24.93 -25.70
C PRO E 445 0.24 -23.81 -26.38
N LEU E 446 0.93 -22.94 -27.12
CA LEU E 446 0.23 -21.89 -27.86
C LEU E 446 -0.64 -22.48 -28.95
N GLY E 447 -0.19 -23.59 -29.57
CA GLY E 447 -1.03 -24.27 -30.53
C GLY E 447 -2.27 -24.86 -29.90
N ARG E 448 -2.14 -25.42 -28.70
CA ARG E 448 -3.31 -25.93 -27.98
C ARG E 448 -4.28 -24.81 -27.64
N LYS E 449 -3.76 -23.66 -27.21
CA LYS E 449 -4.62 -22.52 -26.89
C LYS E 449 -5.31 -21.97 -28.13
N PHE E 450 -4.60 -21.93 -29.25
CA PHE E 450 -5.19 -21.47 -30.51
C PHE E 450 -6.24 -22.45 -31.00
N LEU E 451 -6.03 -23.75 -30.79
CA LEU E 451 -7.02 -24.73 -31.21
C LEU E 451 -8.24 -24.73 -30.31
N VAL E 452 -8.08 -24.46 -29.02
CA VAL E 452 -9.24 -24.49 -28.14
C VAL E 452 -10.02 -23.18 -28.25
N GLN E 453 -9.37 -22.07 -28.63
CA GLN E 453 -10.12 -20.83 -28.81
C GLN E 453 -10.94 -20.82 -30.09
N ALA E 454 -10.65 -21.70 -31.04
CA ALA E 454 -11.36 -21.72 -32.31
C ALA E 454 -12.27 -22.94 -32.40
N ALA F 1 -35.86 29.74 -23.15
CA ALA F 1 -35.62 28.32 -22.92
C ALA F 1 -34.55 27.80 -23.88
N VAL F 2 -33.50 27.23 -23.32
CA VAL F 2 -32.40 26.69 -24.12
C VAL F 2 -32.75 25.27 -24.54
N VAL F 3 -32.65 24.99 -25.82
CA VAL F 3 -32.95 23.67 -26.36
C VAL F 3 -31.65 22.96 -26.70
N ASN F 4 -31.75 21.65 -26.88
CA ASN F 4 -30.61 20.86 -27.31
C ASN F 4 -30.24 21.21 -28.75
N THR F 5 -28.95 21.02 -29.08
CA THR F 5 -28.50 21.33 -30.43
C THR F 5 -29.10 20.36 -31.45
N ASP F 6 -29.41 19.13 -31.05
CA ASP F 6 -29.95 18.12 -31.96
C ASP F 6 -31.31 18.51 -32.52
N ASP F 7 -32.00 19.46 -31.91
CA ASP F 7 -33.26 19.94 -32.47
C ASP F 7 -33.03 20.74 -33.76
N TYR F 8 -31.96 21.53 -33.81
CA TYR F 8 -31.72 22.41 -34.95
C TYR F 8 -30.39 22.19 -35.66
N VAL F 9 -29.52 21.33 -35.15
CA VAL F 9 -28.26 20.99 -35.81
C VAL F 9 -28.43 19.59 -36.40
N THR F 10 -28.50 19.53 -37.73
CA THR F 10 -28.71 18.26 -38.43
C THR F 10 -27.35 17.66 -38.78
N ARG F 11 -26.99 16.57 -38.12
CA ARG F 11 -25.71 15.93 -38.35
C ARG F 11 -25.75 15.14 -39.66
N THR F 12 -24.72 15.31 -40.47
CA THR F 12 -24.57 14.57 -41.71
C THR F 12 -23.68 13.34 -41.49
N SER F 13 -23.56 12.52 -42.52
CA SER F 13 -22.74 11.32 -42.47
C SER F 13 -21.30 11.57 -42.89
N ILE F 14 -20.93 12.82 -43.15
CA ILE F 14 -19.59 13.16 -43.62
C ILE F 14 -18.71 13.40 -42.40
N PHE F 15 -17.60 12.67 -42.32
CA PHE F 15 -16.66 12.76 -41.22
C PHE F 15 -15.27 13.15 -41.73
N TYR F 16 -14.57 13.90 -40.90
CA TYR F 16 -13.22 14.37 -41.20
C TYR F 16 -12.29 13.98 -40.04
N HIS F 17 -11.04 13.70 -40.38
CA HIS F 17 -10.00 13.52 -39.37
C HIS F 17 -9.12 14.75 -39.35
N ALA F 18 -8.91 15.30 -38.17
CA ALA F 18 -8.04 16.45 -37.97
C ALA F 18 -6.95 16.07 -36.97
N GLY F 19 -5.74 16.60 -37.16
CA GLY F 19 -4.72 16.30 -36.20
C GLY F 19 -3.44 17.10 -36.32
N SER F 20 -3.00 17.69 -35.20
CA SER F 20 -1.66 18.24 -35.13
C SER F 20 -0.64 17.10 -35.14
N SER F 21 0.46 17.29 -35.88
CA SER F 21 1.42 16.22 -36.06
C SER F 21 2.13 15.88 -34.75
N ARG F 22 2.68 16.89 -34.07
CA ARG F 22 3.39 16.71 -32.82
C ARG F 22 3.57 18.06 -32.13
N LEU F 23 3.18 18.15 -30.87
CA LEU F 23 3.23 19.40 -30.12
C LEU F 23 4.26 19.25 -29.01
N LEU F 24 5.41 19.90 -29.15
CA LEU F 24 6.52 19.74 -28.22
C LEU F 24 6.87 21.07 -27.58
N THR F 25 6.96 21.09 -26.25
CA THR F 25 7.54 22.22 -25.53
C THR F 25 8.56 21.72 -24.52
N VAL F 26 9.67 22.43 -24.42
CA VAL F 26 10.72 22.16 -23.43
C VAL F 26 10.92 23.44 -22.63
N GLY F 27 10.92 23.33 -21.30
CA GLY F 27 11.13 24.53 -20.53
C GLY F 27 11.37 24.23 -19.06
N ASN F 28 11.79 25.25 -18.34
CA ASN F 28 12.05 25.11 -16.91
C ASN F 28 10.74 24.89 -16.16
N PRO F 29 10.62 23.82 -15.38
CA PRO F 29 9.33 23.52 -14.72
C PRO F 29 9.00 24.42 -13.53
N TYR F 30 9.88 25.34 -13.13
CA TYR F 30 9.65 26.15 -11.95
C TYR F 30 9.49 27.63 -12.23
N PHE F 31 10.17 28.17 -13.22
CA PHE F 31 10.07 29.59 -13.55
C PHE F 31 10.48 29.76 -15.00
N ARG F 32 10.54 31.02 -15.45
CA ARG F 32 10.98 31.37 -16.79
C ARG F 32 12.39 31.93 -16.72
N VAL F 33 13.25 31.48 -17.63
CA VAL F 33 14.63 31.94 -17.71
C VAL F 33 14.72 32.96 -18.83
N PRO F 34 14.91 34.25 -18.53
CA PRO F 34 14.97 35.25 -19.60
C PRO F 34 16.27 35.16 -20.40
N ALA F 35 16.22 35.72 -21.60
CA ALA F 35 17.38 35.74 -22.48
C ALA F 35 18.43 36.70 -21.95
N GLY F 36 19.69 36.43 -22.28
CA GLY F 36 20.82 37.25 -21.89
C GLY F 36 21.88 36.51 -21.10
N GLY F 37 21.54 35.36 -20.51
CA GLY F 37 22.49 34.58 -19.74
C GLY F 37 23.35 33.63 -20.54
N GLY F 38 23.23 33.63 -21.86
CA GLY F 38 24.02 32.74 -22.69
C GLY F 38 23.17 31.85 -23.56
N ASN F 39 21.89 32.21 -23.71
CA ASN F 39 20.95 31.42 -24.50
C ASN F 39 20.10 32.33 -25.37
N LYS F 40 19.61 31.79 -26.48
CA LYS F 40 18.72 32.52 -27.36
C LYS F 40 17.28 32.40 -26.88
N GLN F 41 16.59 33.53 -26.86
CA GLN F 41 15.19 33.67 -26.43
C GLN F 41 14.99 33.28 -24.97
N ASP F 42 13.74 33.30 -24.51
CA ASP F 42 13.40 32.96 -23.14
C ASP F 42 12.95 31.51 -23.07
N ILE F 43 13.51 30.77 -22.12
CA ILE F 43 13.04 29.42 -21.84
C ILE F 43 11.72 29.52 -21.09
N PRO F 44 10.63 28.97 -21.63
CA PRO F 44 9.33 29.15 -20.99
C PRO F 44 9.18 28.30 -19.75
N LYS F 45 8.16 28.63 -18.96
CA LYS F 45 7.79 27.80 -17.81
C LYS F 45 6.90 26.68 -18.32
N VAL F 46 7.49 25.51 -18.49
CA VAL F 46 6.79 24.34 -19.02
C VAL F 46 6.76 23.30 -17.91
N SER F 47 5.57 23.01 -17.40
CA SER F 47 5.40 22.09 -16.29
C SER F 47 4.25 21.13 -16.59
N ALA F 48 4.32 19.95 -15.98
CA ALA F 48 3.21 19.00 -16.11
C ALA F 48 2.03 19.41 -15.24
N TYR F 49 2.25 20.21 -14.21
CA TYR F 49 1.19 20.67 -13.34
C TYR F 49 0.60 21.98 -13.84
N GLN F 50 0.33 22.04 -15.13
CA GLN F 50 -0.01 23.28 -15.80
C GLN F 50 -1.14 23.01 -16.79
N TYR F 51 -2.04 23.97 -16.93
CA TYR F 51 -3.17 23.80 -17.84
C TYR F 51 -2.69 23.93 -19.28
N ARG F 52 -2.80 22.85 -20.04
CA ARG F 52 -2.50 22.88 -21.47
C ARG F 52 -3.83 23.11 -22.18
N VAL F 53 -4.12 24.37 -22.49
CA VAL F 53 -5.36 24.74 -23.15
C VAL F 53 -5.05 25.00 -24.61
N PHE F 54 -5.56 24.15 -25.47
CA PHE F 54 -5.33 24.22 -26.91
C PHE F 54 -6.55 24.87 -27.55
N ARG F 55 -6.31 25.94 -28.30
CA ARG F 55 -7.31 26.53 -29.17
C ARG F 55 -7.13 25.91 -30.55
N VAL F 56 -7.98 24.93 -30.87
CA VAL F 56 -7.96 24.27 -32.17
C VAL F 56 -8.78 25.11 -33.13
N GLN F 57 -8.13 25.58 -34.19
CA GLN F 57 -8.80 26.38 -35.21
C GLN F 57 -9.21 25.46 -36.36
N LEU F 58 -10.48 25.44 -36.66
CA LEU F 58 -11.06 24.62 -37.70
C LEU F 58 -11.36 25.47 -38.93
N PRO F 59 -11.33 24.88 -40.12
CA PRO F 59 -11.71 25.64 -41.32
C PRO F 59 -13.20 25.96 -41.33
N ASP F 60 -13.53 27.06 -41.96
CA ASP F 60 -14.93 27.43 -42.12
C ASP F 60 -15.56 26.50 -43.15
N PRO F 61 -16.56 25.69 -42.77
CA PRO F 61 -17.16 24.75 -43.73
C PRO F 61 -18.01 25.43 -44.78
N ASN F 62 -18.36 26.70 -44.61
CA ASN F 62 -19.04 27.47 -45.63
C ASN F 62 -18.08 28.00 -46.69
N LYS F 63 -16.77 27.84 -46.50
CA LYS F 63 -15.78 28.41 -47.39
C LYS F 63 -15.00 27.34 -48.15
N PHE F 64 -14.40 26.38 -47.45
CA PHE F 64 -13.51 25.44 -48.11
C PHE F 64 -14.32 24.32 -48.78
N GLY F 65 -13.62 23.49 -49.55
CA GLY F 65 -14.29 22.54 -50.40
C GLY F 65 -14.92 21.39 -49.64
N LEU F 66 -15.92 20.79 -50.27
CA LEU F 66 -16.69 19.70 -49.72
C LEU F 66 -16.75 18.55 -50.72
N PRO F 67 -16.91 17.31 -50.27
CA PRO F 67 -17.09 16.19 -51.21
C PRO F 67 -18.33 16.31 -52.07
N ASP F 68 -19.40 16.93 -51.55
CA ASP F 68 -20.62 17.15 -52.30
C ASP F 68 -21.05 18.60 -52.10
N THR F 69 -20.94 19.40 -53.16
CA THR F 69 -21.36 20.80 -53.09
C THR F 69 -22.87 20.92 -52.93
N SER F 70 -23.62 20.05 -53.60
CA SER F 70 -25.08 20.08 -53.57
C SER F 70 -25.67 19.33 -52.37
N ILE F 71 -24.88 19.10 -51.33
CA ILE F 71 -25.40 18.46 -50.12
C ILE F 71 -26.19 19.43 -49.25
N TYR F 72 -26.09 20.73 -49.52
CA TYR F 72 -26.83 21.73 -48.77
C TYR F 72 -27.16 22.89 -49.70
N ASN F 73 -27.97 23.82 -49.19
CA ASN F 73 -28.32 25.03 -49.93
C ASN F 73 -27.60 26.22 -49.29
N PRO F 74 -26.64 26.84 -49.99
CA PRO F 74 -25.91 27.98 -49.39
C PRO F 74 -26.79 29.16 -48.98
N GLU F 75 -27.91 29.37 -49.66
CA GLU F 75 -28.73 30.54 -49.35
C GLU F 75 -29.49 30.39 -48.04
N THR F 76 -30.05 29.20 -47.78
CA THR F 76 -30.93 28.99 -46.64
C THR F 76 -30.38 28.00 -45.63
N GLN F 77 -29.08 27.68 -45.69
CA GLN F 77 -28.54 26.65 -44.80
C GLN F 77 -27.03 26.85 -44.68
N ARG F 78 -26.56 26.96 -43.44
CA ARG F 78 -25.14 27.10 -43.14
C ARG F 78 -24.61 25.86 -42.45
N LEU F 79 -23.29 25.81 -42.29
CA LEU F 79 -22.60 24.63 -41.80
C LEU F 79 -21.90 24.92 -40.48
N VAL F 80 -21.61 23.85 -39.75
CA VAL F 80 -20.84 23.94 -38.50
C VAL F 80 -20.22 22.57 -38.26
N TRP F 81 -19.08 22.56 -37.57
CA TRP F 81 -18.40 21.33 -37.19
C TRP F 81 -18.91 20.83 -35.85
N ALA F 82 -18.94 19.50 -35.70
CA ALA F 82 -19.26 18.87 -34.44
C ALA F 82 -18.23 17.79 -34.17
N CYS F 83 -17.65 17.81 -32.98
CA CYS F 83 -16.61 16.85 -32.61
C CYS F 83 -17.25 15.49 -32.35
N ALA F 84 -17.05 14.55 -33.26
CA ALA F 84 -17.57 13.20 -33.10
C ALA F 84 -16.64 12.31 -32.27
N GLY F 85 -15.35 12.63 -32.21
CA GLY F 85 -14.42 11.84 -31.43
C GLY F 85 -13.16 12.60 -31.15
N VAL F 86 -12.44 12.16 -30.12
CA VAL F 86 -11.23 12.84 -29.67
C VAL F 86 -10.22 11.79 -29.20
N GLU F 87 -8.94 12.10 -29.40
CA GLU F 87 -7.85 11.35 -28.78
C GLU F 87 -6.72 12.33 -28.50
N ILE F 88 -6.44 12.52 -27.21
CA ILE F 88 -5.32 13.35 -26.77
C ILE F 88 -4.16 12.38 -26.55
N GLY F 89 -3.45 12.07 -27.63
CA GLY F 89 -2.31 11.19 -27.52
C GLY F 89 -1.18 11.87 -26.77
N ARG F 90 -0.94 11.42 -25.55
CA ARG F 90 0.07 12.01 -24.68
C ARG F 90 1.24 11.03 -24.62
N GLY F 91 2.30 11.34 -25.35
CA GLY F 91 3.32 10.36 -25.70
C GLY F 91 4.61 10.37 -24.92
N GLN F 92 4.74 11.22 -23.90
CA GLN F 92 5.92 11.19 -23.07
C GLN F 92 5.89 9.94 -22.18
N PRO F 93 7.05 9.50 -21.69
CA PRO F 93 7.04 8.40 -20.71
C PRO F 93 6.42 8.83 -19.38
N LEU F 94 5.73 7.89 -18.75
CA LEU F 94 5.15 8.15 -17.44
C LEU F 94 6.24 8.29 -16.40
N GLY F 95 6.06 9.24 -15.49
CA GLY F 95 7.07 9.47 -14.47
C GLY F 95 6.59 10.44 -13.42
N VAL F 96 7.38 10.55 -12.36
CA VAL F 96 7.09 11.44 -11.25
C VAL F 96 8.07 12.61 -11.29
N GLY F 97 7.61 13.74 -10.76
CA GLY F 97 8.44 14.93 -10.73
C GLY F 97 8.27 15.67 -9.43
N LEU F 98 9.24 16.52 -9.14
CA LEU F 98 9.30 17.24 -7.88
C LEU F 98 9.30 18.74 -8.10
N SER F 99 8.53 19.45 -7.27
CA SER F 99 8.58 20.89 -7.17
C SER F 99 8.94 21.25 -5.75
N GLY F 100 9.84 22.21 -5.58
CA GLY F 100 10.29 22.52 -4.24
C GLY F 100 10.68 23.97 -4.09
N HIS F 101 10.98 24.33 -2.84
CA HIS F 101 11.43 25.67 -2.51
C HIS F 101 12.77 25.57 -1.79
N PRO F 102 13.76 26.38 -2.18
CA PRO F 102 15.00 26.46 -1.39
C PRO F 102 14.78 27.00 0.01
N PHE F 103 13.77 27.84 0.18
CA PHE F 103 13.34 28.34 1.50
C PHE F 103 11.87 28.00 1.61
N TYR F 104 11.57 26.79 2.07
CA TYR F 104 10.19 26.35 2.25
C TYR F 104 9.77 26.61 3.68
N ASN F 105 8.67 27.35 3.85
CA ASN F 105 8.22 27.77 5.18
C ASN F 105 7.57 26.58 5.88
N LYS F 106 8.41 25.76 6.50
CA LYS F 106 7.95 24.74 7.43
C LYS F 106 8.67 24.91 8.75
N LEU F 107 7.92 24.83 9.85
CA LEU F 107 8.52 24.97 11.17
C LEU F 107 9.19 23.67 11.61
N ASP F 108 8.38 22.61 11.73
CA ASP F 108 8.90 21.31 12.13
C ASP F 108 7.94 20.24 11.62
N ASP F 109 8.43 19.01 11.59
CA ASP F 109 7.61 17.86 11.23
C ASP F 109 6.74 17.50 12.41
N THR F 110 5.42 17.53 12.22
CA THR F 110 4.47 17.27 13.29
C THR F 110 4.00 15.83 13.33
N GLU F 111 4.59 14.94 12.53
CA GLU F 111 4.35 13.51 12.70
C GLU F 111 5.05 13.01 13.96
N SER F 112 6.37 13.11 14.00
CA SER F 112 7.17 12.74 15.16
C SER F 112 8.20 13.84 15.37
N SER F 113 8.10 14.52 16.51
CA SER F 113 8.98 15.66 16.80
C SER F 113 9.78 15.42 18.07
N HIS F 114 10.40 14.25 18.17
CA HIS F 114 11.22 13.91 19.33
C HIS F 114 12.42 14.84 19.50
N ALA F 115 12.86 15.49 18.42
CA ALA F 115 13.90 16.52 18.51
C ALA F 115 13.23 17.87 18.75
N ALA F 116 12.90 18.11 20.03
CA ALA F 116 12.29 19.32 20.57
C ALA F 116 10.85 19.53 20.11
N THR F 117 10.03 20.16 20.95
CA THR F 117 8.65 20.41 20.61
C THR F 117 8.53 21.47 19.52
N SER F 118 9.24 22.58 19.68
CA SER F 118 9.30 23.64 18.68
C SER F 118 10.75 24.04 18.47
N ASN F 119 11.08 24.37 17.22
CA ASN F 119 12.45 24.74 16.89
C ASN F 119 12.81 26.08 17.51
N VAL F 120 11.94 27.09 17.35
CA VAL F 120 12.10 28.46 17.84
C VAL F 120 13.46 28.97 17.36
N SER F 121 13.55 29.24 16.06
CA SER F 121 14.78 29.76 15.46
C SER F 121 14.42 30.70 14.33
N GLU F 122 15.19 31.79 14.21
CA GLU F 122 14.96 32.75 13.14
C GLU F 122 15.37 32.14 11.80
N ASP F 123 14.49 32.27 10.80
CA ASP F 123 14.69 31.78 9.44
C ASP F 123 14.98 30.27 9.43
N VAL F 124 13.94 29.53 9.83
CA VAL F 124 14.03 28.07 9.98
C VAL F 124 13.58 27.45 8.67
N ARG F 125 13.49 28.26 7.61
CA ARG F 125 13.10 27.77 6.30
C ARG F 125 14.15 26.81 5.75
N ASP F 126 13.69 25.72 5.14
CA ASP F 126 14.55 24.64 4.70
C ASP F 126 14.26 24.31 3.25
N ASN F 127 15.30 23.84 2.54
CA ASN F 127 15.16 23.40 1.15
C ASN F 127 14.32 22.14 1.13
N VAL F 128 13.06 22.25 0.73
CA VAL F 128 12.12 21.14 0.79
C VAL F 128 11.44 21.00 -0.57
N SER F 129 11.45 19.78 -1.10
CA SER F 129 10.78 19.44 -2.35
C SER F 129 9.67 18.44 -2.07
N VAL F 130 8.55 18.61 -2.77
CA VAL F 130 7.42 17.71 -2.67
C VAL F 130 7.01 17.31 -4.08
N ASP F 131 6.35 16.16 -4.18
CA ASP F 131 5.58 15.85 -5.37
C ASP F 131 4.20 16.48 -5.20
N TYR F 132 3.29 16.24 -6.12
CA TYR F 132 1.97 16.84 -6.05
C TYR F 132 0.92 15.75 -6.19
N LYS F 133 -0.34 16.15 -6.11
CA LYS F 133 -1.43 15.25 -6.46
C LYS F 133 -1.38 14.94 -7.95
N GLN F 134 -1.65 13.70 -8.30
CA GLN F 134 -1.70 13.36 -9.72
C GLN F 134 -3.11 13.65 -10.23
N THR F 135 -3.20 14.53 -11.21
CA THR F 135 -4.46 15.02 -11.75
C THR F 135 -4.45 14.84 -13.25
N GLN F 136 -5.50 14.21 -13.77
CA GLN F 136 -5.73 14.11 -15.21
C GLN F 136 -7.12 14.64 -15.48
N LEU F 137 -7.20 15.67 -16.31
CA LEU F 137 -8.49 16.23 -16.69
C LEU F 137 -8.44 16.60 -18.17
N CYS F 138 -9.52 16.28 -18.87
CA CYS F 138 -9.68 16.62 -20.28
C CYS F 138 -11.05 17.22 -20.46
N ILE F 139 -11.09 18.48 -20.90
CA ILE F 139 -12.32 19.23 -21.09
C ILE F 139 -12.36 19.72 -22.52
N LEU F 140 -13.35 19.28 -23.28
CA LEU F 140 -13.58 19.75 -24.63
C LEU F 140 -14.81 20.63 -24.66
N GLY F 141 -14.66 21.84 -25.18
CA GLY F 141 -15.78 22.74 -25.41
C GLY F 141 -15.55 23.54 -26.68
N CYS F 142 -16.56 24.31 -27.07
CA CYS F 142 -16.36 25.34 -28.09
C CYS F 142 -16.05 26.69 -27.49
N ALA F 143 -16.01 26.77 -26.16
CA ALA F 143 -15.58 27.91 -25.36
C ALA F 143 -14.59 27.39 -24.32
N PRO F 144 -13.63 28.23 -23.90
CA PRO F 144 -12.64 27.75 -22.92
C PRO F 144 -13.28 27.47 -21.57
N ALA F 145 -12.66 26.54 -20.84
CA ALA F 145 -13.21 26.08 -19.57
C ALA F 145 -13.10 27.18 -18.51
N ILE F 146 -14.03 27.15 -17.57
CA ILE F 146 -14.07 28.12 -16.48
C ILE F 146 -13.37 27.52 -15.27
N GLY F 147 -12.36 28.21 -14.76
CA GLY F 147 -11.65 27.77 -13.59
C GLY F 147 -11.97 28.65 -12.39
N GLU F 148 -11.76 28.12 -11.18
CA GLU F 148 -12.04 28.85 -9.96
C GLU F 148 -10.81 28.90 -9.09
N HIS F 149 -10.66 30.01 -8.36
CA HIS F 149 -9.56 30.14 -7.42
C HIS F 149 -9.95 31.11 -6.33
N TRP F 150 -9.40 30.90 -5.14
CA TRP F 150 -9.66 31.78 -4.00
C TRP F 150 -8.66 32.92 -4.02
N ALA F 151 -9.16 34.15 -4.02
CA ALA F 151 -8.30 35.31 -4.13
C ALA F 151 -8.65 36.31 -3.04
N LYS F 152 -7.77 37.29 -2.87
CA LYS F 152 -7.95 38.33 -1.89
C LYS F 152 -9.13 39.22 -2.27
N GLY F 153 -10.03 39.46 -1.32
CA GLY F 153 -11.18 40.28 -1.57
C GLY F 153 -10.84 41.76 -1.64
N THR F 154 -11.79 42.54 -2.17
CA THR F 154 -11.60 43.97 -2.29
C THR F 154 -11.64 44.63 -0.91
N ALA F 155 -11.01 45.79 -0.82
CA ALA F 155 -10.95 46.54 0.43
C ALA F 155 -12.14 47.49 0.51
N SER F 156 -12.95 47.33 1.55
CA SER F 156 -14.12 48.19 1.72
C SER F 156 -13.70 49.58 2.14
N LYS F 157 -14.36 50.59 1.56
CA LYS F 157 -14.06 51.97 1.91
C LYS F 157 -14.50 52.31 3.33
N SER F 158 -15.61 51.73 3.78
CA SER F 158 -16.10 52.01 5.13
C SER F 158 -15.20 51.38 6.19
N ARG F 159 -14.78 50.14 5.98
CA ARG F 159 -13.93 49.41 6.92
C ARG F 159 -12.69 48.92 6.19
N PRO F 160 -11.62 49.71 6.22
CA PRO F 160 -10.36 49.24 5.61
C PRO F 160 -9.74 48.11 6.41
N LEU F 161 -8.96 47.29 5.71
CA LEU F 161 -8.31 46.13 6.33
C LEU F 161 -6.94 46.54 6.87
N SER F 162 -6.74 46.32 8.17
CA SER F 162 -5.45 46.62 8.78
C SER F 162 -4.40 45.63 8.31
N GLN F 163 -3.15 46.08 8.29
CA GLN F 163 -2.05 45.26 7.79
C GLN F 163 -1.76 44.13 8.77
N GLY F 164 -1.57 42.93 8.22
CA GLY F 164 -1.32 41.74 9.01
C GLY F 164 -2.55 40.89 9.26
N ASP F 165 -3.74 41.46 9.14
CA ASP F 165 -4.96 40.68 9.32
C ASP F 165 -5.24 39.81 8.10
N CYS F 166 -6.07 38.80 8.30
CA CYS F 166 -6.41 37.89 7.22
C CYS F 166 -7.37 38.58 6.26
N PRO F 167 -7.04 38.68 4.98
CA PRO F 167 -7.97 39.27 4.03
C PRO F 167 -9.12 38.32 3.75
N PRO F 168 -10.30 38.85 3.42
CA PRO F 168 -11.42 37.97 3.08
C PRO F 168 -11.19 37.28 1.73
N LEU F 169 -11.45 35.98 1.71
CA LEU F 169 -11.27 35.19 0.50
C LEU F 169 -12.54 35.21 -0.32
N GLU F 170 -12.39 35.37 -1.63
CA GLU F 170 -13.53 35.30 -2.54
C GLU F 170 -13.20 34.34 -3.68
N LEU F 171 -14.21 33.63 -4.14
CA LEU F 171 -14.05 32.62 -5.19
C LEU F 171 -14.17 33.31 -6.54
N LYS F 172 -13.03 33.68 -7.11
CA LYS F 172 -13.01 34.27 -8.44
C LYS F 172 -13.07 33.17 -9.49
N ASN F 173 -13.99 33.32 -10.44
CA ASN F 173 -14.10 32.44 -11.59
C ASN F 173 -13.50 33.14 -12.79
N THR F 174 -12.46 32.55 -13.37
CA THR F 174 -11.78 33.08 -14.52
C THR F 174 -11.79 32.03 -15.64
N VAL F 175 -11.09 32.32 -16.71
CA VAL F 175 -11.01 31.41 -17.85
C VAL F 175 -9.75 30.57 -17.72
N LEU F 176 -9.90 29.25 -17.84
CA LEU F 176 -8.76 28.34 -17.83
C LEU F 176 -7.99 28.53 -19.13
N GLU F 177 -6.89 29.27 -19.06
CA GLU F 177 -6.05 29.55 -20.21
C GLU F 177 -4.75 28.78 -20.09
N ASP F 178 -3.98 28.78 -21.18
CA ASP F 178 -2.73 28.04 -21.24
C ASP F 178 -1.70 28.64 -20.30
N GLY F 179 -0.95 27.79 -19.62
CA GLY F 179 0.05 28.23 -18.67
C GLY F 179 -0.46 28.42 -17.25
N ASP F 180 -1.76 28.29 -17.03
CA ASP F 180 -2.29 28.35 -15.67
C ASP F 180 -1.89 27.11 -14.89
N MET F 181 -1.53 27.31 -13.63
CA MET F 181 -1.11 26.21 -12.78
C MET F 181 -2.34 25.49 -12.24
N VAL F 182 -2.25 24.16 -12.15
CA VAL F 182 -3.39 23.36 -11.73
C VAL F 182 -3.34 23.27 -10.21
N ASP F 183 -4.46 22.84 -9.61
CA ASP F 183 -4.49 22.51 -8.19
C ASP F 183 -3.47 21.41 -7.89
N THR F 184 -2.71 21.60 -6.81
CA THR F 184 -1.55 20.75 -6.55
C THR F 184 -1.58 20.15 -5.15
N GLY F 185 -2.74 20.16 -4.49
CA GLY F 185 -2.84 19.70 -3.12
C GLY F 185 -2.63 20.77 -2.08
N TYR F 186 -2.20 21.96 -2.48
CA TYR F 186 -2.12 23.11 -1.59
C TYR F 186 -3.34 24.01 -1.67
N GLY F 187 -4.31 23.66 -2.50
CA GLY F 187 -5.51 24.45 -2.66
C GLY F 187 -5.50 25.29 -3.93
N ALA F 188 -6.65 25.41 -4.56
CA ALA F 188 -6.78 26.23 -5.77
C ALA F 188 -7.01 27.66 -5.33
N MET F 189 -5.92 28.41 -5.15
CA MET F 189 -6.01 29.80 -4.73
C MET F 189 -4.89 30.60 -5.35
N ASP F 190 -4.98 31.91 -5.18
CA ASP F 190 -3.97 32.85 -5.66
C ASP F 190 -2.85 32.93 -4.62
N PHE F 191 -1.75 32.22 -4.88
CA PHE F 191 -0.63 32.22 -3.95
C PHE F 191 0.19 33.49 -4.01
N SER F 192 0.03 34.30 -5.07
CA SER F 192 0.79 35.53 -5.18
C SER F 192 0.28 36.59 -4.21
N THR F 193 -1.04 36.66 -4.02
CA THR F 193 -1.65 37.69 -3.18
C THR F 193 -1.99 37.21 -1.79
N LEU F 194 -2.43 35.95 -1.64
CA LEU F 194 -2.82 35.45 -0.33
C LEU F 194 -1.62 35.12 0.56
N GLN F 195 -0.51 34.70 -0.04
CA GLN F 195 0.69 34.34 0.71
C GLN F 195 1.76 35.40 0.42
N ASP F 196 1.98 36.28 1.39
CA ASP F 196 2.99 37.33 1.26
C ASP F 196 4.39 36.86 1.59
N THR F 197 4.53 35.69 2.22
CA THR F 197 5.84 35.18 2.61
C THR F 197 6.61 34.65 1.41
N LYS F 198 5.89 34.16 0.39
CA LYS F 198 6.46 33.54 -0.82
C LYS F 198 7.33 32.33 -0.49
N CYS F 199 6.97 31.60 0.56
CA CYS F 199 7.77 30.47 1.01
C CYS F 199 6.98 29.25 1.42
N GLU F 200 5.64 29.30 1.39
CA GLU F 200 4.83 28.18 1.85
C GLU F 200 4.61 27.11 0.80
N VAL F 201 4.84 27.43 -0.46
CA VAL F 201 4.55 26.51 -1.57
C VAL F 201 5.75 26.52 -2.50
N PRO F 202 5.94 25.43 -3.28
CA PRO F 202 7.09 25.37 -4.19
C PRO F 202 7.06 26.43 -5.28
N LEU F 203 8.18 26.51 -6.00
CA LEU F 203 8.48 27.65 -6.85
C LEU F 203 7.52 27.76 -8.03
N ASP F 204 7.04 26.63 -8.56
CA ASP F 204 6.16 26.68 -9.73
C ASP F 204 4.79 27.25 -9.39
N ILE F 205 4.37 27.14 -8.14
CA ILE F 205 3.10 27.67 -7.68
C ILE F 205 3.27 28.78 -6.65
N CYS F 206 4.50 29.26 -6.48
CA CYS F 206 4.77 30.24 -5.42
C CYS F 206 4.14 31.59 -5.74
N GLN F 207 4.33 32.08 -6.96
CA GLN F 207 3.81 33.38 -7.38
C GLN F 207 2.83 33.22 -8.54
N SER F 208 2.09 32.11 -8.56
CA SER F 208 1.17 31.79 -9.63
C SER F 208 -0.19 31.45 -9.05
N ILE F 209 -1.22 31.58 -9.88
CA ILE F 209 -2.59 31.28 -9.50
C ILE F 209 -2.87 29.83 -9.83
N CYS F 210 -3.27 29.05 -8.83
CA CYS F 210 -3.67 27.66 -9.02
C CYS F 210 -5.20 27.61 -9.14
N LYS F 211 -5.68 26.90 -10.15
CA LYS F 211 -7.09 26.89 -10.48
C LYS F 211 -7.62 25.47 -10.54
N TYR F 212 -8.84 25.29 -10.05
CA TYR F 212 -9.69 24.13 -10.25
C TYR F 212 -10.75 24.45 -11.29
N PRO F 213 -11.05 23.51 -12.20
CA PRO F 213 -12.16 23.74 -13.14
C PRO F 213 -13.48 23.78 -12.38
N ASP F 214 -14.19 24.90 -12.49
CA ASP F 214 -15.47 25.06 -11.81
C ASP F 214 -16.51 24.24 -12.56
N TYR F 215 -16.53 22.93 -12.25
CA TYR F 215 -17.44 22.02 -12.93
C TYR F 215 -18.89 22.34 -12.62
N LEU F 216 -19.16 22.89 -11.44
CA LEU F 216 -20.52 23.29 -11.08
C LEU F 216 -21.03 24.44 -11.94
N GLN F 217 -20.13 25.32 -12.40
CA GLN F 217 -20.56 26.46 -13.19
C GLN F 217 -20.71 26.10 -14.66
N MET F 218 -19.70 25.46 -15.25
CA MET F 218 -19.78 25.10 -16.66
C MET F 218 -20.57 23.82 -16.91
N SER F 219 -20.99 23.14 -15.85
CA SER F 219 -22.00 22.08 -15.99
C SER F 219 -23.41 22.67 -15.95
N ALA F 220 -23.62 23.67 -15.09
CA ALA F 220 -24.86 24.42 -15.05
C ALA F 220 -24.86 25.62 -15.99
N ASP F 221 -23.90 25.68 -16.90
CA ASP F 221 -23.93 26.68 -17.96
C ASP F 221 -25.17 26.45 -18.82
N PRO F 222 -25.92 27.50 -19.17
CA PRO F 222 -27.18 27.29 -19.90
C PRO F 222 -27.00 26.65 -21.27
N TYR F 223 -25.92 26.96 -21.98
CA TYR F 223 -25.73 26.45 -23.33
C TYR F 223 -24.76 25.28 -23.40
N GLY F 224 -23.98 25.03 -22.36
CA GLY F 224 -23.04 23.93 -22.38
C GLY F 224 -21.89 24.11 -23.34
N ASP F 225 -21.58 25.35 -23.70
CA ASP F 225 -20.54 25.60 -24.71
C ASP F 225 -19.14 25.37 -24.14
N SER F 226 -18.90 25.81 -22.90
CA SER F 226 -17.58 25.73 -22.31
C SER F 226 -17.17 24.31 -21.96
N MET F 227 -18.12 23.38 -21.87
CA MET F 227 -17.79 22.01 -21.51
C MET F 227 -18.88 21.10 -22.07
N PHE F 228 -18.58 20.40 -23.17
CA PHE F 228 -19.43 19.29 -23.58
C PHE F 228 -18.73 17.94 -23.49
N PHE F 229 -17.46 17.91 -23.13
CA PHE F 229 -16.77 16.66 -22.82
C PHE F 229 -15.89 16.89 -21.62
N CYS F 230 -15.91 15.96 -20.66
CA CYS F 230 -15.17 16.17 -19.43
C CYS F 230 -14.79 14.84 -18.80
N LEU F 231 -13.50 14.64 -18.56
CA LEU F 231 -13.01 13.54 -17.76
C LEU F 231 -12.04 14.06 -16.71
N ARG F 232 -12.06 13.45 -15.53
CA ARG F 232 -11.23 13.88 -14.43
C ARG F 232 -10.88 12.69 -13.55
N ARG F 233 -9.66 12.72 -13.00
CA ARG F 233 -9.16 11.64 -12.15
C ARG F 233 -8.02 12.20 -11.32
N GLU F 234 -8.20 12.23 -9.99
CA GLU F 234 -7.27 12.86 -9.08
C GLU F 234 -6.91 11.88 -7.96
N GLN F 235 -5.64 11.87 -7.57
CA GLN F 235 -5.17 11.13 -6.40
C GLN F 235 -4.21 11.98 -5.59
N LEU F 236 -4.35 11.91 -4.27
CA LEU F 236 -3.34 12.48 -3.39
C LEU F 236 -3.40 11.83 -2.02
N PHE F 237 -2.30 11.98 -1.28
CA PHE F 237 -2.24 11.68 0.14
C PHE F 237 -1.15 12.55 0.75
N ALA F 238 -1.13 12.61 2.07
CA ALA F 238 -0.19 13.44 2.80
C ALA F 238 1.01 12.61 3.21
N ARG F 239 2.15 12.84 2.55
CA ARG F 239 3.37 12.15 2.96
C ARG F 239 3.88 12.68 4.29
N HIS F 240 3.97 13.99 4.42
CA HIS F 240 4.61 14.62 5.57
C HIS F 240 3.73 15.75 6.09
N PHE F 241 3.72 15.88 7.41
CA PHE F 241 2.92 16.90 8.10
C PHE F 241 3.88 17.99 8.57
N TRP F 242 3.55 19.25 8.27
CA TRP F 242 4.45 20.34 8.60
C TRP F 242 3.68 21.47 9.26
N ASN F 243 4.39 22.25 10.06
CA ASN F 243 3.84 23.42 10.72
C ASN F 243 4.36 24.66 10.04
N ARG F 244 3.53 25.70 9.96
CA ARG F 244 3.89 26.94 9.28
C ARG F 244 4.48 27.91 10.29
N ALA F 245 5.74 28.28 10.06
CA ALA F 245 6.40 29.23 10.94
C ALA F 245 5.84 30.64 10.75
N GLY F 246 5.89 31.42 11.82
CA GLY F 246 5.35 32.76 11.82
C GLY F 246 4.40 32.99 12.98
N THR F 247 4.00 34.24 13.12
CA THR F 247 3.04 34.61 14.15
C THR F 247 1.67 34.02 13.83
N MET F 248 0.97 33.57 14.86
CA MET F 248 -0.38 33.05 14.69
C MET F 248 -1.35 34.21 14.80
N GLY F 249 -1.91 34.62 13.65
CA GLY F 249 -2.88 35.70 13.66
C GLY F 249 -4.16 35.32 14.37
N ASP F 250 -4.67 34.12 14.10
CA ASP F 250 -5.82 33.58 14.83
C ASP F 250 -5.27 32.85 16.07
N THR F 251 -5.32 33.52 17.21
CA THR F 251 -4.83 32.92 18.44
C THR F 251 -5.72 31.76 18.85
N VAL F 252 -5.09 30.69 19.33
CA VAL F 252 -5.84 29.52 19.81
C VAL F 252 -6.60 29.91 21.08
N PRO F 253 -7.90 29.63 21.15
CA PRO F 253 -8.65 29.95 22.36
C PRO F 253 -8.14 29.19 23.58
N GLN F 254 -8.21 29.84 24.74
CA GLN F 254 -7.70 29.25 25.97
C GLN F 254 -8.50 28.04 26.38
N SER F 255 -9.78 27.96 25.97
CA SER F 255 -10.63 26.83 26.30
C SER F 255 -10.28 25.56 25.54
N LEU F 256 -9.38 25.63 24.56
CA LEU F 256 -9.02 24.46 23.77
C LEU F 256 -7.71 23.81 24.21
N TYR F 257 -7.06 24.31 25.25
CA TYR F 257 -5.83 23.70 25.74
C TYR F 257 -5.63 24.06 27.20
N ILE F 258 -4.62 23.46 27.79
CA ILE F 258 -4.17 23.77 29.15
C ILE F 258 -2.74 24.27 29.06
N LYS F 259 -2.47 25.41 29.70
CA LYS F 259 -1.16 26.04 29.62
C LYS F 259 -0.09 25.17 30.29
N GLY F 260 1.11 25.25 29.74
CA GLY F 260 2.27 24.55 30.27
C GLY F 260 3.17 25.47 31.06
N THR F 261 4.46 25.13 31.08
CA THR F 261 5.46 25.89 31.81
C THR F 261 6.58 26.28 30.85
N GLY F 262 6.89 27.58 30.82
CA GLY F 262 7.98 28.08 30.00
C GLY F 262 7.69 28.04 28.51
N MET F 263 8.40 27.16 27.78
CA MET F 263 8.24 27.05 26.33
C MET F 263 6.87 26.56 25.93
N ARG F 264 6.15 25.88 26.83
CA ARG F 264 4.78 25.47 26.58
C ARG F 264 3.77 26.37 27.27
N ALA F 265 4.20 27.53 27.76
CA ALA F 265 3.27 28.49 28.35
C ALA F 265 2.32 29.08 27.32
N SER F 266 2.74 29.18 26.07
CA SER F 266 1.91 29.66 24.98
C SER F 266 1.97 28.66 23.83
N PRO F 267 0.89 28.50 23.07
CA PRO F 267 0.92 27.58 21.93
C PRO F 267 1.89 28.03 20.85
N GLY F 268 2.46 27.05 20.16
CA GLY F 268 3.36 27.34 19.06
C GLY F 268 2.59 27.68 17.80
N SER F 269 3.02 27.09 16.69
CA SER F 269 2.34 27.29 15.42
C SER F 269 1.28 26.22 15.23
N CYS F 270 0.09 26.63 14.81
CA CYS F 270 -1.04 25.71 14.63
C CYS F 270 -1.62 25.75 13.24
N VAL F 271 -0.92 26.35 12.27
CA VAL F 271 -1.31 26.29 10.88
C VAL F 271 -0.54 25.12 10.25
N TYR F 272 -1.25 24.04 9.98
CA TYR F 272 -0.63 22.78 9.58
C TYR F 272 -0.86 22.55 8.09
N SER F 273 0.21 22.21 7.37
CA SER F 273 0.14 21.95 5.95
C SER F 273 0.62 20.52 5.66
N PRO F 274 -0.11 19.78 4.84
CA PRO F 274 0.38 18.46 4.43
C PRO F 274 1.27 18.53 3.20
N SER F 275 2.04 17.47 3.00
CA SER F 275 2.82 17.29 1.79
C SER F 275 1.96 16.53 0.79
N PRO F 276 1.47 17.16 -0.28
CA PRO F 276 0.65 16.43 -1.24
C PRO F 276 1.50 15.45 -2.05
N SER F 277 0.85 14.39 -2.51
CA SER F 277 1.54 13.36 -3.30
C SER F 277 0.52 12.50 -4.01
N GLY F 278 0.51 12.54 -5.34
CA GLY F 278 -0.17 11.51 -6.09
C GLY F 278 0.51 10.20 -5.82
N SER F 279 -0.24 9.20 -5.38
CA SER F 279 0.35 8.03 -4.73
C SER F 279 1.16 7.17 -5.69
N ILE F 280 0.51 6.57 -6.67
CA ILE F 280 1.17 5.70 -7.64
C ILE F 280 0.79 6.18 -9.03
N VAL F 281 1.78 6.39 -9.89
CA VAL F 281 1.55 6.71 -11.29
C VAL F 281 1.45 5.39 -12.03
N THR F 282 0.22 4.97 -12.35
CA THR F 282 -0.06 3.67 -12.93
C THR F 282 -0.64 3.88 -14.33
N SER F 283 -0.15 3.09 -15.30
CA SER F 283 -0.66 3.17 -16.66
C SER F 283 -2.08 2.64 -16.78
N ASP F 284 -2.55 1.85 -15.81
CA ASP F 284 -3.91 1.31 -15.86
C ASP F 284 -4.97 2.36 -15.57
N SER F 285 -4.58 3.50 -15.00
CA SER F 285 -5.51 4.57 -14.66
C SER F 285 -5.25 5.83 -15.48
N GLN F 286 -5.00 5.66 -16.77
CA GLN F 286 -4.72 6.77 -17.66
C GLN F 286 -5.98 7.21 -18.40
N LEU F 287 -6.19 8.52 -18.48
CA LEU F 287 -7.29 9.10 -19.22
C LEU F 287 -6.89 9.53 -20.63
N PHE F 288 -5.64 9.27 -21.03
CA PHE F 288 -5.13 9.76 -22.30
C PHE F 288 -4.52 8.61 -23.08
N ASN F 289 -4.14 8.90 -24.33
CA ASN F 289 -3.78 7.91 -25.34
C ASN F 289 -4.92 6.91 -25.57
N LYS F 290 -6.16 7.36 -25.39
CA LYS F 290 -7.36 6.56 -25.56
C LYS F 290 -8.38 7.33 -26.38
N PRO F 291 -9.15 6.65 -27.22
CA PRO F 291 -10.17 7.35 -27.99
C PRO F 291 -11.46 7.52 -27.21
N TYR F 292 -12.03 8.72 -27.25
CA TYR F 292 -13.28 9.02 -26.56
C TYR F 292 -14.25 9.60 -27.55
N TRP F 293 -15.44 9.01 -27.64
CA TRP F 293 -16.44 9.44 -28.60
C TRP F 293 -17.49 10.30 -27.92
N LEU F 294 -18.17 11.10 -28.73
CA LEU F 294 -19.03 12.18 -28.23
C LEU F 294 -20.44 12.05 -28.76
N HIS F 295 -21.03 10.86 -28.63
CA HIS F 295 -22.40 10.64 -29.10
C HIS F 295 -23.39 11.53 -28.37
N LYS F 296 -23.24 11.65 -27.05
CA LYS F 296 -24.12 12.49 -26.23
C LYS F 296 -23.28 13.28 -25.25
N ALA F 297 -23.54 14.58 -25.16
CA ALA F 297 -22.81 15.47 -24.28
C ALA F 297 -23.60 15.74 -23.01
N GLN F 298 -22.90 16.25 -22.00
CA GLN F 298 -23.54 16.53 -20.72
C GLN F 298 -24.43 17.76 -20.79
N GLY F 299 -24.10 18.72 -21.66
CA GLY F 299 -24.83 19.97 -21.76
C GLY F 299 -25.76 20.00 -22.96
N HIS F 300 -26.26 21.20 -23.26
CA HIS F 300 -27.14 21.39 -24.39
C HIS F 300 -26.40 21.50 -25.72
N ASN F 301 -25.08 21.72 -25.68
CA ASN F 301 -24.26 21.69 -26.88
C ASN F 301 -23.74 20.27 -27.05
N ASN F 302 -24.20 19.57 -28.08
CA ASN F 302 -23.82 18.17 -28.28
C ASN F 302 -22.54 18.07 -29.12
N GLY F 303 -21.48 18.70 -28.59
CA GLY F 303 -20.21 18.67 -29.26
C GLY F 303 -20.10 19.55 -30.48
N VAL F 304 -21.09 20.41 -30.73
CA VAL F 304 -21.06 21.28 -31.89
C VAL F 304 -20.04 22.38 -31.66
N CYS F 305 -19.05 22.46 -32.53
CA CYS F 305 -17.95 23.42 -32.40
C CYS F 305 -18.36 24.72 -33.07
N TRP F 306 -18.97 25.61 -32.29
CA TRP F 306 -19.34 26.93 -32.79
C TRP F 306 -18.10 27.76 -33.07
N HIS F 307 -18.23 28.69 -34.02
CA HIS F 307 -17.20 29.64 -34.42
C HIS F 307 -15.97 28.97 -35.01
N ASN F 308 -16.12 27.72 -35.46
CA ASN F 308 -15.06 26.92 -36.08
C ASN F 308 -13.82 26.82 -35.19
N GLN F 309 -14.05 26.64 -33.90
CA GLN F 309 -12.97 26.53 -32.93
C GLN F 309 -13.34 25.51 -31.87
N LEU F 310 -12.32 24.98 -31.21
CA LEU F 310 -12.51 23.96 -30.18
C LEU F 310 -11.44 24.15 -29.10
N PHE F 311 -11.87 24.36 -27.87
CA PHE F 311 -10.95 24.53 -26.75
C PHE F 311 -10.82 23.21 -26.02
N VAL F 312 -9.59 22.73 -25.91
CA VAL F 312 -9.26 21.47 -25.25
C VAL F 312 -8.35 21.79 -24.07
N THR F 313 -8.89 21.69 -22.86
CA THR F 313 -8.14 21.92 -21.63
C THR F 313 -7.68 20.57 -21.10
N VAL F 314 -6.38 20.33 -21.14
CA VAL F 314 -5.80 19.05 -20.74
C VAL F 314 -4.76 19.29 -19.65
N VAL F 315 -4.91 18.56 -18.55
CA VAL F 315 -3.88 18.43 -17.53
C VAL F 315 -3.59 16.94 -17.36
N ASP F 316 -2.33 16.55 -17.50
CA ASP F 316 -1.91 15.18 -17.24
C ASP F 316 -0.58 15.24 -16.51
N THR F 317 -0.64 15.08 -15.20
CA THR F 317 0.53 15.18 -14.34
C THR F 317 1.20 13.83 -14.12
N THR F 318 0.71 12.78 -14.79
CA THR F 318 1.33 11.46 -14.70
C THR F 318 2.62 11.36 -15.48
N ARG F 319 2.95 12.36 -16.30
CA ARG F 319 4.25 12.46 -16.96
C ARG F 319 4.85 13.78 -16.52
N SER F 320 5.51 13.76 -15.36
CA SER F 320 6.03 14.98 -14.74
C SER F 320 7.53 14.93 -14.56
N THR F 321 8.23 14.03 -15.26
CA THR F 321 9.66 13.84 -15.06
C THR F 321 10.42 15.08 -15.53
N ASN F 322 11.12 15.72 -14.61
CA ASN F 322 11.97 16.86 -14.92
C ASN F 322 13.35 16.33 -15.26
N LEU F 323 13.71 16.41 -16.54
CA LEU F 323 15.00 15.93 -17.01
C LEU F 323 16.10 16.80 -16.41
N THR F 324 17.11 16.18 -15.82
CA THR F 324 18.19 16.91 -15.17
C THR F 324 19.41 16.91 -16.09
N ILE F 325 19.84 18.10 -16.50
CA ILE F 325 20.94 18.28 -17.44
C ILE F 325 22.12 18.88 -16.69
N CYS F 326 23.26 18.21 -16.75
CA CYS F 326 24.46 18.65 -16.07
C CYS F 326 25.51 19.01 -17.12
N ALA F 327 26.02 20.25 -17.05
CA ALA F 327 26.99 20.75 -18.01
C ALA F 327 28.28 21.10 -17.30
N SER F 328 29.40 20.56 -17.77
CA SER F 328 30.68 20.87 -17.17
C SER F 328 31.13 22.27 -17.59
N THR F 329 31.66 23.02 -16.61
CA THR F 329 32.15 24.37 -16.90
C THR F 329 33.41 24.33 -17.76
N GLN F 330 34.31 23.39 -17.49
CA GLN F 330 35.45 23.17 -18.36
C GLN F 330 35.01 22.49 -19.66
N SER F 331 35.66 22.87 -20.76
CA SER F 331 35.33 22.29 -22.06
C SER F 331 35.70 20.81 -22.17
N PRO F 332 36.78 20.30 -21.50
CA PRO F 332 36.81 18.85 -21.25
C PRO F 332 36.27 18.51 -19.88
N VAL F 333 35.57 17.38 -19.76
CA VAL F 333 35.06 16.95 -18.47
C VAL F 333 36.23 16.44 -17.64
N PRO F 334 36.50 17.03 -16.48
CA PRO F 334 37.69 16.67 -15.71
C PRO F 334 37.57 15.29 -15.07
N GLY F 335 38.72 14.64 -14.90
CA GLY F 335 38.75 13.38 -14.18
C GLY F 335 38.63 13.54 -12.67
N GLN F 336 38.81 14.76 -12.17
CA GLN F 336 38.63 15.06 -10.75
C GLN F 336 37.29 15.77 -10.56
N TYR F 337 36.50 15.29 -9.61
CA TYR F 337 35.17 15.82 -9.41
C TYR F 337 35.20 17.09 -8.57
N ASP F 338 34.57 18.15 -9.08
CA ASP F 338 34.34 19.38 -8.33
C ASP F 338 32.89 19.77 -8.53
N ALA F 339 32.16 19.91 -7.43
CA ALA F 339 30.71 20.14 -7.52
C ALA F 339 30.40 21.53 -8.08
N THR F 340 31.21 22.53 -7.75
CA THR F 340 30.97 23.89 -8.22
C THR F 340 31.30 24.08 -9.69
N LYS F 341 31.96 23.12 -10.33
CA LYS F 341 32.32 23.22 -11.74
C LYS F 341 31.30 22.56 -12.66
N PHE F 342 30.15 22.17 -12.12
CA PHE F 342 29.07 21.57 -12.90
C PHE F 342 27.81 22.41 -12.72
N LYS F 343 27.21 22.81 -13.84
CA LYS F 343 25.98 23.59 -13.83
C LYS F 343 24.80 22.64 -14.00
N GLN F 344 23.78 22.83 -13.16
CA GLN F 344 22.62 21.95 -13.11
C GLN F 344 21.40 22.67 -13.65
N TYR F 345 20.67 22.00 -14.54
CA TYR F 345 19.46 22.54 -15.14
C TYR F 345 18.35 21.51 -15.02
N SER F 346 17.12 21.97 -14.85
CA SER F 346 15.95 21.13 -14.87
C SER F 346 15.08 21.56 -16.05
N ARG F 347 14.77 20.61 -16.93
CA ARG F 347 13.94 20.87 -18.09
C ARG F 347 12.80 19.87 -18.11
N HIS F 348 11.57 20.36 -18.11
CA HIS F 348 10.41 19.51 -18.29
C HIS F 348 9.92 19.61 -19.73
N VAL F 349 9.44 18.48 -20.25
CA VAL F 349 9.07 18.34 -21.65
C VAL F 349 7.62 17.92 -21.75
N GLU F 350 6.90 18.53 -22.67
CA GLU F 350 5.50 18.22 -22.98
C GLU F 350 5.41 17.80 -24.43
N GLU F 351 4.88 16.59 -24.65
CA GLU F 351 4.69 16.04 -25.99
C GLU F 351 3.22 15.68 -26.14
N TYR F 352 2.57 16.23 -27.17
CA TYR F 352 1.15 16.05 -27.39
C TYR F 352 0.89 15.66 -28.83
N ASP F 353 -0.25 15.02 -29.03
CA ASP F 353 -0.75 14.68 -30.36
C ASP F 353 -2.28 14.80 -30.27
N LEU F 354 -2.80 15.95 -30.63
CA LEU F 354 -4.24 16.17 -30.61
C LEU F 354 -4.81 15.64 -31.91
N GLN F 355 -5.70 14.66 -31.82
CA GLN F 355 -6.38 14.20 -33.02
C GLN F 355 -7.86 14.08 -32.76
N PHE F 356 -8.66 14.43 -33.76
CA PHE F 356 -10.10 14.59 -33.61
C PHE F 356 -10.79 14.01 -34.83
N ILE F 357 -12.02 13.56 -34.63
CA ILE F 357 -12.94 13.21 -35.69
C ILE F 357 -14.11 14.18 -35.62
N PHE F 358 -14.28 14.97 -36.67
CA PHE F 358 -15.31 16.00 -36.75
C PHE F 358 -16.41 15.58 -37.70
N GLN F 359 -17.63 16.01 -37.41
CA GLN F 359 -18.80 15.67 -38.21
C GLN F 359 -19.34 16.93 -38.86
N LEU F 360 -19.52 16.89 -40.18
CA LEU F 360 -20.14 18.00 -40.88
C LEU F 360 -21.61 18.08 -40.52
N CYS F 361 -22.09 19.29 -40.23
CA CYS F 361 -23.47 19.48 -39.78
C CYS F 361 -24.07 20.71 -40.44
N THR F 362 -25.25 20.55 -41.04
CA THR F 362 -25.96 21.64 -41.69
C THR F 362 -26.89 22.32 -40.68
N ILE F 363 -27.05 23.63 -40.86
CA ILE F 363 -27.90 24.44 -39.97
C ILE F 363 -28.99 25.05 -40.84
N THR F 364 -30.21 24.54 -40.72
CA THR F 364 -31.34 25.08 -41.47
C THR F 364 -31.76 26.41 -40.84
N LEU F 365 -31.36 27.51 -41.48
CA LEU F 365 -31.57 28.84 -40.92
C LEU F 365 -32.99 29.31 -41.25
N THR F 366 -33.94 28.87 -40.42
CA THR F 366 -35.28 29.44 -40.46
C THR F 366 -35.31 30.70 -39.60
N ALA F 367 -36.50 31.30 -39.48
CA ALA F 367 -36.62 32.52 -38.68
C ALA F 367 -36.44 32.22 -37.19
N ASP F 368 -37.08 31.16 -36.70
CA ASP F 368 -36.97 30.78 -35.29
C ASP F 368 -35.55 30.33 -34.96
N VAL F 369 -34.92 29.56 -35.86
CA VAL F 369 -33.56 29.09 -35.63
C VAL F 369 -32.58 30.25 -35.60
N MET F 370 -32.73 31.20 -36.53
CA MET F 370 -31.85 32.36 -36.56
C MET F 370 -32.06 33.24 -35.32
N SER F 371 -33.31 33.36 -34.87
CA SER F 371 -33.57 34.12 -33.64
C SER F 371 -32.95 33.43 -32.43
N TYR F 372 -33.00 32.10 -32.37
CA TYR F 372 -32.37 31.38 -31.27
C TYR F 372 -30.85 31.53 -31.31
N ILE F 373 -30.26 31.50 -32.51
CA ILE F 373 -28.82 31.70 -32.64
C ILE F 373 -28.43 33.10 -32.20
N HIS F 374 -29.24 34.10 -32.57
CA HIS F 374 -29.00 35.47 -32.13
C HIS F 374 -29.11 35.59 -30.61
N SER F 375 -30.07 34.89 -30.02
CA SER F 375 -30.20 34.90 -28.57
C SER F 375 -29.01 34.24 -27.88
N MET F 376 -28.46 33.19 -28.48
CA MET F 376 -27.30 32.54 -27.87
C MET F 376 -26.01 33.31 -28.16
N ASN F 377 -25.68 33.50 -29.43
CA ASN F 377 -24.47 34.22 -29.82
C ASN F 377 -24.68 34.79 -31.21
N SER F 378 -24.83 36.12 -31.30
CA SER F 378 -25.10 36.74 -32.59
C SER F 378 -23.89 36.70 -33.51
N SER F 379 -22.68 36.67 -32.93
CA SER F 379 -21.44 36.70 -33.72
C SER F 379 -21.37 35.53 -34.69
N ILE F 380 -22.03 34.42 -34.35
CA ILE F 380 -22.23 33.33 -35.30
C ILE F 380 -22.99 33.83 -36.52
N LEU F 381 -24.00 34.69 -36.31
CA LEU F 381 -24.77 35.18 -37.45
C LEU F 381 -24.00 36.19 -38.28
N GLU F 382 -23.31 37.16 -37.65
CA GLU F 382 -22.61 38.06 -38.59
C GLU F 382 -21.27 37.50 -39.05
N ASP F 383 -20.84 36.33 -38.59
CA ASP F 383 -19.72 35.66 -39.23
C ASP F 383 -20.15 34.61 -40.25
N TRP F 384 -21.40 34.13 -40.16
CA TRP F 384 -21.94 33.28 -41.20
C TRP F 384 -22.46 34.07 -42.41
N ASN F 385 -22.70 35.37 -42.22
CA ASN F 385 -23.36 36.33 -43.13
C ASN F 385 -24.10 35.79 -44.36
N ASP F 421 -12.94 38.79 -31.53
CA ASP F 421 -13.15 37.66 -30.65
C ASP F 421 -12.95 38.06 -29.18
N PRO F 422 -13.79 37.51 -28.30
CA PRO F 422 -13.63 37.80 -26.86
C PRO F 422 -12.36 37.24 -26.27
N TYR F 423 -11.74 36.23 -26.89
CA TYR F 423 -10.52 35.63 -26.38
C TYR F 423 -9.29 36.23 -27.06
N ASP F 424 -9.11 37.53 -26.85
CA ASP F 424 -8.00 38.27 -27.43
C ASP F 424 -6.83 38.40 -26.47
N LYS F 425 -7.07 38.93 -25.27
CA LYS F 425 -6.02 39.06 -24.28
C LYS F 425 -5.64 37.73 -23.66
N LEU F 426 -6.53 36.74 -23.72
CA LEU F 426 -6.25 35.43 -23.14
C LEU F 426 -5.28 34.66 -24.02
N LYS F 427 -4.37 33.92 -23.38
CA LYS F 427 -3.35 33.17 -24.10
C LYS F 427 -3.70 31.69 -24.17
N PHE F 428 -3.56 31.13 -25.35
CA PHE F 428 -3.85 29.72 -25.60
C PHE F 428 -2.75 29.13 -26.46
N TRP F 429 -2.61 27.81 -26.39
CA TRP F 429 -1.77 27.10 -27.34
C TRP F 429 -2.59 26.96 -28.62
N ASN F 430 -2.35 27.84 -29.58
CA ASN F 430 -3.13 27.87 -30.81
C ASN F 430 -2.61 26.80 -31.75
N VAL F 431 -3.44 25.80 -32.06
CA VAL F 431 -3.12 24.81 -33.07
C VAL F 431 -4.06 25.00 -34.25
N ASP F 432 -3.46 25.24 -35.42
CA ASP F 432 -4.21 25.57 -36.63
C ASP F 432 -4.41 24.31 -37.44
N LEU F 433 -5.64 23.79 -37.44
CA LEU F 433 -5.98 22.59 -38.20
C LEU F 433 -6.85 22.93 -39.40
N LYS F 434 -6.67 24.13 -39.96
CA LYS F 434 -7.42 24.52 -41.15
C LYS F 434 -7.00 23.71 -42.37
N GLU F 435 -5.70 23.42 -42.49
CA GLU F 435 -5.16 22.69 -43.62
C GLU F 435 -4.93 21.22 -43.32
N LYS F 436 -5.47 20.71 -42.21
CA LYS F 436 -5.24 19.34 -41.78
C LYS F 436 -6.55 18.56 -41.64
N PHE F 437 -7.50 18.82 -42.52
CA PHE F 437 -8.76 18.08 -42.58
C PHE F 437 -8.71 17.11 -43.75
N SER F 438 -9.18 15.88 -43.54
CA SER F 438 -9.10 14.85 -44.55
C SER F 438 -10.33 13.96 -44.51
N LEU F 439 -10.85 13.61 -45.69
CA LEU F 439 -11.92 12.63 -45.76
C LEU F 439 -11.43 11.23 -45.41
N ASP F 440 -10.18 10.92 -45.73
CA ASP F 440 -9.64 9.58 -45.56
C ASP F 440 -9.39 9.31 -44.09
N LEU F 441 -10.36 8.68 -43.43
CA LEU F 441 -10.22 8.38 -42.01
C LEU F 441 -9.26 7.21 -41.77
N ASP F 442 -9.27 6.22 -42.66
CA ASP F 442 -8.49 5.00 -42.46
C ASP F 442 -6.99 5.21 -42.54
N GLN F 443 -6.52 6.36 -43.03
CA GLN F 443 -5.09 6.65 -43.08
C GLN F 443 -4.57 7.20 -41.77
N TYR F 444 -5.42 7.39 -40.76
CA TYR F 444 -5.08 7.96 -39.48
C TYR F 444 -5.56 7.06 -38.36
N PRO F 445 -4.85 7.03 -37.21
CA PRO F 445 -5.18 6.07 -36.15
C PRO F 445 -6.56 6.25 -35.55
N LEU F 446 -6.90 7.50 -35.18
CA LEU F 446 -8.22 7.77 -34.62
C LEU F 446 -9.32 7.53 -35.66
N GLY F 447 -9.03 7.78 -36.93
CA GLY F 447 -10.00 7.46 -37.96
C GLY F 447 -10.22 5.97 -38.10
N ARG F 448 -9.16 5.18 -37.95
CA ARG F 448 -9.29 3.72 -37.95
C ARG F 448 -10.13 3.24 -36.76
N LYS F 449 -9.87 3.79 -35.57
CA LYS F 449 -10.67 3.41 -34.41
C LYS F 449 -12.12 3.87 -34.53
N PHE F 450 -12.35 5.01 -35.19
CA PHE F 450 -13.70 5.49 -35.42
C PHE F 450 -14.45 4.60 -36.39
N LEU F 451 -13.77 4.15 -37.45
CA LEU F 451 -14.41 3.23 -38.40
C LEU F 451 -14.62 1.86 -37.78
N VAL F 452 -13.76 1.45 -36.84
CA VAL F 452 -13.98 0.20 -36.13
C VAL F 452 -15.20 0.30 -35.21
N GLN F 453 -15.29 1.39 -34.44
CA GLN F 453 -16.39 1.54 -33.50
C GLN F 453 -17.72 1.88 -34.17
N ALA F 454 -17.71 2.29 -35.44
CA ALA F 454 -18.94 2.60 -36.15
C ALA F 454 -19.26 1.51 -37.17
N ALA G 1 -49.77 0.07 13.02
CA ALA G 1 -48.84 -0.59 12.10
C ALA G 1 -48.45 0.32 10.95
N VAL G 2 -47.15 0.57 10.82
CA VAL G 2 -46.64 1.42 9.75
C VAL G 2 -46.72 0.67 8.42
N VAL G 3 -47.20 1.36 7.39
CA VAL G 3 -47.36 0.80 6.07
C VAL G 3 -46.42 1.55 5.12
N ASN G 4 -46.06 0.91 4.01
CA ASN G 4 -45.25 1.57 3.00
C ASN G 4 -46.01 2.73 2.39
N THR G 5 -45.26 3.77 2.00
CA THR G 5 -45.90 5.02 1.60
C THR G 5 -46.55 4.91 0.22
N ASP G 6 -46.21 3.90 -0.57
CA ASP G 6 -46.73 3.80 -1.92
C ASP G 6 -48.21 3.41 -1.96
N ASP G 7 -48.76 2.93 -0.84
CA ASP G 7 -50.16 2.52 -0.82
C ASP G 7 -51.10 3.71 -0.75
N TYR G 8 -50.72 4.77 -0.05
CA TYR G 8 -51.59 5.92 0.14
C TYR G 8 -51.06 7.19 -0.53
N VAL G 9 -49.93 7.13 -1.22
CA VAL G 9 -49.38 8.28 -1.94
C VAL G 9 -49.38 7.94 -3.42
N THR G 10 -50.07 8.76 -4.21
CA THR G 10 -50.18 8.55 -5.64
C THR G 10 -49.12 9.38 -6.35
N ARG G 11 -48.26 8.72 -7.11
CA ARG G 11 -47.17 9.37 -7.82
C ARG G 11 -47.68 9.93 -9.14
N THR G 12 -47.52 11.23 -9.34
CA THR G 12 -47.90 11.88 -10.59
C THR G 12 -46.69 11.95 -11.53
N SER G 13 -46.97 12.32 -12.77
CA SER G 13 -45.94 12.43 -13.79
C SER G 13 -45.28 13.80 -13.84
N ILE G 14 -45.64 14.70 -12.93
CA ILE G 14 -45.12 16.06 -12.92
C ILE G 14 -43.84 16.09 -12.09
N PHE G 15 -42.74 16.52 -12.71
CA PHE G 15 -41.44 16.58 -12.06
C PHE G 15 -40.93 18.01 -12.05
N TYR G 16 -40.15 18.33 -11.02
CA TYR G 16 -39.60 19.67 -10.82
C TYR G 16 -38.12 19.56 -10.50
N HIS G 17 -37.39 20.62 -10.84
CA HIS G 17 -35.98 20.73 -10.48
C HIS G 17 -35.80 21.83 -9.45
N ALA G 18 -34.98 21.55 -8.43
CA ALA G 18 -34.73 22.52 -7.37
C ALA G 18 -33.24 22.54 -7.08
N GLY G 19 -32.64 23.72 -7.17
CA GLY G 19 -31.21 23.79 -6.93
C GLY G 19 -30.71 25.10 -6.35
N SER G 20 -30.02 25.01 -5.23
CA SER G 20 -29.25 26.14 -4.74
C SER G 20 -28.05 26.36 -5.65
N SER G 21 -27.85 27.63 -6.06
CA SER G 21 -26.86 27.92 -7.09
C SER G 21 -25.44 27.65 -6.62
N ARG G 22 -25.06 28.17 -5.46
CA ARG G 22 -23.71 28.03 -4.95
C ARG G 22 -23.72 28.32 -3.46
N LEU G 23 -23.32 27.34 -2.65
CA LEU G 23 -23.27 27.49 -1.20
C LEU G 23 -21.81 27.50 -0.77
N LEU G 24 -21.32 28.64 -0.31
CA LEU G 24 -19.92 28.83 0.01
C LEU G 24 -19.77 29.24 1.47
N THR G 25 -18.89 28.55 2.19
CA THR G 25 -18.49 28.97 3.53
C THR G 25 -16.98 28.94 3.66
N VAL G 26 -16.44 30.01 4.24
CA VAL G 26 -15.01 30.14 4.53
C VAL G 26 -14.88 30.33 6.04
N GLY G 27 -14.01 29.54 6.67
CA GLY G 27 -13.85 29.70 8.10
C GLY G 27 -12.62 28.99 8.60
N ASN G 28 -12.24 29.31 9.83
CA ASN G 28 -11.09 28.67 10.46
C ASN G 28 -11.43 27.20 10.74
N PRO G 29 -10.62 26.26 10.26
CA PRO G 29 -10.99 24.83 10.39
C PRO G 29 -10.88 24.26 11.79
N TYR G 30 -10.30 25.00 12.74
CA TYR G 30 -10.05 24.45 14.08
C TYR G 30 -10.93 25.06 15.16
N PHE G 31 -11.29 26.33 15.03
CA PHE G 31 -12.11 26.99 16.05
C PHE G 31 -12.82 28.17 15.40
N ARG G 32 -13.76 28.76 16.15
CA ARG G 32 -14.42 29.98 15.75
C ARG G 32 -13.62 31.16 16.27
N VAL G 33 -13.33 32.12 15.38
CA VAL G 33 -12.55 33.30 15.72
C VAL G 33 -13.52 34.45 15.97
N PRO G 34 -13.66 34.93 17.20
CA PRO G 34 -14.55 36.06 17.46
C PRO G 34 -13.97 37.36 16.90
N ALA G 35 -14.87 38.33 16.70
CA ALA G 35 -14.46 39.63 16.21
C ALA G 35 -13.76 40.42 17.31
N GLY G 36 -12.93 41.37 16.87
CA GLY G 36 -12.20 42.21 17.81
C GLY G 36 -10.73 42.34 17.48
N GLY G 37 -10.25 41.50 16.57
CA GLY G 37 -8.85 41.52 16.19
C GLY G 37 -8.57 42.38 14.97
N GLY G 38 -9.50 43.28 14.66
CA GLY G 38 -9.37 44.13 13.50
C GLY G 38 -10.19 43.70 12.30
N ASN G 39 -11.35 43.10 12.52
CA ASN G 39 -12.19 42.62 11.43
C ASN G 39 -13.64 42.64 11.86
N LYS G 40 -14.53 42.64 10.87
CA LYS G 40 -15.97 42.65 11.12
C LYS G 40 -16.49 41.23 11.21
N GLN G 41 -17.38 40.99 12.17
CA GLN G 41 -18.08 39.72 12.41
C GLN G 41 -17.13 38.58 12.79
N ASP G 42 -17.70 37.43 13.11
CA ASP G 42 -16.94 36.29 13.59
C ASP G 42 -16.65 35.32 12.45
N ILE G 43 -15.42 34.83 12.40
CA ILE G 43 -15.04 33.79 11.45
C ILE G 43 -15.54 32.46 12.01
N PRO G 44 -16.40 31.75 11.30
CA PRO G 44 -16.98 30.51 11.84
C PRO G 44 -15.96 29.37 11.81
N LYS G 45 -16.34 28.27 12.44
CA LYS G 45 -15.56 27.04 12.38
C LYS G 45 -16.08 26.22 11.21
N VAL G 46 -15.43 26.37 10.06
CA VAL G 46 -15.78 25.64 8.85
C VAL G 46 -14.69 24.60 8.62
N SER G 47 -15.06 23.34 8.75
CA SER G 47 -14.11 22.24 8.59
C SER G 47 -14.71 21.20 7.66
N ALA G 48 -13.84 20.43 7.00
CA ALA G 48 -14.31 19.34 6.17
C ALA G 48 -14.79 18.15 7.00
N TYR G 49 -14.31 18.02 8.23
CA TYR G 49 -14.68 16.92 9.10
C TYR G 49 -15.87 17.31 9.97
N GLN G 50 -16.89 17.88 9.33
CA GLN G 50 -17.98 18.53 10.04
C GLN G 50 -19.27 18.24 9.29
N TYR G 51 -20.34 18.00 10.03
CA TYR G 51 -21.61 17.63 9.40
C TYR G 51 -22.23 18.86 8.75
N ARG G 52 -22.55 18.74 7.47
CA ARG G 52 -23.27 19.78 6.74
C ARG G 52 -24.69 19.27 6.56
N VAL G 53 -25.58 19.71 7.45
CA VAL G 53 -26.98 19.31 7.38
C VAL G 53 -27.76 20.46 6.75
N PHE G 54 -28.17 20.26 5.51
CA PHE G 54 -28.95 21.23 4.77
C PHE G 54 -30.43 20.98 5.04
N ARG G 55 -31.10 21.97 5.62
CA ARG G 55 -32.55 21.98 5.74
C ARG G 55 -33.09 22.64 4.49
N VAL G 56 -33.52 21.81 3.54
CA VAL G 56 -34.07 22.28 2.28
C VAL G 56 -35.54 22.61 2.48
N GLN G 57 -35.91 23.85 2.18
CA GLN G 57 -37.29 24.30 2.33
C GLN G 57 -37.97 24.27 0.96
N LEU G 58 -39.03 23.51 0.85
CA LEU G 58 -39.80 23.36 -0.35
C LEU G 58 -41.09 24.18 -0.25
N PRO G 59 -41.60 24.68 -1.38
CA PRO G 59 -42.89 25.38 -1.34
C PRO G 59 -44.02 24.41 -1.02
N ASP G 60 -45.04 24.92 -0.36
CA ASP G 60 -46.21 24.12 -0.07
C ASP G 60 -46.98 23.89 -1.36
N PRO G 61 -47.11 22.64 -1.82
CA PRO G 61 -47.72 22.41 -3.14
C PRO G 61 -49.22 22.60 -3.17
N ASN G 62 -49.86 22.72 -2.00
CA ASN G 62 -51.29 23.01 -1.96
C ASN G 62 -51.58 24.43 -2.42
N LYS G 63 -50.61 25.34 -2.28
CA LYS G 63 -50.74 26.71 -2.74
C LYS G 63 -49.71 27.08 -3.79
N PHE G 64 -48.80 26.17 -4.13
CA PHE G 64 -47.80 26.44 -5.16
C PHE G 64 -48.45 26.45 -6.54
N GLY G 65 -47.95 27.30 -7.42
CA GLY G 65 -48.41 27.35 -8.79
C GLY G 65 -48.10 26.07 -9.54
N LEU G 66 -49.12 25.46 -10.15
CA LEU G 66 -48.99 24.16 -10.78
C LEU G 66 -49.44 24.25 -12.23
N PRO G 67 -48.87 23.42 -13.11
CA PRO G 67 -49.26 23.47 -14.53
C PRO G 67 -50.72 23.10 -14.78
N ASP G 68 -51.28 22.20 -13.97
CA ASP G 68 -52.68 21.79 -14.12
C ASP G 68 -53.37 21.95 -12.77
N THR G 69 -54.27 22.94 -12.68
CA THR G 69 -55.00 23.16 -11.45
C THR G 69 -55.97 22.03 -11.17
N SER G 70 -56.62 21.51 -12.22
CA SER G 70 -57.60 20.44 -12.08
C SER G 70 -56.98 19.04 -12.07
N ILE G 71 -55.68 18.93 -11.82
CA ILE G 71 -55.05 17.62 -11.72
C ILE G 71 -55.36 16.93 -10.40
N TYR G 72 -55.92 17.65 -9.42
CA TYR G 72 -56.33 17.07 -8.16
C TYR G 72 -57.60 17.77 -7.69
N ASN G 73 -58.19 17.25 -6.63
CA ASN G 73 -59.33 17.87 -5.98
C ASN G 73 -58.88 18.54 -4.69
N PRO G 74 -58.97 19.86 -4.58
CA PRO G 74 -58.59 20.53 -3.31
C PRO G 74 -59.36 20.05 -2.09
N GLU G 75 -60.60 19.59 -2.28
CA GLU G 75 -61.42 19.21 -1.12
C GLU G 75 -61.00 17.88 -0.54
N THR G 76 -60.68 16.90 -1.39
CA THR G 76 -60.43 15.54 -0.93
C THR G 76 -59.00 15.07 -1.18
N GLN G 77 -58.10 15.96 -1.60
CA GLN G 77 -56.72 15.56 -1.87
C GLN G 77 -55.77 16.67 -1.46
N ARG G 78 -54.66 16.28 -0.83
CA ARG G 78 -53.58 17.20 -0.50
C ARG G 78 -52.30 16.74 -1.18
N LEU G 79 -51.33 17.63 -1.23
CA LEU G 79 -50.15 17.45 -2.06
C LEU G 79 -48.89 17.36 -1.20
N VAL G 80 -47.86 16.73 -1.75
CA VAL G 80 -46.58 16.59 -1.06
C VAL G 80 -45.51 16.40 -2.12
N TRP G 81 -44.29 16.83 -1.82
CA TRP G 81 -43.14 16.61 -2.70
C TRP G 81 -42.48 15.30 -2.37
N ALA G 82 -42.06 14.58 -3.41
CA ALA G 82 -41.32 13.33 -3.26
C ALA G 82 -39.99 13.46 -3.99
N CYS G 83 -38.89 13.18 -3.28
CA CYS G 83 -37.56 13.31 -3.86
C CYS G 83 -37.32 12.16 -4.84
N ALA G 84 -37.21 12.48 -6.13
CA ALA G 84 -36.94 11.49 -7.15
C ALA G 84 -35.47 11.37 -7.51
N GLY G 85 -34.71 12.45 -7.35
CA GLY G 85 -33.29 12.41 -7.67
C GLY G 85 -32.53 13.45 -6.88
N VAL G 86 -31.24 13.20 -6.68
CA VAL G 86 -30.40 14.09 -5.89
C VAL G 86 -29.00 14.14 -6.51
N GLU G 87 -28.35 15.28 -6.35
CA GLU G 87 -26.94 15.43 -6.71
C GLU G 87 -26.31 16.44 -5.76
N ILE G 88 -25.32 15.98 -5.00
CA ILE G 88 -24.58 16.85 -4.09
C ILE G 88 -23.29 17.19 -4.81
N GLY G 89 -23.32 18.27 -5.59
CA GLY G 89 -22.13 18.71 -6.29
C GLY G 89 -21.14 19.32 -5.31
N ARG G 90 -19.90 18.87 -5.37
CA ARG G 90 -18.83 19.40 -4.53
C ARG G 90 -17.85 20.16 -5.43
N GLY G 91 -17.60 21.41 -5.08
CA GLY G 91 -16.88 22.29 -5.98
C GLY G 91 -15.38 22.36 -5.76
N GLN G 92 -14.93 22.23 -4.52
CA GLN G 92 -13.53 22.41 -4.22
C GLN G 92 -12.70 21.25 -4.77
N PRO G 93 -11.41 21.47 -5.02
CA PRO G 93 -10.54 20.36 -5.43
C PRO G 93 -10.38 19.32 -4.34
N LEU G 94 -10.17 18.08 -4.76
CA LEU G 94 -9.83 17.02 -3.82
C LEU G 94 -8.50 17.33 -3.14
N GLY G 95 -8.45 17.13 -1.83
CA GLY G 95 -7.26 17.48 -1.09
C GLY G 95 -7.23 16.87 0.28
N VAL G 96 -6.02 16.84 0.84
CA VAL G 96 -5.80 16.36 2.20
C VAL G 96 -5.57 17.57 3.09
N GLY G 97 -6.03 17.47 4.33
CA GLY G 97 -5.88 18.55 5.28
C GLY G 97 -5.53 18.00 6.65
N LEU G 98 -4.90 18.86 7.45
CA LEU G 98 -4.39 18.47 8.74
C LEU G 98 -5.04 19.28 9.84
N SER G 99 -5.25 18.64 10.98
CA SER G 99 -5.60 19.31 12.21
C SER G 99 -4.73 18.76 13.32
N GLY G 100 -4.39 19.61 14.27
CA GLY G 100 -3.49 19.15 15.30
C GLY G 100 -3.64 19.97 16.56
N HIS G 101 -2.80 19.64 17.54
CA HIS G 101 -2.78 20.34 18.79
C HIS G 101 -1.35 20.84 19.05
N PRO G 102 -1.21 22.09 19.49
CA PRO G 102 0.11 22.56 19.93
C PRO G 102 0.62 21.81 21.14
N PHE G 103 -0.27 21.28 21.97
CA PHE G 103 0.07 20.43 23.11
C PHE G 103 -0.75 19.16 22.93
N TYR G 104 -0.21 18.20 22.18
CA TYR G 104 -0.88 16.92 21.98
C TYR G 104 -0.36 15.94 23.03
N ASN G 105 -1.28 15.37 23.81
CA ASN G 105 -0.89 14.53 24.93
C ASN G 105 -0.48 13.17 24.40
N LYS G 106 0.77 13.09 23.95
CA LYS G 106 1.42 11.84 23.62
C LYS G 106 2.70 11.74 24.43
N LEU G 107 3.02 10.53 24.89
CA LEU G 107 4.23 10.34 25.69
C LEU G 107 5.42 10.00 24.81
N ASP G 108 5.33 8.91 24.06
CA ASP G 108 6.41 8.47 23.18
C ASP G 108 5.84 7.63 22.05
N ASP G 109 6.64 7.45 21.01
CA ASP G 109 6.25 6.64 19.87
C ASP G 109 6.45 5.17 20.22
N THR G 110 5.35 4.44 20.38
CA THR G 110 5.39 3.01 20.66
C THR G 110 5.39 2.18 19.39
N GLU G 111 5.53 2.82 18.22
CA GLU G 111 5.64 2.10 16.97
C GLU G 111 6.90 1.23 16.94
N SER G 112 8.02 1.77 17.39
CA SER G 112 9.29 1.06 17.44
C SER G 112 10.11 1.63 18.59
N SER G 113 11.42 1.39 18.56
CA SER G 113 12.31 2.03 19.52
C SER G 113 12.36 3.53 19.27
N HIS G 114 12.29 4.30 20.36
CA HIS G 114 12.18 5.75 20.25
C HIS G 114 13.21 6.53 21.04
N ALA G 115 13.95 5.90 21.95
CA ALA G 115 14.96 6.48 22.85
C ALA G 115 14.34 7.44 23.86
N ALA G 116 15.01 7.57 25.02
CA ALA G 116 14.46 8.23 26.21
C ALA G 116 13.07 7.70 26.52
N THR G 117 13.00 6.37 26.63
CA THR G 117 11.74 5.63 26.62
C THR G 117 10.87 5.87 27.84
N SER G 118 11.40 6.51 28.90
CA SER G 118 10.63 6.79 30.10
C SER G 118 10.76 8.27 30.44
N ASN G 119 9.68 9.02 30.21
CA ASN G 119 9.58 10.39 30.70
C ASN G 119 8.93 10.35 32.08
N VAL G 120 9.75 10.50 33.12
CA VAL G 120 9.28 10.31 34.49
C VAL G 120 8.33 11.44 34.91
N SER G 121 8.63 12.66 34.51
CA SER G 121 7.89 13.83 34.97
C SER G 121 7.88 14.87 33.86
N GLU G 122 7.57 16.12 34.23
CA GLU G 122 7.51 17.33 33.41
C GLU G 122 6.51 17.23 32.25
N ASP G 123 6.33 18.34 31.53
CA ASP G 123 5.33 18.40 30.47
C ASP G 123 5.94 17.80 29.20
N VAL G 124 5.25 16.81 28.64
CA VAL G 124 5.75 16.04 27.51
C VAL G 124 5.04 16.42 26.22
N ARG G 125 3.90 17.12 26.31
CA ARG G 125 3.00 17.39 25.19
C ARG G 125 3.71 18.10 24.04
N ASP G 126 3.41 17.65 22.82
CA ASP G 126 4.17 18.01 21.64
C ASP G 126 3.23 18.57 20.58
N ASN G 127 3.76 19.48 19.76
CA ASN G 127 2.98 20.07 18.67
C ASN G 127 2.81 19.03 17.58
N VAL G 128 1.65 18.35 17.58
CA VAL G 128 1.43 17.20 16.71
C VAL G 128 0.19 17.45 15.88
N SER G 129 0.31 17.25 14.58
CA SER G 129 -0.81 17.31 13.65
C SER G 129 -1.04 15.94 13.03
N VAL G 130 -2.32 15.63 12.75
CA VAL G 130 -2.70 14.41 12.04
C VAL G 130 -3.68 14.79 10.95
N ASP G 131 -3.78 13.93 9.95
CA ASP G 131 -4.93 13.91 9.08
C ASP G 131 -6.00 13.04 9.74
N TYR G 132 -7.12 12.85 9.07
CA TYR G 132 -8.22 12.11 9.67
C TYR G 132 -8.65 10.98 8.75
N LYS G 133 -9.67 10.25 9.19
CA LYS G 133 -10.24 9.21 8.35
C LYS G 133 -11.00 9.85 7.19
N GLN G 134 -10.88 9.23 6.02
CA GLN G 134 -11.58 9.68 4.83
C GLN G 134 -13.03 9.21 4.94
N THR G 135 -13.94 10.15 5.19
CA THR G 135 -15.35 9.84 5.38
C THR G 135 -16.17 10.64 4.38
N GLN G 136 -16.99 9.93 3.61
CA GLN G 136 -18.00 10.55 2.76
C GLN G 136 -19.32 9.90 3.08
N LEU G 137 -20.25 10.66 3.66
CA LEU G 137 -21.59 10.12 3.83
C LEU G 137 -22.62 11.15 3.44
N CYS G 138 -23.70 10.67 2.82
CA CYS G 138 -24.79 11.50 2.33
C CYS G 138 -26.09 10.83 2.72
N ILE G 139 -26.91 11.53 3.51
CA ILE G 139 -28.16 10.99 4.03
C ILE G 139 -29.27 11.98 3.72
N LEU G 140 -30.28 11.52 2.98
CA LEU G 140 -31.50 12.30 2.76
C LEU G 140 -32.66 11.69 3.53
N GLY G 141 -33.36 12.55 4.26
CA GLY G 141 -34.60 12.19 4.92
C GLY G 141 -35.53 13.37 4.91
N CYS G 142 -36.76 13.15 5.40
CA CYS G 142 -37.66 14.26 5.68
C CYS G 142 -37.56 14.72 7.13
N ALA G 143 -36.72 14.07 7.92
CA ALA G 143 -36.35 14.41 9.28
C ALA G 143 -34.83 14.35 9.38
N PRO G 144 -34.22 15.13 10.29
CA PRO G 144 -32.76 15.11 10.40
C PRO G 144 -32.25 13.78 10.93
N ALA G 145 -31.02 13.45 10.53
CA ALA G 145 -30.44 12.17 10.86
C ALA G 145 -30.12 12.08 12.35
N ILE G 146 -30.08 10.84 12.84
CA ILE G 146 -29.79 10.56 14.25
C ILE G 146 -28.35 10.10 14.36
N GLY G 147 -27.56 10.83 15.14
CA GLY G 147 -26.16 10.51 15.32
C GLY G 147 -25.87 10.10 16.75
N GLU G 148 -25.03 9.09 16.90
CA GLU G 148 -24.69 8.56 18.21
C GLU G 148 -23.30 9.02 18.64
N HIS G 149 -23.12 9.19 19.94
CA HIS G 149 -21.81 9.46 20.50
C HIS G 149 -21.77 8.89 21.91
N TRP G 150 -20.59 8.91 22.51
CA TRP G 150 -20.37 8.39 23.85
C TRP G 150 -20.06 9.57 24.78
N ALA G 151 -20.85 9.70 25.85
CA ALA G 151 -20.69 10.79 26.79
C ALA G 151 -20.63 10.23 28.20
N LYS G 152 -20.49 11.12 29.17
CA LYS G 152 -20.50 10.73 30.58
C LYS G 152 -21.89 10.27 30.99
N GLY G 153 -21.94 9.26 31.85
CA GLY G 153 -23.21 8.80 32.37
C GLY G 153 -23.71 9.68 33.50
N THR G 154 -24.96 9.43 33.89
CA THR G 154 -25.58 10.19 34.98
C THR G 154 -25.06 9.64 36.31
N ALA G 155 -24.46 10.52 37.12
CA ALA G 155 -23.92 10.10 38.40
C ALA G 155 -25.04 9.84 39.39
N SER G 156 -25.00 8.66 40.02
CA SER G 156 -26.00 8.29 41.00
C SER G 156 -25.78 9.04 42.31
N LYS G 157 -26.88 9.49 42.91
CA LYS G 157 -26.78 10.18 44.21
C LYS G 157 -26.42 9.21 45.32
N SER G 158 -26.88 7.96 45.23
CA SER G 158 -26.53 6.96 46.24
C SER G 158 -25.05 6.62 46.20
N ARG G 159 -24.47 6.49 45.00
CA ARG G 159 -23.06 6.17 44.82
C ARG G 159 -22.45 7.21 43.88
N PRO G 160 -22.00 8.34 44.41
CA PRO G 160 -21.35 9.35 43.56
C PRO G 160 -20.00 8.86 43.05
N LEU G 161 -19.62 9.40 41.89
CA LEU G 161 -18.35 9.04 41.27
C LEU G 161 -17.22 9.83 41.91
N SER G 162 -16.22 9.12 42.43
CA SER G 162 -15.06 9.77 43.01
C SER G 162 -14.23 10.47 41.95
N GLN G 163 -13.61 11.57 42.34
CA GLN G 163 -12.83 12.37 41.40
C GLN G 163 -11.56 11.63 40.98
N GLY G 164 -11.31 11.62 39.68
CA GLY G 164 -10.20 10.90 39.09
C GLY G 164 -10.57 9.54 38.53
N ASP G 165 -11.75 9.02 38.87
CA ASP G 165 -12.17 7.72 38.36
C ASP G 165 -12.79 7.88 36.97
N CYS G 166 -12.88 6.77 36.26
CA CYS G 166 -13.46 6.76 34.93
C CYS G 166 -14.97 6.86 35.03
N PRO G 167 -15.59 7.89 34.45
CA PRO G 167 -17.05 7.96 34.47
C PRO G 167 -17.66 6.92 33.55
N PRO G 168 -18.88 6.46 33.83
CA PRO G 168 -19.50 5.47 32.95
C PRO G 168 -19.87 6.07 31.60
N LEU G 169 -19.57 5.32 30.55
CA LEU G 169 -19.85 5.77 29.19
C LEU G 169 -21.28 5.43 28.83
N GLU G 170 -22.00 6.42 28.29
CA GLU G 170 -23.37 6.24 27.86
C GLU G 170 -23.50 6.67 26.41
N LEU G 171 -24.20 5.86 25.62
CA LEU G 171 -24.39 6.12 24.21
C LEU G 171 -25.61 7.03 24.03
N LYS G 172 -25.35 8.29 23.69
CA LYS G 172 -26.41 9.26 23.47
C LYS G 172 -26.71 9.38 21.98
N ASN G 173 -28.00 9.32 21.64
CA ASN G 173 -28.48 9.52 20.28
C ASN G 173 -29.04 10.93 20.19
N THR G 174 -28.33 11.81 19.51
CA THR G 174 -28.78 13.18 19.31
C THR G 174 -29.12 13.39 17.83
N VAL G 175 -29.54 14.60 17.50
CA VAL G 175 -29.88 14.96 16.14
C VAL G 175 -28.63 15.48 15.45
N LEU G 176 -28.31 14.89 14.30
CA LEU G 176 -27.20 15.39 13.48
C LEU G 176 -27.59 16.74 12.90
N GLU G 177 -26.98 17.80 13.41
CA GLU G 177 -27.25 19.15 12.94
C GLU G 177 -25.98 19.73 12.31
N ASP G 178 -26.15 20.87 11.65
CA ASP G 178 -25.04 21.53 10.98
C ASP G 178 -24.03 22.02 12.02
N GLY G 179 -22.75 21.82 11.72
CA GLY G 179 -21.69 22.16 12.64
C GLY G 179 -21.25 21.05 13.56
N ASP G 180 -21.99 19.95 13.62
CA ASP G 180 -21.54 18.80 14.38
C ASP G 180 -20.33 18.17 13.71
N MET G 181 -19.37 17.72 14.52
CA MET G 181 -18.11 17.22 14.00
C MET G 181 -18.24 15.71 13.81
N VAL G 182 -17.81 15.22 12.64
CA VAL G 182 -17.94 13.80 12.35
C VAL G 182 -16.89 13.03 13.14
N ASP G 183 -17.11 11.71 13.29
CA ASP G 183 -16.06 10.85 13.81
C ASP G 183 -14.82 10.89 12.92
N THR G 184 -13.66 11.04 13.54
CA THR G 184 -12.43 11.34 12.82
C THR G 184 -11.35 10.28 13.05
N GLY G 185 -11.74 9.07 13.43
CA GLY G 185 -10.80 8.02 13.76
C GLY G 185 -10.40 7.98 15.21
N TYR G 186 -10.80 8.97 16.01
CA TYR G 186 -10.55 8.95 17.45
C TYR G 186 -11.73 8.42 18.25
N GLY G 187 -12.86 8.17 17.61
CA GLY G 187 -14.03 7.62 18.27
C GLY G 187 -15.15 8.64 18.32
N ALA G 188 -16.38 8.14 18.14
CA ALA G 188 -17.57 8.98 18.26
C ALA G 188 -17.83 9.21 19.73
N MET G 189 -17.20 10.23 20.29
CA MET G 189 -17.18 10.45 21.72
C MET G 189 -17.30 11.93 22.01
N ASP G 190 -17.89 12.27 23.16
CA ASP G 190 -17.95 13.64 23.66
C ASP G 190 -16.61 13.97 24.29
N PHE G 191 -15.77 14.72 23.56
CA PHE G 191 -14.43 15.05 24.05
C PHE G 191 -14.44 16.19 25.06
N SER G 192 -15.54 16.94 25.17
CA SER G 192 -15.59 18.03 26.14
C SER G 192 -15.64 17.50 27.57
N THR G 193 -16.41 16.45 27.81
CA THR G 193 -16.64 15.94 29.15
C THR G 193 -15.80 14.72 29.48
N LEU G 194 -15.50 13.87 28.51
CA LEU G 194 -14.79 12.63 28.75
C LEU G 194 -13.28 12.78 28.68
N GLN G 195 -12.76 13.96 28.33
CA GLN G 195 -11.33 14.22 28.31
C GLN G 195 -11.08 15.57 28.97
N ASP G 196 -10.70 15.55 30.24
CA ASP G 196 -10.44 16.78 30.99
C ASP G 196 -9.09 17.40 30.65
N THR G 197 -8.25 16.69 29.89
CA THR G 197 -6.93 17.21 29.56
C THR G 197 -7.01 18.37 28.58
N LYS G 198 -8.00 18.35 27.67
CA LYS G 198 -8.13 19.30 26.55
C LYS G 198 -6.86 19.31 25.68
N CYS G 199 -6.15 18.19 25.66
CA CYS G 199 -4.88 18.08 24.95
C CYS G 199 -4.74 16.73 24.26
N GLU G 200 -5.78 15.90 24.27
CA GLU G 200 -5.67 14.51 23.85
C GLU G 200 -5.83 14.37 22.35
N VAL G 201 -6.58 15.27 21.73
CA VAL G 201 -7.00 15.17 20.35
C VAL G 201 -6.81 16.54 19.71
N PRO G 202 -6.76 16.63 18.37
CA PRO G 202 -6.59 17.93 17.71
C PRO G 202 -7.68 18.93 18.05
N LEU G 203 -7.39 20.19 17.70
CA LEU G 203 -8.16 21.33 18.22
C LEU G 203 -9.59 21.34 17.71
N ASP G 204 -9.82 20.87 16.49
CA ASP G 204 -11.17 20.88 15.94
C ASP G 204 -12.09 19.86 16.60
N ILE G 205 -11.53 18.83 17.23
CA ILE G 205 -12.31 17.84 17.99
C ILE G 205 -11.95 17.85 19.46
N CYS G 206 -11.19 18.85 19.92
CA CYS G 206 -10.72 18.87 21.31
C CYS G 206 -11.87 19.13 22.27
N GLN G 207 -12.70 20.12 22.00
CA GLN G 207 -13.83 20.46 22.84
C GLN G 207 -15.15 20.34 22.09
N SER G 208 -15.20 19.43 21.12
CA SER G 208 -16.39 19.17 20.34
C SER G 208 -16.92 17.78 20.61
N ILE G 209 -18.11 17.51 20.08
CA ILE G 209 -18.74 16.20 20.16
C ILE G 209 -18.61 15.54 18.80
N CYS G 210 -17.82 14.47 18.73
CA CYS G 210 -17.73 13.70 17.50
C CYS G 210 -18.90 12.72 17.44
N LYS G 211 -19.67 12.79 16.37
CA LYS G 211 -20.87 11.99 16.22
C LYS G 211 -20.77 11.10 14.98
N TYR G 212 -21.31 9.90 15.10
CA TYR G 212 -21.48 8.96 14.01
C TYR G 212 -22.96 8.67 13.82
N PRO G 213 -23.45 8.62 12.57
CA PRO G 213 -24.88 8.41 12.35
C PRO G 213 -25.30 7.01 12.78
N ASP G 214 -26.26 6.95 13.69
CA ASP G 214 -26.80 5.68 14.17
C ASP G 214 -27.67 5.10 13.06
N TYR G 215 -27.01 4.42 12.12
CA TYR G 215 -27.72 3.82 10.98
C TYR G 215 -28.70 2.74 11.44
N LEU G 216 -28.36 2.03 12.52
CA LEU G 216 -29.26 1.03 13.06
C LEU G 216 -30.51 1.67 13.66
N GLN G 217 -30.36 2.86 14.25
CA GLN G 217 -31.51 3.49 14.91
C GLN G 217 -32.49 4.07 13.91
N MET G 218 -32.00 4.76 12.87
CA MET G 218 -32.90 5.34 11.88
C MET G 218 -33.21 4.40 10.74
N SER G 219 -32.54 3.24 10.67
CA SER G 219 -33.00 2.18 9.78
C SER G 219 -34.14 1.40 10.41
N ALA G 220 -34.12 1.23 11.73
CA ALA G 220 -35.19 0.59 12.47
C ALA G 220 -36.29 1.55 12.86
N ASP G 221 -36.22 2.79 12.39
CA ASP G 221 -37.31 3.73 12.56
C ASP G 221 -38.54 3.19 11.84
N PRO G 222 -39.72 3.21 12.46
CA PRO G 222 -40.90 2.64 11.79
C PRO G 222 -41.32 3.39 10.53
N TYR G 223 -41.43 4.72 10.60
CA TYR G 223 -41.86 5.50 9.45
C TYR G 223 -40.73 5.76 8.46
N GLY G 224 -39.48 5.59 8.87
CA GLY G 224 -38.35 5.85 7.98
C GLY G 224 -38.21 7.30 7.60
N ASP G 225 -38.53 8.22 8.51
CA ASP G 225 -38.49 9.65 8.19
C ASP G 225 -37.06 10.17 8.12
N SER G 226 -36.21 9.77 9.07
CA SER G 226 -34.90 10.37 9.21
C SER G 226 -33.93 9.96 8.11
N MET G 227 -34.19 8.86 7.42
CA MET G 227 -33.25 8.36 6.41
C MET G 227 -34.01 7.51 5.41
N PHE G 228 -34.24 8.06 4.22
CA PHE G 228 -34.66 7.21 3.09
C PHE G 228 -33.61 7.16 1.99
N PHE G 229 -32.46 7.81 2.16
CA PHE G 229 -31.37 7.62 1.22
C PHE G 229 -30.06 7.76 1.99
N CYS G 230 -29.11 6.87 1.74
CA CYS G 230 -27.87 6.87 2.50
C CYS G 230 -26.73 6.29 1.68
N LEU G 231 -25.59 6.98 1.70
CA LEU G 231 -24.33 6.48 1.17
C LEU G 231 -23.22 6.70 2.18
N ARG G 232 -22.38 5.68 2.36
CA ARG G 232 -21.25 5.72 3.28
C ARG G 232 -20.00 5.25 2.56
N ARG G 233 -18.87 5.90 2.87
CA ARG G 233 -17.57 5.48 2.38
C ARG G 233 -16.52 5.95 3.37
N GLU G 234 -15.99 5.03 4.17
CA GLU G 234 -15.02 5.34 5.20
C GLU G 234 -13.73 4.57 4.94
N GLN G 235 -12.60 5.23 5.19
CA GLN G 235 -11.30 4.66 4.88
C GLN G 235 -10.28 5.24 5.84
N LEU G 236 -9.61 4.39 6.62
CA LEU G 236 -8.58 4.89 7.52
C LEU G 236 -7.55 3.82 7.80
N PHE G 237 -6.41 4.26 8.34
CA PHE G 237 -5.39 3.38 8.87
C PHE G 237 -4.63 4.13 9.95
N ALA G 238 -3.74 3.43 10.63
CA ALA G 238 -2.97 3.98 11.73
C ALA G 238 -1.57 4.32 11.23
N ARG G 239 -1.27 5.62 11.13
CA ARG G 239 0.08 6.04 10.75
C ARG G 239 1.06 5.81 11.89
N HIS G 240 0.85 6.49 13.01
CA HIS G 240 1.78 6.49 14.12
C HIS G 240 1.09 5.97 15.37
N PHE G 241 1.85 5.23 16.17
CA PHE G 241 1.35 4.65 17.40
C PHE G 241 1.88 5.49 18.54
N TRP G 242 0.98 6.05 19.35
CA TRP G 242 1.38 6.99 20.38
C TRP G 242 0.88 6.50 21.73
N ASN G 243 1.56 6.91 22.78
CA ASN G 243 1.26 6.46 24.12
C ASN G 243 0.77 7.66 24.91
N ARG G 244 -0.32 7.48 25.66
CA ARG G 244 -0.94 8.59 26.36
C ARG G 244 -0.23 8.85 27.68
N ALA G 245 0.35 10.04 27.82
CA ALA G 245 1.02 10.40 29.05
C ALA G 245 0.01 10.68 30.16
N GLY G 246 0.33 10.24 31.36
CA GLY G 246 -0.54 10.48 32.50
C GLY G 246 -0.67 9.28 33.42
N THR G 247 -1.27 9.49 34.59
CA THR G 247 -1.49 8.43 35.53
C THR G 247 -2.52 7.45 34.97
N MET G 248 -2.39 6.18 35.34
CA MET G 248 -3.31 5.13 34.90
C MET G 248 -4.18 4.68 36.06
N GLY G 249 -5.48 4.94 35.96
CA GLY G 249 -6.41 4.40 36.94
C GLY G 249 -6.55 2.89 36.84
N ASP G 250 -6.58 2.36 35.63
CA ASP G 250 -6.60 0.91 35.42
C ASP G 250 -5.16 0.43 35.41
N THR G 251 -4.68 0.04 36.58
CA THR G 251 -3.33 -0.50 36.69
C THR G 251 -3.25 -1.85 36.02
N VAL G 252 -2.16 -2.07 35.29
CA VAL G 252 -1.94 -3.36 34.62
C VAL G 252 -1.74 -4.44 35.66
N PRO G 253 -2.43 -5.58 35.57
CA PRO G 253 -2.29 -6.63 36.58
C PRO G 253 -0.87 -7.20 36.63
N GLN G 254 -0.46 -7.57 37.84
CA GLN G 254 0.89 -8.11 38.05
C GLN G 254 1.06 -9.46 37.35
N SER G 255 -0.01 -10.24 37.25
CA SER G 255 0.04 -11.52 36.56
C SER G 255 0.13 -11.39 35.04
N LEU G 256 0.00 -10.18 34.51
CA LEU G 256 -0.04 -9.95 33.08
C LEU G 256 1.31 -9.50 32.51
N TYR G 257 2.33 -9.41 33.35
CA TYR G 257 3.69 -9.12 32.91
C TYR G 257 4.65 -9.65 33.97
N ILE G 258 5.95 -9.46 33.74
CA ILE G 258 6.99 -9.82 34.69
C ILE G 258 7.73 -8.55 35.10
N LYS G 259 7.93 -8.38 36.41
CA LYS G 259 8.55 -7.18 36.95
C LYS G 259 9.99 -7.03 36.46
N GLY G 260 10.34 -5.81 36.07
CA GLY G 260 11.68 -5.49 35.64
C GLY G 260 12.52 -4.89 36.75
N THR G 261 13.52 -4.10 36.36
CA THR G 261 14.47 -3.53 37.30
C THR G 261 14.71 -2.06 36.98
N GLY G 262 14.62 -1.22 38.01
CA GLY G 262 14.93 0.19 37.86
C GLY G 262 13.84 0.99 37.17
N MET G 263 14.12 1.44 35.95
CA MET G 263 13.11 2.15 35.18
C MET G 263 11.99 1.23 34.71
N ARG G 264 12.23 -0.07 34.70
CA ARG G 264 11.22 -1.06 34.32
C ARG G 264 10.60 -1.74 35.54
N ALA G 265 10.82 -1.20 36.74
CA ALA G 265 10.22 -1.74 37.94
C ALA G 265 8.73 -1.41 38.08
N SER G 266 8.19 -0.60 37.18
CA SER G 266 6.77 -0.30 37.12
C SER G 266 6.36 -0.29 35.67
N PRO G 267 5.15 -0.75 35.34
CA PRO G 267 4.70 -0.67 33.95
C PRO G 267 4.41 0.78 33.58
N GLY G 268 4.83 1.17 32.38
CA GLY G 268 4.70 2.53 31.92
C GLY G 268 3.28 2.89 31.53
N SER G 269 3.17 3.87 30.65
CA SER G 269 1.87 4.28 30.16
C SER G 269 1.34 3.26 29.15
N CYS G 270 0.11 2.81 29.36
CA CYS G 270 -0.43 1.70 28.57
C CYS G 270 -1.74 2.04 27.87
N VAL G 271 -2.14 3.30 27.82
CA VAL G 271 -3.27 3.74 27.00
C VAL G 271 -2.70 4.19 25.67
N TYR G 272 -3.06 3.50 24.60
CA TYR G 272 -2.44 3.70 23.30
C TYR G 272 -3.43 4.32 22.33
N SER G 273 -2.96 5.32 21.58
CA SER G 273 -3.76 5.98 20.58
C SER G 273 -3.11 5.86 19.22
N PRO G 274 -3.83 5.37 18.21
CA PRO G 274 -3.31 5.42 16.85
C PRO G 274 -3.51 6.79 16.23
N SER G 275 -2.73 7.06 15.19
CA SER G 275 -2.91 8.27 14.41
C SER G 275 -3.81 7.95 13.24
N PRO G 276 -5.05 8.43 13.21
CA PRO G 276 -5.92 8.13 12.08
C PRO G 276 -5.45 8.84 10.82
N SER G 277 -5.75 8.23 9.67
CA SER G 277 -5.34 8.79 8.38
C SER G 277 -6.17 8.14 7.29
N GLY G 278 -6.92 8.94 6.54
CA GLY G 278 -7.48 8.45 5.30
C GLY G 278 -6.34 8.15 4.36
N SER G 279 -6.30 6.93 3.81
CA SER G 279 -5.12 6.45 3.11
C SER G 279 -4.78 7.26 1.86
N ILE G 280 -5.62 7.16 0.83
CA ILE G 280 -5.44 7.90 -0.42
C ILE G 280 -6.78 8.52 -0.79
N VAL G 281 -6.76 9.81 -1.13
CA VAL G 281 -7.95 10.50 -1.60
C VAL G 281 -7.97 10.37 -3.12
N THR G 282 -8.83 9.47 -3.62
CA THR G 282 -8.82 9.09 -5.01
C THR G 282 -10.18 9.40 -5.63
N SER G 283 -10.20 9.77 -6.90
CA SER G 283 -11.41 10.35 -7.50
C SER G 283 -12.51 9.34 -7.78
N ASP G 284 -12.17 8.06 -8.00
CA ASP G 284 -13.23 7.11 -8.30
C ASP G 284 -13.94 6.63 -7.05
N SER G 285 -13.38 6.88 -5.88
CA SER G 285 -14.01 6.55 -4.61
C SER G 285 -14.96 7.63 -4.13
N GLN G 286 -15.12 8.71 -4.88
CA GLN G 286 -16.03 9.79 -4.51
C GLN G 286 -17.46 9.36 -4.77
N LEU G 287 -18.32 9.53 -3.78
CA LEU G 287 -19.75 9.32 -3.95
C LEU G 287 -20.50 10.62 -4.16
N PHE G 288 -19.80 11.72 -4.36
CA PHE G 288 -20.41 13.01 -4.62
C PHE G 288 -20.15 13.42 -6.07
N ASN G 289 -20.77 14.54 -6.46
CA ASN G 289 -20.81 15.01 -7.85
C ASN G 289 -21.40 13.97 -8.78
N LYS G 290 -22.32 13.16 -8.27
CA LYS G 290 -22.94 12.08 -9.01
C LYS G 290 -24.44 12.10 -8.77
N PRO G 291 -25.25 11.75 -9.78
CA PRO G 291 -26.69 11.72 -9.58
C PRO G 291 -27.14 10.39 -8.97
N TYR G 292 -28.11 10.48 -8.07
CA TYR G 292 -28.65 9.31 -7.40
C TYR G 292 -30.17 9.38 -7.42
N TRP G 293 -30.81 8.29 -7.84
CA TRP G 293 -32.26 8.25 -7.97
C TRP G 293 -32.85 7.44 -6.83
N LEU G 294 -34.14 7.69 -6.57
CA LEU G 294 -34.83 7.22 -5.38
C LEU G 294 -36.07 6.44 -5.75
N HIS G 295 -35.92 5.46 -6.65
CA HIS G 295 -37.04 4.59 -7.01
C HIS G 295 -37.52 3.78 -5.80
N LYS G 296 -36.59 3.24 -5.02
CA LYS G 296 -36.93 2.53 -3.79
C LYS G 296 -36.02 3.00 -2.67
N ALA G 297 -36.54 2.92 -1.45
CA ALA G 297 -35.82 3.36 -0.26
C ALA G 297 -35.79 2.24 0.76
N GLN G 298 -34.82 2.33 1.68
CA GLN G 298 -34.66 1.30 2.70
C GLN G 298 -35.83 1.32 3.69
N GLY G 299 -36.37 2.50 3.99
CA GLY G 299 -37.46 2.63 4.92
C GLY G 299 -38.81 2.57 4.25
N HIS G 300 -39.82 3.09 4.94
CA HIS G 300 -41.17 3.10 4.40
C HIS G 300 -41.45 4.34 3.57
N ASN G 301 -40.79 5.46 3.85
CA ASN G 301 -40.91 6.65 3.00
C ASN G 301 -40.05 6.46 1.76
N ASN G 302 -40.68 6.52 0.60
CA ASN G 302 -39.98 6.41 -0.68
C ASN G 302 -39.59 7.78 -1.21
N GLY G 303 -38.89 8.55 -0.39
CA GLY G 303 -38.49 9.89 -0.76
C GLY G 303 -39.54 10.96 -0.54
N VAL G 304 -40.65 10.63 0.12
CA VAL G 304 -41.71 11.60 0.34
C VAL G 304 -41.27 12.60 1.41
N CYS G 305 -41.30 13.88 1.06
CA CYS G 305 -40.79 14.95 1.91
C CYS G 305 -41.96 15.58 2.66
N TRP G 306 -42.23 15.07 3.86
CA TRP G 306 -43.30 15.60 4.68
C TRP G 306 -42.92 16.98 5.22
N HIS G 307 -43.96 17.78 5.51
CA HIS G 307 -43.87 19.18 5.96
C HIS G 307 -43.18 20.07 4.94
N ASN G 308 -43.13 19.64 3.68
CA ASN G 308 -42.49 20.37 2.57
C ASN G 308 -41.05 20.74 2.90
N GLN G 309 -40.31 19.79 3.47
CA GLN G 309 -38.94 20.03 3.87
C GLN G 309 -38.12 18.75 3.66
N LEU G 310 -36.82 18.95 3.51
CA LEU G 310 -35.87 17.86 3.31
C LEU G 310 -34.65 18.11 4.19
N PHE G 311 -33.98 17.05 4.60
CA PHE G 311 -32.77 17.15 5.38
C PHE G 311 -31.69 16.33 4.68
N VAL G 312 -30.61 17.00 4.30
CA VAL G 312 -29.47 16.38 3.62
C VAL G 312 -28.27 16.51 4.55
N THR G 313 -27.93 15.43 5.25
CA THR G 313 -26.75 15.39 6.10
C THR G 313 -25.60 14.85 5.26
N VAL G 314 -24.63 15.72 4.95
CA VAL G 314 -23.52 15.38 4.08
C VAL G 314 -22.23 15.75 4.80
N VAL G 315 -21.29 14.80 4.87
CA VAL G 315 -19.90 15.14 5.17
C VAL G 315 -19.03 14.55 4.08
N ASP G 316 -18.06 15.34 3.63
CA ASP G 316 -17.16 14.99 2.52
C ASP G 316 -15.77 15.47 2.92
N THR G 317 -14.99 14.57 3.51
CA THR G 317 -13.65 14.89 3.97
C THR G 317 -12.60 14.70 2.88
N THR G 318 -13.01 14.37 1.66
CA THR G 318 -12.07 14.21 0.56
C THR G 318 -11.60 15.54 0.01
N ARG G 319 -12.32 16.62 0.25
CA ARG G 319 -11.88 17.97 -0.07
C ARG G 319 -11.67 18.67 1.26
N SER G 320 -10.47 18.51 1.82
CA SER G 320 -10.17 18.97 3.17
C SER G 320 -9.00 19.94 3.21
N THR G 321 -8.64 20.54 2.08
CA THR G 321 -7.48 21.41 2.01
C THR G 321 -7.74 22.69 2.79
N ASN G 322 -6.96 22.89 3.85
CA ASN G 322 -6.99 24.13 4.63
C ASN G 322 -5.98 25.08 4.03
N LEU G 323 -6.47 26.13 3.37
CA LEU G 323 -5.62 27.13 2.77
C LEU G 323 -4.83 27.88 3.84
N THR G 324 -3.60 28.24 3.50
CA THR G 324 -2.71 29.00 4.38
C THR G 324 -2.56 30.40 3.79
N ILE G 325 -2.92 31.41 4.59
CA ILE G 325 -2.90 32.80 4.16
C ILE G 325 -1.89 33.52 5.05
N CYS G 326 -0.85 34.06 4.43
CA CYS G 326 0.16 34.82 5.16
C CYS G 326 -0.02 36.31 4.89
N ALA G 327 -0.04 37.10 5.96
CA ALA G 327 -0.13 38.54 5.84
C ALA G 327 1.04 39.17 6.58
N SER G 328 1.83 39.97 5.86
CA SER G 328 2.92 40.67 6.49
C SER G 328 2.39 41.79 7.38
N THR G 329 3.10 42.04 8.48
CA THR G 329 2.73 43.10 9.41
C THR G 329 3.30 44.45 8.99
N GLN G 330 4.02 44.51 7.88
CA GLN G 330 4.53 45.74 7.31
C GLN G 330 3.79 46.01 6.00
N SER G 331 3.46 47.28 5.75
CA SER G 331 2.74 47.62 4.53
C SER G 331 3.55 47.32 3.27
N PRO G 332 4.88 47.61 3.20
CA PRO G 332 5.68 46.94 2.16
C PRO G 332 6.14 45.58 2.65
N VAL G 333 5.99 44.54 1.83
CA VAL G 333 6.54 43.24 2.22
C VAL G 333 8.06 43.32 2.19
N PRO G 334 8.75 43.06 3.30
CA PRO G 334 10.19 43.28 3.36
C PRO G 334 10.97 42.31 2.48
N GLY G 335 12.10 42.78 1.96
CA GLY G 335 13.02 41.93 1.23
C GLY G 335 13.98 41.16 2.10
N GLN G 336 13.96 41.41 3.41
CA GLN G 336 14.73 40.66 4.39
C GLN G 336 13.75 39.84 5.23
N TYR G 337 13.98 38.54 5.28
CA TYR G 337 13.00 37.64 5.88
C TYR G 337 13.08 37.69 7.41
N ASP G 338 11.94 37.95 8.04
CA ASP G 338 11.78 37.83 9.48
C ASP G 338 10.57 36.95 9.73
N ALA G 339 10.74 35.94 10.59
CA ALA G 339 9.67 34.98 10.82
C ALA G 339 8.51 35.60 11.58
N THR G 340 8.79 36.51 12.51
CA THR G 340 7.76 37.08 13.36
C THR G 340 6.96 38.18 12.69
N LYS G 341 7.33 38.60 11.49
CA LYS G 341 6.65 39.69 10.80
C LYS G 341 5.57 39.20 9.83
N PHE G 342 5.32 37.89 9.77
CA PHE G 342 4.26 37.33 8.95
C PHE G 342 3.27 36.61 9.86
N LYS G 343 1.99 36.96 9.71
CA LYS G 343 0.91 36.30 10.43
C LYS G 343 0.31 35.21 9.56
N GLN G 344 0.19 34.01 10.12
CA GLN G 344 -0.31 32.84 9.42
C GLN G 344 -1.76 32.58 9.81
N TYR G 345 -2.59 32.31 8.80
CA TYR G 345 -4.00 31.99 9.02
C TYR G 345 -4.33 30.72 8.27
N SER G 346 -5.13 29.86 8.91
CA SER G 346 -5.67 28.67 8.27
C SER G 346 -7.14 28.91 7.99
N ARG G 347 -7.54 28.76 6.73
CA ARG G 347 -8.92 28.96 6.31
C ARG G 347 -9.36 27.79 5.45
N HIS G 348 -10.40 27.10 5.86
CA HIS G 348 -10.99 26.03 5.08
C HIS G 348 -12.25 26.52 4.39
N VAL G 349 -12.47 26.02 3.18
CA VAL G 349 -13.56 26.46 2.32
C VAL G 349 -14.42 25.25 1.95
N GLU G 350 -15.74 25.43 2.04
CA GLU G 350 -16.71 24.44 1.61
C GLU G 350 -17.58 25.03 0.51
N GLU G 351 -17.65 24.32 -0.61
CA GLU G 351 -18.46 24.69 -1.76
C GLU G 351 -19.44 23.56 -2.04
N TYR G 352 -20.73 23.90 -2.09
CA TYR G 352 -21.78 22.92 -2.25
C TYR G 352 -22.76 23.37 -3.32
N ASP G 353 -23.31 22.40 -4.05
CA ASP G 353 -24.34 22.61 -5.06
C ASP G 353 -25.39 21.53 -4.81
N LEU G 354 -26.43 21.89 -4.07
CA LEU G 354 -27.51 20.96 -3.77
C LEU G 354 -28.46 20.95 -4.96
N GLN G 355 -28.70 19.78 -5.54
CA GLN G 355 -29.57 19.69 -6.70
C GLN G 355 -30.55 18.55 -6.47
N PHE G 356 -31.82 18.77 -6.81
CA PHE G 356 -32.85 17.78 -6.58
C PHE G 356 -33.82 17.75 -7.74
N ILE G 357 -34.35 16.56 -8.01
CA ILE G 357 -35.52 16.36 -8.85
C ILE G 357 -36.63 15.85 -7.94
N PHE G 358 -37.69 16.64 -7.81
CA PHE G 358 -38.82 16.32 -6.96
C PHE G 358 -40.01 15.90 -7.81
N GLN G 359 -40.89 15.08 -7.22
CA GLN G 359 -42.07 14.59 -7.89
C GLN G 359 -43.31 15.03 -7.11
N LEU G 360 -44.28 15.59 -7.82
CA LEU G 360 -45.54 15.96 -7.21
C LEU G 360 -46.34 14.71 -6.88
N CYS G 361 -47.01 14.72 -5.72
CA CYS G 361 -47.74 13.54 -5.25
C CYS G 361 -49.03 13.96 -4.57
N THR G 362 -50.11 13.23 -4.84
CA THR G 362 -51.42 13.51 -4.29
C THR G 362 -51.75 12.52 -3.18
N ILE G 363 -52.40 13.00 -2.13
CA ILE G 363 -52.81 12.18 -0.99
C ILE G 363 -54.33 12.20 -0.94
N THR G 364 -54.95 11.08 -1.35
CA THR G 364 -56.39 10.95 -1.21
C THR G 364 -56.74 10.79 0.26
N LEU G 365 -57.29 11.85 0.86
CA LEU G 365 -57.52 11.90 2.31
C LEU G 365 -58.80 11.16 2.66
N THR G 366 -58.74 9.84 2.54
CA THR G 366 -59.79 8.96 3.03
C THR G 366 -59.65 8.88 4.56
N ALA G 367 -60.75 8.55 5.24
CA ALA G 367 -60.83 8.67 6.70
C ALA G 367 -59.79 7.80 7.41
N ASP G 368 -59.62 6.55 6.96
CA ASP G 368 -58.60 5.71 7.57
C ASP G 368 -57.19 6.17 7.18
N VAL G 369 -57.04 6.67 5.95
CA VAL G 369 -55.77 7.27 5.53
C VAL G 369 -55.48 8.52 6.35
N MET G 370 -56.49 9.35 6.58
CA MET G 370 -56.33 10.54 7.42
C MET G 370 -55.96 10.16 8.85
N SER G 371 -56.57 9.10 9.38
CA SER G 371 -56.22 8.63 10.72
C SER G 371 -54.78 8.14 10.77
N TYR G 372 -54.33 7.45 9.72
CA TYR G 372 -52.95 6.99 9.67
C TYR G 372 -51.97 8.16 9.60
N ILE G 373 -52.29 9.19 8.82
CA ILE G 373 -51.42 10.36 8.73
C ILE G 373 -51.38 11.09 10.07
N HIS G 374 -52.54 11.20 10.75
CA HIS G 374 -52.59 11.85 12.06
C HIS G 374 -51.82 11.05 13.10
N SER G 375 -51.85 9.72 13.00
CA SER G 375 -51.08 8.89 13.92
C SER G 375 -49.59 9.00 13.67
N MET G 376 -49.20 9.11 12.39
CA MET G 376 -47.78 9.29 12.06
C MET G 376 -47.27 10.63 12.55
N ASN G 377 -47.97 11.71 12.21
CA ASN G 377 -47.58 13.05 12.63
C ASN G 377 -48.80 13.94 12.58
N SER G 378 -49.21 14.46 13.74
CA SER G 378 -50.41 15.28 13.80
C SER G 378 -50.19 16.67 13.20
N SER G 379 -48.95 17.09 13.03
CA SER G 379 -48.67 18.41 12.46
C SER G 379 -48.93 18.45 10.96
N ILE G 380 -48.99 17.31 10.29
CA ILE G 380 -49.27 17.29 8.86
C ILE G 380 -50.70 17.75 8.59
N LEU G 381 -51.65 17.28 9.39
CA LEU G 381 -53.03 17.77 9.26
C LEU G 381 -53.16 19.23 9.66
N GLU G 382 -52.33 19.68 10.61
CA GLU G 382 -52.30 21.09 10.97
C GLU G 382 -51.81 21.95 9.81
N ASP G 383 -50.79 21.48 9.10
CA ASP G 383 -50.28 22.22 7.95
C ASP G 383 -51.25 22.16 6.77
N TRP G 384 -51.93 21.04 6.60
CA TRP G 384 -52.87 20.87 5.50
C TRP G 384 -54.24 21.47 5.78
N ASN G 385 -54.52 21.82 7.04
CA ASN G 385 -55.80 22.35 7.59
C ASN G 385 -57.07 22.29 6.73
N ASP G 421 -42.38 24.12 14.86
CA ASP G 421 -41.58 22.94 14.51
C ASP G 421 -40.70 22.44 15.66
N PRO G 422 -40.49 21.11 15.73
CA PRO G 422 -39.58 20.57 16.74
C PRO G 422 -38.12 20.94 16.54
N TYR G 423 -37.72 21.26 15.31
CA TYR G 423 -36.32 21.58 15.01
C TYR G 423 -36.10 23.09 15.05
N ASP G 424 -36.38 23.68 16.21
CA ASP G 424 -36.25 25.12 16.40
C ASP G 424 -34.85 25.49 16.90
N LYS G 425 -34.43 24.91 18.02
CA LYS G 425 -33.12 25.22 18.59
C LYS G 425 -31.98 24.53 17.86
N LEU G 426 -32.28 23.55 16.99
CA LEU G 426 -31.23 22.88 16.24
C LEU G 426 -30.67 23.79 15.16
N LYS G 427 -29.36 23.71 14.96
CA LYS G 427 -28.66 24.56 14.00
C LYS G 427 -28.52 23.81 12.69
N PHE G 428 -29.34 24.18 11.70
CA PHE G 428 -29.29 23.60 10.38
C PHE G 428 -28.91 24.67 9.36
N TRP G 429 -28.18 24.27 8.33
CA TRP G 429 -27.90 25.14 7.20
C TRP G 429 -29.18 25.23 6.38
N ASN G 430 -29.97 26.28 6.60
CA ASN G 430 -31.25 26.42 5.94
C ASN G 430 -31.03 26.94 4.52
N VAL G 431 -31.50 26.18 3.54
CA VAL G 431 -31.53 26.65 2.15
C VAL G 431 -32.99 26.72 1.72
N ASP G 432 -33.34 27.81 1.04
CA ASP G 432 -34.73 28.14 0.71
C ASP G 432 -34.92 27.92 -0.79
N LEU G 433 -35.46 26.74 -1.14
CA LEU G 433 -35.83 26.45 -2.52
C LEU G 433 -37.32 26.62 -2.73
N LYS G 434 -37.93 27.61 -2.07
CA LYS G 434 -39.34 27.89 -2.28
C LYS G 434 -39.57 28.51 -3.66
N GLU G 435 -38.66 29.37 -4.10
CA GLU G 435 -38.80 30.09 -5.37
C GLU G 435 -37.79 29.62 -6.41
N LYS G 436 -37.37 28.36 -6.34
CA LYS G 436 -36.44 27.78 -7.29
C LYS G 436 -36.94 26.42 -7.77
N PHE G 437 -38.25 26.31 -8.01
CA PHE G 437 -38.84 25.11 -8.58
C PHE G 437 -39.20 25.40 -10.03
N SER G 438 -38.69 24.58 -10.94
CA SER G 438 -38.86 24.80 -12.37
C SER G 438 -39.35 23.53 -13.04
N LEU G 439 -40.39 23.68 -13.89
CA LEU G 439 -40.92 22.55 -14.62
C LEU G 439 -40.00 22.12 -15.76
N ASP G 440 -39.21 23.05 -16.30
CA ASP G 440 -38.31 22.78 -17.41
C ASP G 440 -37.00 22.15 -16.93
N LEU G 441 -36.99 20.81 -16.91
CA LEU G 441 -35.87 20.07 -16.34
C LEU G 441 -34.63 20.15 -17.22
N ASP G 442 -34.80 20.25 -18.55
CA ASP G 442 -33.67 20.18 -19.46
C ASP G 442 -32.73 21.38 -19.38
N GLN G 443 -33.12 22.45 -18.69
CA GLN G 443 -32.24 23.61 -18.52
C GLN G 443 -31.24 23.45 -17.40
N TYR G 444 -31.31 22.36 -16.64
CA TYR G 444 -30.45 22.12 -15.49
C TYR G 444 -29.78 20.77 -15.62
N PRO G 445 -28.57 20.60 -15.06
CA PRO G 445 -27.82 19.35 -15.28
C PRO G 445 -28.49 18.11 -14.73
N LEU G 446 -28.98 18.17 -13.49
CA LEU G 446 -29.68 17.02 -12.91
C LEU G 446 -30.97 16.71 -13.65
N GLY G 447 -31.64 17.73 -14.18
CA GLY G 447 -32.80 17.48 -15.02
C GLY G 447 -32.47 16.75 -16.30
N ARG G 448 -31.34 17.12 -16.94
CA ARG G 448 -30.91 16.41 -18.14
C ARG G 448 -30.53 14.98 -17.82
N LYS G 449 -29.84 14.74 -16.70
CA LYS G 449 -29.48 13.38 -16.33
C LYS G 449 -30.71 12.55 -15.94
N PHE G 450 -31.73 13.19 -15.35
CA PHE G 450 -32.97 12.51 -15.04
C PHE G 450 -33.74 12.16 -16.31
N LEU G 451 -33.75 13.06 -17.28
CA LEU G 451 -34.42 12.78 -18.55
C LEU G 451 -33.70 11.68 -19.32
N VAL G 452 -32.37 11.65 -19.23
CA VAL G 452 -31.61 10.56 -19.81
C VAL G 452 -31.92 9.24 -19.11
N GLN G 453 -31.97 9.27 -17.77
CA GLN G 453 -32.28 8.07 -17.00
C GLN G 453 -33.71 7.60 -17.24
N ALA G 454 -34.66 8.53 -17.28
CA ALA G 454 -36.05 8.19 -17.51
C ALA G 454 -36.42 8.28 -18.99
#